data_4LE6
#
_entry.id   4LE6
#
_cell.length_a   109.910
_cell.length_b   63.850
_cell.length_c   221.260
_cell.angle_alpha   90.00
_cell.angle_beta   101.85
_cell.angle_gamma   90.00
#
_symmetry.space_group_name_H-M   'C 1 2 1'
#
loop_
_entity.id
_entity.type
_entity.pdbx_description
1 polymer 'Organophosphorus hydrolase'
2 non-polymer GLYCEROL
3 non-polymer 1,2-ETHANEDIOL
4 non-polymer 'TRIETHYLENE GLYCOL'
5 non-polymer 'ZINC ION'
6 water water
#
_entity_poly.entity_id   1
_entity_poly.type   'polypeptide(L)'
_entity_poly.pdbx_seq_one_letter_code
;MRLFSLSTALSSAMIALVSLPLQAAAPAQQKTQVPGYYRMALGDFEVTALYDGYVDLPASLLKGIDDKDLQSLLARMFVA
SEKGVQTAVNAYLINTGDNLVLIDTGAAQCFGPTLGVVQTNLKASGYQPEQVDTVLLTHLHPDHACGLVNADGSPAYPNA
TVEVPQAEAEFWLDEATMAKAPEGMQGMFKMAQQAVAPYAKMNKLKPYKTEGELLPGVSLVASPGHTPGHTSYLFKSGGQ
SLLVWGDILLNHAVQFAKPEVVFEFDVDSDQARQSRQRILAEAATDKLWVAGAHLPFPGLGHVRKEAQGYAWVPVEFSPI
RSDR
;
_entity_poly.pdbx_strand_id   A,B,C,D,E
#
loop_
_chem_comp.id
_chem_comp.type
_chem_comp.name
_chem_comp.formula
EDO non-polymer 1,2-ETHANEDIOL 'C2 H6 O2'
GOL non-polymer GLYCEROL 'C3 H8 O3'
PGE non-polymer 'TRIETHYLENE GLYCOL' 'C6 H14 O4'
ZN non-polymer 'ZINC ION' 'Zn 2'
#
# COMPACT_ATOMS: atom_id res chain seq x y z
N ALA A 25 -36.03 45.11 -1.06
CA ALA A 25 -35.95 46.39 -0.39
C ALA A 25 -36.13 46.25 1.11
N ALA A 26 -36.56 45.07 1.57
CA ALA A 26 -36.58 44.80 2.98
C ALA A 26 -35.13 44.77 3.44
N PRO A 27 -34.88 45.03 4.72
CA PRO A 27 -33.54 44.80 5.26
C PRO A 27 -33.17 43.32 5.15
N ALA A 28 -31.90 43.02 5.33
CA ALA A 28 -31.44 41.65 5.34
C ALA A 28 -32.18 40.90 6.46
N GLN A 29 -32.43 39.63 6.24
CA GLN A 29 -33.07 38.80 7.25
C GLN A 29 -32.11 38.59 8.41
N GLN A 30 -32.65 38.59 9.61
CA GLN A 30 -31.82 38.45 10.81
C GLN A 30 -31.34 37.03 11.04
N LYS A 31 -32.16 36.05 10.64
CA LYS A 31 -31.81 34.63 10.77
C LYS A 31 -31.86 34.16 12.22
N THR A 32 -31.08 34.81 13.06
CA THR A 32 -30.83 34.34 14.42
C THR A 32 -32.12 34.00 15.20
N GLN A 33 -32.06 32.95 15.99
CA GLN A 33 -33.17 32.58 16.86
C GLN A 33 -33.07 33.29 18.22
N VAL A 34 -34.21 33.50 18.87
CA VAL A 34 -34.24 33.97 20.24
C VAL A 34 -33.35 33.03 21.08
N PRO A 35 -32.69 33.54 22.14
CA PRO A 35 -31.86 32.65 22.96
C PRO A 35 -32.66 31.48 23.54
N GLY A 36 -32.01 30.34 23.73
CA GLY A 36 -32.67 29.12 24.17
C GLY A 36 -32.69 29.02 25.69
N TYR A 37 -33.35 29.99 26.32
CA TYR A 37 -33.69 29.85 27.72
C TYR A 37 -35.13 30.25 27.97
N TYR A 38 -35.70 29.64 29.00
CA TYR A 38 -37.09 29.95 29.36
C TYR A 38 -37.29 29.89 30.88
N ARG A 39 -37.86 30.95 31.44
CA ARG A 39 -38.05 31.06 32.90
C ARG A 39 -39.45 30.62 33.35
N MET A 40 -39.51 29.86 34.44
CA MET A 40 -40.78 29.48 35.05
C MET A 40 -40.67 29.47 36.57
N ALA A 41 -41.69 29.97 37.24
CA ALA A 41 -41.71 29.91 38.69
C ALA A 41 -42.21 28.53 39.11
N LEU A 42 -41.64 28.00 40.17
CA LEU A 42 -42.16 26.78 40.78
C LEU A 42 -42.12 27.01 42.28
N GLY A 43 -43.24 27.47 42.84
CA GLY A 43 -43.27 27.94 44.22
C GLY A 43 -42.27 29.06 44.42
N ASP A 44 -41.36 28.91 45.38
CA ASP A 44 -40.31 29.89 45.61
C ASP A 44 -39.06 29.58 44.79
N PHE A 45 -39.09 28.50 44.02
CA PHE A 45 -37.95 28.19 43.15
C PHE A 45 -38.09 28.89 41.81
N GLU A 46 -36.96 29.10 41.16
CA GLU A 46 -36.95 29.60 39.78
C GLU A 46 -36.34 28.56 38.84
N VAL A 47 -37.10 28.17 37.83
CA VAL A 47 -36.64 27.22 36.83
C VAL A 47 -36.23 27.96 35.57
N THR A 48 -35.02 27.71 35.09
CA THR A 48 -34.58 28.20 33.79
C THR A 48 -34.30 26.99 32.91
N ALA A 49 -35.16 26.77 31.91
CA ALA A 49 -34.93 25.74 30.91
C ALA A 49 -33.85 26.24 29.98
N LEU A 50 -32.94 25.34 29.59
CA LEU A 50 -31.79 25.68 28.75
C LEU A 50 -31.66 24.73 27.57
N TYR A 51 -31.58 25.29 26.36
CA TYR A 51 -31.54 24.52 25.13
C TYR A 51 -30.10 24.20 24.77
N ASP A 52 -29.81 22.94 24.44
CA ASP A 52 -28.46 22.57 24.00
C ASP A 52 -28.31 22.60 22.50
N GLY A 53 -29.44 22.52 21.79
CA GLY A 53 -29.44 22.35 20.36
C GLY A 53 -30.29 21.15 19.99
N TYR A 54 -30.01 20.55 18.83
CA TYR A 54 -30.78 19.40 18.37
C TYR A 54 -29.90 18.36 17.72
N VAL A 55 -30.43 17.15 17.64
CA VAL A 55 -29.80 16.09 16.87
C VAL A 55 -30.89 15.39 16.03
N ASP A 56 -30.58 15.04 14.79
CA ASP A 56 -31.52 14.31 13.96
C ASP A 56 -31.41 12.80 14.26
N LEU A 57 -32.49 12.19 14.74
CA LEU A 57 -32.52 10.75 15.04
C LEU A 57 -33.43 10.02 14.04
N PRO A 58 -32.92 8.96 13.38
CA PRO A 58 -33.77 8.18 12.47
C PRO A 58 -34.97 7.58 13.18
N ALA A 59 -36.13 7.63 12.57
CA ALA A 59 -37.33 7.07 13.17
C ALA A 59 -37.18 5.56 13.38
N SER A 60 -36.29 4.94 12.62
CA SER A 60 -36.06 3.49 12.70
C SER A 60 -35.48 3.07 14.06
N LEU A 61 -34.99 4.03 14.84
CA LEU A 61 -34.50 3.71 16.18
C LEU A 61 -35.63 3.49 17.19
N LEU A 62 -36.87 3.83 16.81
CA LEU A 62 -38.01 3.58 17.70
C LEU A 62 -38.53 2.22 17.31
N LYS A 63 -38.79 1.36 18.29
CA LYS A 63 -39.21 -0.02 18.02
C LYS A 63 -40.45 -0.43 18.82
N GLY A 64 -41.12 -1.48 18.34
CA GLY A 64 -42.33 -1.96 18.98
C GLY A 64 -43.58 -1.44 18.28
N ILE A 65 -43.40 -0.81 17.12
CA ILE A 65 -44.51 -0.25 16.37
C ILE A 65 -44.31 -0.43 14.87
N ASP A 66 -45.38 -0.75 14.15
CA ASP A 66 -45.34 -0.80 12.69
C ASP A 66 -44.93 0.56 12.10
N ASP A 67 -44.21 0.53 11.00
CA ASP A 67 -43.81 1.72 10.24
C ASP A 67 -44.98 2.65 9.95
N LYS A 68 -46.09 2.07 9.51
CA LYS A 68 -47.27 2.84 9.12
C LYS A 68 -47.79 3.65 10.29
N ASP A 69 -47.98 2.96 11.43
CA ASP A 69 -48.52 3.58 12.64
C ASP A 69 -47.58 4.64 13.19
N LEU A 70 -46.28 4.37 13.08
CA LEU A 70 -45.26 5.32 13.51
C LEU A 70 -45.38 6.59 12.67
N GLN A 71 -45.45 6.41 11.35
CA GLN A 71 -45.57 7.55 10.44
C GLN A 71 -46.86 8.34 10.67
N SER A 72 -47.96 7.61 10.90
CA SER A 72 -49.21 8.28 11.25
C SER A 72 -49.05 9.11 12.52
N LEU A 73 -48.46 8.53 13.55
CA LEU A 73 -48.22 9.29 14.79
C LEU A 73 -47.36 10.53 14.56
N LEU A 74 -46.32 10.39 13.75
CA LEU A 74 -45.48 11.56 13.44
C LEU A 74 -46.23 12.63 12.64
N ALA A 75 -46.97 12.19 11.61
CA ALA A 75 -47.73 13.13 10.79
C ALA A 75 -48.79 13.86 11.63
N ARG A 76 -49.43 13.13 12.55
CA ARG A 76 -50.40 13.72 13.46
C ARG A 76 -49.87 14.95 14.22
N MET A 77 -48.58 14.93 14.56
CA MET A 77 -47.99 16.05 15.27
C MET A 77 -47.11 16.88 14.33
N PHE A 78 -47.31 16.69 13.03
CA PHE A 78 -46.57 17.44 12.03
C PHE A 78 -45.06 17.34 12.25
N VAL A 79 -44.58 16.14 12.54
CA VAL A 79 -43.15 15.90 12.73
C VAL A 79 -42.59 15.26 11.45
N ALA A 80 -41.64 15.92 10.82
CA ALA A 80 -41.00 15.41 9.61
C ALA A 80 -40.00 14.34 10.02
N SER A 81 -39.83 13.31 9.19
CA SER A 81 -38.96 12.18 9.54
C SER A 81 -38.08 11.73 8.37
N GLU A 82 -38.24 12.37 7.20
CA GLU A 82 -37.54 11.93 5.99
C GLU A 82 -36.02 12.03 6.13
N LYS A 83 -35.55 12.99 6.92
CA LYS A 83 -34.13 13.16 7.17
C LYS A 83 -33.84 12.93 8.65
N GLY A 84 -34.73 12.20 9.32
CA GLY A 84 -34.61 11.94 10.73
C GLY A 84 -35.48 12.88 11.53
N VAL A 85 -35.79 12.48 12.76
CA VAL A 85 -36.60 13.29 13.66
C VAL A 85 -35.71 14.28 14.40
N GLN A 86 -35.89 15.55 14.13
CA GLN A 86 -35.11 16.57 14.81
C GLN A 86 -35.49 16.57 16.28
N THR A 87 -34.52 16.24 17.12
CA THR A 87 -34.78 16.01 18.52
C THR A 87 -34.00 17.03 19.36
N ALA A 88 -34.73 17.68 20.27
CA ALA A 88 -34.17 18.68 21.17
C ALA A 88 -33.39 17.99 22.26
N VAL A 89 -32.41 18.70 22.80
CA VAL A 89 -31.66 18.26 23.97
C VAL A 89 -31.71 19.43 24.96
N ASN A 90 -32.34 19.22 26.11
CA ASN A 90 -32.51 20.27 27.10
C ASN A 90 -31.80 19.98 28.42
N ALA A 91 -31.43 21.05 29.12
CA ALA A 91 -30.95 20.93 30.49
C ALA A 91 -31.76 21.91 31.34
N TYR A 92 -31.67 21.79 32.66
CA TYR A 92 -32.49 22.65 33.52
C TYR A 92 -31.71 23.23 34.69
N LEU A 93 -31.88 24.53 34.92
CA LEU A 93 -31.16 25.23 35.98
C LEU A 93 -32.19 25.69 36.97
N ILE A 94 -32.10 25.24 38.21
CA ILE A 94 -33.09 25.58 39.22
C ILE A 94 -32.43 26.31 40.36
N ASN A 95 -32.92 27.51 40.62
CA ASN A 95 -32.44 28.34 41.73
C ASN A 95 -33.45 28.14 42.86
N THR A 96 -33.04 27.41 43.90
CA THR A 96 -33.91 27.04 44.99
C THR A 96 -33.79 28.02 46.16
N GLY A 97 -33.05 29.11 45.96
CA GLY A 97 -32.67 29.97 47.08
C GLY A 97 -31.48 29.41 47.85
N ASP A 98 -31.54 28.14 48.24
CA ASP A 98 -30.43 27.52 48.95
C ASP A 98 -29.30 27.12 48.03
N ASN A 99 -29.66 26.70 46.82
CA ASN A 99 -28.68 26.22 45.84
C ASN A 99 -29.00 26.68 44.42
N LEU A 100 -27.96 26.83 43.62
CA LEU A 100 -28.15 26.93 42.18
C LEU A 100 -27.75 25.59 41.60
N VAL A 101 -28.74 24.89 41.03
CA VAL A 101 -28.58 23.50 40.65
C VAL A 101 -28.80 23.32 39.16
N LEU A 102 -27.85 22.70 38.49
CA LEU A 102 -27.99 22.41 37.08
C LEU A 102 -28.24 20.91 36.89
N ILE A 103 -29.31 20.55 36.18
CA ILE A 103 -29.58 19.15 35.86
C ILE A 103 -29.28 18.91 34.37
N ASP A 104 -28.31 18.03 34.13
CA ASP A 104 -27.73 17.72 32.83
C ASP A 104 -27.03 18.93 32.24
N THR A 105 -26.22 18.70 31.21
CA THR A 105 -25.30 19.73 30.73
C THR A 105 -25.19 19.79 29.23
N GLY A 106 -26.07 19.07 28.54
CA GLY A 106 -25.97 19.01 27.10
C GLY A 106 -24.75 18.21 26.64
N ALA A 107 -24.39 18.37 25.36
CA ALA A 107 -23.46 17.47 24.69
C ALA A 107 -22.11 18.06 24.38
N ALA A 108 -21.92 19.34 24.72
CA ALA A 108 -20.74 20.07 24.26
C ALA A 108 -20.56 19.79 22.76
N GLN A 109 -19.39 19.31 22.35
CA GLN A 109 -19.12 19.02 20.94
C GLN A 109 -19.15 17.50 20.63
N CYS A 110 -19.63 16.70 21.58
CA CYS A 110 -19.63 15.24 21.42
C CYS A 110 -20.41 14.75 20.21
N PHE A 111 -21.47 15.47 19.85
CA PHE A 111 -22.32 15.07 18.74
C PHE A 111 -22.35 16.13 17.64
N GLY A 112 -21.31 16.96 17.58
CA GLY A 112 -21.23 17.96 16.53
C GLY A 112 -21.80 19.32 16.86
N PRO A 113 -21.71 20.25 15.91
CA PRO A 113 -21.97 21.68 16.10
C PRO A 113 -23.45 22.08 16.20
N THR A 114 -24.40 21.16 16.02
CA THR A 114 -25.82 21.50 16.24
C THR A 114 -26.19 21.39 17.73
N LEU A 115 -25.22 21.01 18.56
CA LEU A 115 -25.43 20.90 19.99
C LEU A 115 -24.32 21.66 20.71
N GLY A 116 -24.37 21.68 22.04
CA GLY A 116 -23.33 22.34 22.85
C GLY A 116 -23.62 23.78 23.29
N VAL A 117 -24.89 24.17 23.30
CA VAL A 117 -25.26 25.57 23.54
C VAL A 117 -25.80 25.84 24.95
N VAL A 118 -25.89 24.82 25.79
CA VAL A 118 -26.41 25.00 27.14
C VAL A 118 -25.66 26.08 27.92
N GLN A 119 -24.33 26.04 27.92
CA GLN A 119 -23.60 27.01 28.75
C GLN A 119 -23.84 28.44 28.21
N THR A 120 -23.91 28.55 26.89
CA THR A 120 -24.14 29.83 26.22
C THR A 120 -25.50 30.39 26.65
N ASN A 121 -26.51 29.51 26.61
CA ASN A 121 -27.83 29.91 27.05
C ASN A 121 -27.89 30.16 28.55
N LEU A 122 -27.08 29.45 29.32
CA LEU A 122 -27.03 29.69 30.75
C LEU A 122 -26.57 31.12 30.97
N LYS A 123 -25.53 31.51 30.26
CA LYS A 123 -25.04 32.89 30.33
C LYS A 123 -26.09 33.89 29.84
N ALA A 124 -26.77 33.55 28.74
CA ALA A 124 -27.79 34.45 28.19
C ALA A 124 -28.92 34.66 29.19
N SER A 125 -29.21 33.64 29.98
CA SER A 125 -30.30 33.72 30.96
C SER A 125 -29.92 34.55 32.19
N GLY A 126 -28.69 35.01 32.27
CA GLY A 126 -28.30 35.93 33.35
C GLY A 126 -27.50 35.32 34.49
N TYR A 127 -27.09 34.06 34.33
CA TYR A 127 -26.25 33.40 35.30
C TYR A 127 -24.87 33.16 34.72
N GLN A 128 -23.91 32.79 35.58
CA GLN A 128 -22.59 32.39 35.11
C GLN A 128 -22.30 31.00 35.63
N PRO A 129 -21.53 30.21 34.87
CA PRO A 129 -21.26 28.82 35.28
C PRO A 129 -20.55 28.73 36.63
N GLU A 130 -19.72 29.72 36.96
CA GLU A 130 -19.04 29.74 38.25
C GLU A 130 -20.03 29.76 39.42
N GLN A 131 -21.28 30.13 39.16
CA GLN A 131 -22.30 30.21 40.22
C GLN A 131 -22.97 28.86 40.51
N VAL A 132 -22.82 27.90 39.61
CA VAL A 132 -23.51 26.63 39.78
C VAL A 132 -22.78 25.86 40.88
N ASP A 133 -23.48 25.55 41.97
CA ASP A 133 -22.86 24.85 43.11
C ASP A 133 -23.13 23.34 43.09
N THR A 134 -24.10 22.92 42.30
CA THR A 134 -24.42 21.51 42.16
C THR A 134 -24.80 21.19 40.72
N VAL A 135 -24.29 20.08 40.20
CA VAL A 135 -24.73 19.54 38.91
C VAL A 135 -25.28 18.13 39.17
N LEU A 136 -26.52 17.87 38.77
CA LEU A 136 -27.11 16.53 38.89
C LEU A 136 -27.23 15.94 37.50
N LEU A 137 -26.70 14.75 37.29
CA LEU A 137 -26.81 14.10 35.99
C LEU A 137 -27.90 13.04 36.05
N THR A 138 -28.86 13.07 35.11
CA THR A 138 -29.88 12.02 35.06
C THR A 138 -29.22 10.70 34.70
N HIS A 139 -28.22 10.75 33.82
CA HIS A 139 -27.45 9.59 33.39
C HIS A 139 -26.22 10.07 32.64
N LEU A 140 -25.36 9.13 32.25
CA LEU A 140 -24.02 9.48 31.76
C LEU A 140 -23.88 9.55 30.25
N HIS A 141 -25.01 9.52 29.55
CA HIS A 141 -24.98 9.61 28.10
C HIS A 141 -24.31 10.93 27.69
N PRO A 142 -23.63 10.94 26.53
CA PRO A 142 -22.90 12.11 26.03
C PRO A 142 -23.76 13.38 26.02
N ASP A 143 -25.01 13.27 25.57
CA ASP A 143 -25.87 14.44 25.43
C ASP A 143 -26.36 15.01 26.77
N HIS A 144 -25.90 14.41 27.86
CA HIS A 144 -26.22 14.87 29.22
C HIS A 144 -24.96 15.21 30.00
N ALA A 145 -23.87 14.51 29.70
CA ALA A 145 -22.69 14.59 30.54
C ALA A 145 -21.50 15.28 29.87
N CYS A 146 -21.44 15.26 28.54
CA CYS A 146 -20.27 15.85 27.87
C CYS A 146 -20.12 17.35 28.14
N GLY A 147 -21.24 18.00 28.46
CA GLY A 147 -21.21 19.43 28.72
C GLY A 147 -20.48 19.82 30.00
N LEU A 148 -20.05 18.83 30.78
CA LEU A 148 -19.25 19.08 31.97
C LEU A 148 -17.87 19.64 31.66
N VAL A 149 -17.41 19.47 30.43
CA VAL A 149 -16.04 19.84 30.05
C VAL A 149 -16.02 20.81 28.86
N ASN A 150 -15.29 21.92 29.03
CA ASN A 150 -15.10 22.93 27.98
C ASN A 150 -14.11 22.44 26.94
N ALA A 151 -14.06 23.12 25.79
CA ALA A 151 -13.23 22.66 24.68
C ALA A 151 -11.76 22.61 25.06
N ASP A 152 -11.33 23.47 25.99
CA ASP A 152 -9.91 23.50 26.35
C ASP A 152 -9.59 22.50 27.47
N GLY A 153 -10.57 21.70 27.88
CA GLY A 153 -10.37 20.71 28.92
C GLY A 153 -10.72 21.25 30.30
N SER A 154 -11.00 22.53 30.41
CA SER A 154 -11.35 23.10 31.72
C SER A 154 -12.78 22.68 32.10
N PRO A 155 -13.05 22.57 33.42
CA PRO A 155 -14.39 22.22 33.90
C PRO A 155 -15.42 23.29 33.52
N ALA A 156 -16.55 22.89 32.94
CA ALA A 156 -17.56 23.87 32.58
C ALA A 156 -18.13 24.53 33.85
N TYR A 157 -18.31 23.74 34.91
CA TYR A 157 -18.90 24.20 36.17
C TYR A 157 -17.90 23.94 37.32
N PRO A 158 -16.86 24.77 37.38
CA PRO A 158 -15.69 24.48 38.22
C PRO A 158 -15.93 24.52 39.73
N ASN A 159 -17.06 25.09 40.17
CA ASN A 159 -17.34 25.18 41.58
C ASN A 159 -18.45 24.23 42.02
N ALA A 160 -18.87 23.36 41.11
CA ALA A 160 -20.02 22.51 41.36
C ALA A 160 -19.64 21.17 41.93
N THR A 161 -20.50 20.69 42.82
CA THR A 161 -20.46 19.30 43.24
C THR A 161 -21.25 18.52 42.19
N VAL A 162 -20.64 17.49 41.61
CA VAL A 162 -21.31 16.74 40.55
C VAL A 162 -21.84 15.41 41.08
N GLU A 163 -23.15 15.20 40.95
CA GLU A 163 -23.79 13.99 41.42
CA GLU A 163 -23.80 13.99 41.43
C GLU A 163 -23.99 13.01 40.29
N VAL A 164 -23.29 11.88 40.35
CA VAL A 164 -23.36 10.85 39.33
C VAL A 164 -24.23 9.72 39.85
N PRO A 165 -25.22 9.28 39.06
CA PRO A 165 -26.05 8.18 39.56
C PRO A 165 -25.28 6.88 39.68
N GLN A 166 -25.66 6.06 40.66
CA GLN A 166 -25.05 4.74 40.86
C GLN A 166 -25.81 3.68 40.07
N ALA A 167 -25.09 3.00 39.17
CA ALA A 167 -25.68 1.94 38.34
C ALA A 167 -26.38 0.89 39.20
N GLU A 211 -32.54 19.89 54.09
CA GLU A 211 -33.93 19.45 53.95
C GLU A 211 -34.07 18.60 52.70
N GLY A 212 -35.30 18.49 52.16
CA GLY A 212 -35.58 17.66 51.00
C GLY A 212 -35.04 16.26 51.19
N GLU A 213 -33.87 15.97 50.62
CA GLU A 213 -33.12 14.77 50.96
C GLU A 213 -31.69 14.89 50.45
N LEU A 214 -31.52 14.94 49.14
CA LEU A 214 -30.22 15.24 48.56
C LEU A 214 -29.83 16.69 48.87
N LEU A 215 -30.77 17.59 48.64
CA LEU A 215 -30.64 19.00 48.98
C LEU A 215 -32.01 19.47 49.44
N PRO A 216 -32.09 20.65 50.07
CA PRO A 216 -33.42 21.14 50.45
C PRO A 216 -34.33 21.24 49.21
N GLY A 217 -35.47 20.53 49.22
CA GLY A 217 -36.44 20.61 48.15
C GLY A 217 -36.14 19.67 47.01
N VAL A 218 -35.03 18.94 47.11
CA VAL A 218 -34.56 18.11 46.00
C VAL A 218 -34.39 16.67 46.43
N SER A 219 -34.99 15.77 45.67
CA SER A 219 -34.93 14.34 45.99
C SER A 219 -34.74 13.51 44.70
N LEU A 220 -34.26 12.28 44.88
CA LEU A 220 -34.03 11.35 43.79
C LEU A 220 -35.25 10.52 43.47
N VAL A 221 -35.52 10.32 42.18
CA VAL A 221 -36.57 9.41 41.76
C VAL A 221 -35.93 8.42 40.79
N ALA A 222 -35.62 7.22 41.27
CA ALA A 222 -34.96 6.21 40.43
C ALA A 222 -35.86 5.92 39.24
N SER A 223 -35.28 5.82 38.04
CA SER A 223 -36.04 5.57 36.81
C SER A 223 -35.16 4.71 35.89
N PRO A 224 -34.75 3.54 36.38
CA PRO A 224 -33.72 2.75 35.68
C PRO A 224 -34.22 2.17 34.36
N GLY A 225 -33.32 1.90 33.43
CA GLY A 225 -33.70 1.22 32.19
C GLY A 225 -32.98 1.80 30.99
N HIS A 226 -33.29 3.06 30.66
CA HIS A 226 -32.60 3.74 29.59
C HIS A 226 -31.09 3.59 29.81
N THR A 227 -30.63 3.84 31.04
CA THR A 227 -29.37 3.28 31.52
C THR A 227 -29.64 2.64 32.88
N PRO A 228 -28.75 1.73 33.31
CA PRO A 228 -28.96 1.06 34.60
C PRO A 228 -29.13 2.04 35.76
N GLY A 229 -28.37 3.13 35.77
CA GLY A 229 -28.43 4.09 36.85
C GLY A 229 -29.34 5.26 36.54
N HIS A 230 -30.14 5.15 35.49
CA HIS A 230 -30.88 6.31 35.04
C HIS A 230 -31.75 6.85 36.18
N THR A 231 -31.66 8.16 36.43
CA THR A 231 -32.30 8.78 37.60
C THR A 231 -33.03 10.07 37.25
N SER A 232 -34.22 10.26 37.81
CA SER A 232 -34.99 11.49 37.67
C SER A 232 -34.87 12.30 38.95
N TYR A 233 -35.07 13.61 38.89
CA TYR A 233 -34.94 14.45 40.09
C TYR A 233 -36.21 15.24 40.37
N LEU A 234 -36.67 15.17 41.61
CA LEU A 234 -37.89 15.85 42.02
C LEU A 234 -37.57 17.10 42.84
N PHE A 235 -38.15 18.22 42.41
CA PHE A 235 -38.05 19.51 43.07
C PHE A 235 -39.44 19.89 43.59
N LYS A 236 -39.51 20.27 44.86
CA LYS A 236 -40.78 20.66 45.50
C LYS A 236 -40.62 21.98 46.21
N SER A 237 -41.55 22.90 45.98
CA SER A 237 -41.58 24.17 46.68
C SER A 237 -43.01 24.69 46.66
N GLY A 238 -43.50 25.17 47.80
CA GLY A 238 -44.81 25.80 47.88
C GLY A 238 -45.95 24.98 47.31
N GLY A 239 -45.95 23.67 47.58
CA GLY A 239 -47.03 22.81 47.12
C GLY A 239 -46.87 22.33 45.68
N GLN A 240 -45.92 22.93 44.97
CA GLN A 240 -45.69 22.59 43.56
C GLN A 240 -44.55 21.60 43.44
N SER A 241 -44.63 20.75 42.42
CA SER A 241 -43.59 19.75 42.18
C SER A 241 -43.21 19.73 40.72
N LEU A 242 -41.92 19.57 40.49
CA LEU A 242 -41.37 19.44 39.15
C LEU A 242 -40.45 18.24 39.12
N LEU A 243 -40.66 17.38 38.13
CA LEU A 243 -39.81 16.22 37.96
C LEU A 243 -38.97 16.44 36.72
N VAL A 244 -37.66 16.58 36.93
CA VAL A 244 -36.73 16.70 35.83
C VAL A 244 -36.35 15.29 35.50
N TRP A 245 -36.92 14.76 34.41
CA TRP A 245 -37.06 13.30 34.34
C TRP A 245 -36.02 12.60 33.50
N GLY A 246 -35.22 13.36 32.77
CA GLY A 246 -34.19 12.79 31.94
C GLY A 246 -34.78 12.21 30.66
N ASP A 247 -34.38 10.99 30.34
CA ASP A 247 -34.73 10.33 29.11
C ASP A 247 -35.83 9.27 29.26
N ILE A 248 -36.83 9.56 30.10
CA ILE A 248 -38.04 8.74 30.20
C ILE A 248 -38.66 8.48 28.84
N LEU A 249 -38.58 9.47 27.97
CA LEU A 249 -38.95 9.20 26.59
C LEU A 249 -38.23 10.16 25.69
N LEU A 250 -38.14 9.74 24.45
CA LEU A 250 -37.32 10.37 23.44
C LEU A 250 -38.14 11.05 22.36
N ASN A 251 -39.39 10.63 22.18
CA ASN A 251 -40.24 11.18 21.12
C ASN A 251 -41.64 11.44 21.62
N HIS A 252 -41.99 12.71 21.79
CA HIS A 252 -43.25 13.10 22.41
C HIS A 252 -44.44 12.72 21.51
N ALA A 253 -44.20 12.58 20.22
CA ALA A 253 -45.31 12.34 19.29
C ALA A 253 -45.70 10.88 19.28
N VAL A 254 -44.86 10.01 19.84
CA VAL A 254 -45.10 8.57 19.77
C VAL A 254 -45.28 7.95 21.14
N GLN A 255 -44.42 8.32 22.09
CA GLN A 255 -44.28 7.55 23.33
C GLN A 255 -45.19 8.00 24.48
N PHE A 256 -45.85 9.14 24.34
CA PHE A 256 -46.96 9.46 25.23
C PHE A 256 -48.15 8.62 24.81
N ALA A 257 -48.51 8.69 23.52
CA ALA A 257 -49.63 7.90 23.02
C ALA A 257 -49.38 6.39 23.15
N LYS A 258 -48.14 5.97 22.90
CA LYS A 258 -47.78 4.54 22.93
C LYS A 258 -46.48 4.32 23.71
N PRO A 259 -46.57 4.36 25.05
CA PRO A 259 -45.40 4.22 25.91
C PRO A 259 -44.71 2.88 25.68
N GLU A 260 -45.41 1.91 25.07
CA GLU A 260 -44.82 0.60 24.83
C GLU A 260 -43.67 0.70 23.83
N VAL A 261 -43.66 1.77 23.02
CA VAL A 261 -42.63 1.95 22.00
C VAL A 261 -41.29 2.23 22.67
N VAL A 262 -40.23 1.55 22.22
CA VAL A 262 -38.92 1.66 22.87
C VAL A 262 -37.85 2.26 21.95
N PHE A 263 -36.74 2.68 22.56
CA PHE A 263 -35.64 3.29 21.83
C PHE A 263 -34.48 2.29 21.71
N GLU A 264 -33.89 2.16 20.53
CA GLU A 264 -32.84 1.17 20.31
C GLU A 264 -31.68 1.32 21.28
N PHE A 265 -31.43 2.53 21.76
CA PHE A 265 -30.29 2.79 22.64
C PHE A 265 -30.67 2.93 24.13
N ASP A 266 -31.90 2.52 24.47
CA ASP A 266 -32.18 2.13 25.84
C ASP A 266 -31.27 0.92 26.14
N VAL A 267 -30.53 0.94 27.24
CA VAL A 267 -29.70 -0.21 27.59
C VAL A 267 -30.55 -1.45 27.85
N ASP A 268 -31.68 -1.24 28.52
CA ASP A 268 -32.64 -2.30 28.81
C ASP A 268 -34.04 -1.81 28.48
N SER A 269 -34.55 -2.20 27.32
CA SER A 269 -35.76 -1.56 26.77
C SER A 269 -37.02 -1.94 27.56
N ASP A 270 -37.12 -3.20 27.99
CA ASP A 270 -38.22 -3.64 28.85
C ASP A 270 -38.27 -2.82 30.14
N GLN A 271 -37.13 -2.73 30.81
CA GLN A 271 -37.05 -1.96 32.04
C GLN A 271 -37.34 -0.46 31.79
N ALA A 272 -36.72 0.10 30.75
CA ALA A 272 -36.98 1.50 30.39
C ALA A 272 -38.48 1.71 30.18
N ARG A 273 -39.11 0.75 29.51
CA ARG A 273 -40.55 0.84 29.27
C ARG A 273 -41.37 0.77 30.56
N GLN A 274 -41.03 -0.17 31.45
CA GLN A 274 -41.68 -0.23 32.77
C GLN A 274 -41.55 1.08 33.57
N SER A 275 -40.34 1.62 33.62
CA SER A 275 -40.11 2.90 34.29
C SER A 275 -40.92 4.02 33.63
N ARG A 276 -40.93 4.04 32.31
CA ARG A 276 -41.73 5.04 31.60
C ARG A 276 -43.24 4.95 31.95
N GLN A 277 -43.79 3.74 31.88
CA GLN A 277 -45.20 3.54 32.24
C GLN A 277 -45.50 4.05 33.65
N ARG A 278 -44.63 3.67 34.59
CA ARG A 278 -44.82 4.08 35.98
CA ARG A 278 -44.82 4.07 35.99
C ARG A 278 -44.73 5.60 36.17
N ILE A 279 -43.68 6.18 35.61
CA ILE A 279 -43.46 7.62 35.77
C ILE A 279 -44.58 8.41 35.08
N LEU A 280 -45.06 7.94 33.93
CA LEU A 280 -46.11 8.67 33.24
C LEU A 280 -47.37 8.60 34.09
N ALA A 281 -47.68 7.40 34.59
CA ALA A 281 -48.86 7.24 35.43
C ALA A 281 -48.79 8.18 36.64
N GLU A 282 -47.64 8.21 37.32
CA GLU A 282 -47.47 9.07 38.49
C GLU A 282 -47.56 10.57 38.15
N ALA A 283 -46.89 10.98 37.09
CA ALA A 283 -46.93 12.38 36.68
C ALA A 283 -48.37 12.80 36.36
N ALA A 284 -49.10 11.92 35.67
CA ALA A 284 -50.49 12.24 35.31
C ALA A 284 -51.37 12.30 36.55
N THR A 285 -51.21 11.32 37.44
CA THR A 285 -52.02 11.26 38.65
C THR A 285 -51.78 12.44 39.61
N ASP A 286 -50.51 12.75 39.87
CA ASP A 286 -50.15 13.80 40.81
C ASP A 286 -50.08 15.19 40.13
N LYS A 287 -50.40 15.25 38.84
CA LYS A 287 -50.42 16.52 38.09
C LYS A 287 -49.14 17.35 38.27
N LEU A 288 -47.99 16.69 38.28
CA LEU A 288 -46.77 17.43 38.57
C LEU A 288 -46.25 18.03 37.28
N TRP A 289 -45.42 19.05 37.41
CA TRP A 289 -44.75 19.60 36.25
C TRP A 289 -43.64 18.63 35.86
N VAL A 290 -43.36 18.55 34.57
CA VAL A 290 -42.31 17.69 34.05
C VAL A 290 -41.32 18.56 33.26
N ALA A 291 -40.04 18.25 33.40
CA ALA A 291 -38.98 18.86 32.61
C ALA A 291 -38.21 17.73 31.90
N GLY A 292 -38.34 17.66 30.57
CA GLY A 292 -37.89 16.49 29.82
C GLY A 292 -36.80 16.80 28.83
N ALA A 293 -35.68 16.10 28.99
CA ALA A 293 -34.47 16.37 28.23
C ALA A 293 -34.68 16.35 26.73
N HIS A 294 -35.64 15.56 26.26
CA HIS A 294 -35.86 15.44 24.81
C HIS A 294 -37.26 15.80 24.37
N LEU A 295 -37.97 16.54 25.21
CA LEU A 295 -39.27 17.08 24.84
C LEU A 295 -38.99 18.42 24.13
N PRO A 296 -39.93 18.86 23.27
CA PRO A 296 -39.74 20.12 22.55
C PRO A 296 -39.47 21.26 23.53
N PHE A 297 -38.40 22.00 23.29
CA PHE A 297 -37.93 23.01 24.23
C PHE A 297 -39.05 24.02 24.45
N PRO A 298 -39.22 24.54 25.68
CA PRO A 298 -38.44 24.39 26.93
C PRO A 298 -38.61 23.04 27.64
N GLY A 299 -39.44 22.16 27.11
CA GLY A 299 -39.57 20.83 27.68
C GLY A 299 -40.36 20.80 28.96
N LEU A 300 -41.10 21.87 29.23
CA LEU A 300 -41.87 22.02 30.45
C LEU A 300 -43.37 21.83 30.18
N GLY A 301 -44.06 21.12 31.06
CA GLY A 301 -45.48 20.91 30.88
C GLY A 301 -46.01 19.84 31.79
N HIS A 302 -47.20 19.33 31.47
CA HIS A 302 -47.86 18.31 32.27
C HIS A 302 -48.20 17.13 31.40
N VAL A 303 -48.41 16.00 32.08
CA VAL A 303 -48.87 14.78 31.43
C VAL A 303 -50.33 14.56 31.77
N ARG A 304 -51.12 14.27 30.74
CA ARG A 304 -52.54 13.99 30.89
C ARG A 304 -52.80 12.55 30.49
N LYS A 305 -53.64 11.87 31.25
CA LYS A 305 -54.04 10.52 30.94
CA LYS A 305 -54.01 10.53 30.91
C LYS A 305 -55.13 10.56 29.86
N GLU A 306 -54.97 9.76 28.81
CA GLU A 306 -55.99 9.61 27.78
C GLU A 306 -56.66 8.25 27.98
N ALA A 307 -57.71 7.96 27.20
CA ALA A 307 -58.36 6.65 27.26
C ALA A 307 -57.31 5.56 27.07
N GLN A 308 -56.43 5.77 26.09
CA GLN A 308 -55.27 4.91 25.90
C GLN A 308 -54.02 5.79 25.92
N GLY A 309 -53.02 5.40 26.70
CA GLY A 309 -51.78 6.14 26.76
C GLY A 309 -51.98 7.52 27.36
N TYR A 310 -51.15 8.47 26.94
CA TYR A 310 -51.05 9.77 27.59
C TYR A 310 -50.91 10.88 26.56
N ALA A 311 -50.95 12.12 27.03
CA ALA A 311 -50.70 13.28 26.17
C ALA A 311 -49.81 14.26 26.94
N TRP A 312 -48.98 14.97 26.19
CA TRP A 312 -48.08 16.00 26.72
C TRP A 312 -48.76 17.35 26.52
N VAL A 313 -48.78 18.17 27.57
CA VAL A 313 -49.36 19.50 27.49
C VAL A 313 -48.27 20.50 27.86
N PRO A 314 -47.71 21.18 26.84
CA PRO A 314 -46.61 22.10 27.11
C PRO A 314 -47.11 23.36 27.81
N VAL A 315 -46.26 23.93 28.65
CA VAL A 315 -46.59 25.18 29.30
C VAL A 315 -46.82 26.26 28.25
N GLU A 316 -47.69 27.20 28.59
CA GLU A 316 -47.94 28.34 27.72
C GLU A 316 -46.99 29.47 28.09
N PHE A 317 -46.34 30.05 27.09
CA PHE A 317 -45.39 31.13 27.31
C PHE A 317 -45.98 32.23 28.19
N SER A 318 -45.25 32.62 29.23
CA SER A 318 -45.72 33.61 30.18
C SER A 318 -44.55 34.26 30.90
N PRO A 319 -44.66 35.56 31.17
CA PRO A 319 -43.70 36.06 32.17
C PRO A 319 -43.97 35.47 33.53
N ILE A 320 -43.01 35.63 34.43
CA ILE A 320 -43.25 35.30 35.83
C ILE A 320 -44.10 36.42 36.42
N ARG A 321 -45.23 36.03 36.99
CA ARG A 321 -46.21 36.99 37.45
C ARG A 321 -46.08 37.20 38.95
N SER A 322 -46.09 38.47 39.36
CA SER A 322 -46.02 38.86 40.77
C SER A 322 -47.35 38.55 41.45
N ASP A 323 -48.43 38.63 40.69
CA ASP A 323 -49.77 38.47 41.24
C ASP A 323 -50.23 37.01 41.18
N ARG A 324 -49.27 36.09 41.18
CA ARG A 324 -49.57 34.65 41.17
C ARG A 324 -48.62 33.91 42.11
N ALA B 25 -17.43 -32.30 37.13
CA ALA B 25 -16.10 -32.90 37.23
C ALA B 25 -15.06 -31.94 36.64
N ALA B 26 -15.42 -31.26 35.56
CA ALA B 26 -14.53 -30.24 35.01
C ALA B 26 -14.60 -29.00 35.87
N PRO B 27 -13.50 -28.25 35.97
CA PRO B 27 -13.56 -27.02 36.78
C PRO B 27 -14.58 -26.05 36.22
N ALA B 28 -14.86 -25.00 36.98
CA ALA B 28 -15.75 -23.96 36.54
C ALA B 28 -15.12 -23.27 35.34
N GLN B 29 -15.94 -22.82 34.40
CA GLN B 29 -15.45 -22.06 33.26
C GLN B 29 -14.96 -20.69 33.74
N GLN B 30 -13.84 -20.25 33.18
CA GLN B 30 -13.25 -18.98 33.55
C GLN B 30 -14.10 -17.79 33.09
N LYS B 31 -14.73 -17.93 31.93
CA LYS B 31 -15.65 -16.91 31.40
C LYS B 31 -15.04 -15.52 31.34
N THR B 32 -13.73 -15.49 31.16
CA THR B 32 -13.01 -14.25 31.00
C THR B 32 -12.25 -14.32 29.69
N GLN B 33 -12.00 -13.15 29.10
CA GLN B 33 -11.30 -13.08 27.85
C GLN B 33 -9.87 -12.61 28.09
N VAL B 34 -8.98 -12.98 27.18
CA VAL B 34 -7.63 -12.47 27.19
C VAL B 34 -7.73 -10.94 27.20
N PRO B 35 -6.78 -10.25 27.86
CA PRO B 35 -6.82 -8.79 27.83
C PRO B 35 -6.82 -8.23 26.41
N GLY B 36 -7.42 -7.05 26.27
CA GLY B 36 -7.63 -6.45 24.97
C GLY B 36 -6.50 -5.51 24.61
N TYR B 37 -5.29 -6.05 24.50
CA TYR B 37 -4.19 -5.28 23.93
C TYR B 37 -3.42 -6.17 22.97
N TYR B 38 -2.81 -5.55 21.97
CA TYR B 38 -2.02 -6.30 21.00
C TYR B 38 -0.84 -5.48 20.49
N ARG B 39 0.33 -6.11 20.50
CA ARG B 39 1.59 -5.43 20.19
C ARG B 39 2.03 -5.69 18.75
N MET B 40 2.52 -4.65 18.08
CA MET B 40 3.08 -4.79 16.75
C MET B 40 4.21 -3.82 16.53
N ALA B 41 5.26 -4.27 15.88
CA ALA B 41 6.39 -3.41 15.56
C ALA B 41 6.06 -2.62 14.30
N LEU B 42 6.58 -1.40 14.22
CA LEU B 42 6.48 -0.58 13.02
C LEU B 42 7.80 0.14 12.87
N GLY B 43 8.76 -0.53 12.23
CA GLY B 43 10.12 -0.04 12.23
C GLY B 43 10.62 0.03 13.66
N ASP B 44 11.04 1.21 14.08
CA ASP B 44 11.58 1.39 15.43
C ASP B 44 10.48 1.83 16.40
N PHE B 45 9.24 1.90 15.90
CA PHE B 45 8.08 2.25 16.73
C PHE B 45 7.43 1.00 17.30
N GLU B 46 6.78 1.15 18.45
CA GLU B 46 6.03 0.07 19.07
C GLU B 46 4.56 0.47 19.13
N VAL B 47 3.73 -0.28 18.43
CA VAL B 47 2.29 -0.06 18.42
C VAL B 47 1.63 -1.03 19.40
N THR B 48 0.69 -0.50 20.17
CA THR B 48 -0.13 -1.27 21.09
C THR B 48 -1.59 -0.94 20.82
N ALA B 49 -2.27 -1.85 20.14
CA ALA B 49 -3.71 -1.71 19.93
C ALA B 49 -4.38 -1.95 21.26
N LEU B 50 -5.41 -1.15 21.55
CA LEU B 50 -6.16 -1.21 22.81
C LEU B 50 -7.66 -1.29 22.57
N TYR B 51 -8.31 -2.29 23.18
CA TYR B 51 -9.74 -2.51 23.00
C TYR B 51 -10.55 -1.74 24.05
N ASP B 52 -11.57 -0.99 23.61
CA ASP B 52 -12.42 -0.28 24.58
C ASP B 52 -13.63 -1.10 24.94
N GLY B 53 -13.93 -2.10 24.12
CA GLY B 53 -15.17 -2.84 24.24
C GLY B 53 -15.96 -2.79 22.94
N TYR B 54 -17.27 -3.00 23.05
CA TYR B 54 -18.13 -3.08 21.89
C TYR B 54 -19.44 -2.33 22.12
N VAL B 55 -20.07 -1.97 21.00
CA VAL B 55 -21.41 -1.41 20.98
C VAL B 55 -22.16 -2.09 19.84
N ASP B 56 -23.42 -2.44 20.08
CA ASP B 56 -24.29 -3.02 19.07
C ASP B 56 -24.95 -1.91 18.27
N LEU B 57 -24.70 -1.89 16.96
CA LEU B 57 -25.29 -0.89 16.08
C LEU B 57 -26.28 -1.54 15.12
N PRO B 58 -27.51 -1.00 15.02
CA PRO B 58 -28.48 -1.53 14.04
C PRO B 58 -27.97 -1.42 12.61
N ALA B 59 -28.15 -2.48 11.83
CA ALA B 59 -27.76 -2.48 10.42
C ALA B 59 -28.45 -1.34 9.68
N SER B 60 -29.66 -1.00 10.13
CA SER B 60 -30.48 0.07 9.56
C SER B 60 -29.78 1.43 9.54
N LEU B 61 -28.68 1.55 10.27
CA LEU B 61 -27.90 2.79 10.29
C LEU B 61 -26.97 2.87 9.08
N LEU B 62 -26.86 1.78 8.34
CA LEU B 62 -26.10 1.78 7.09
C LEU B 62 -27.04 2.09 5.93
N LYS B 63 -26.64 3.05 5.11
CA LYS B 63 -27.49 3.54 4.04
C LYS B 63 -26.78 3.47 2.68
N GLY B 64 -27.55 3.34 1.62
CA GLY B 64 -27.01 3.34 0.26
C GLY B 64 -27.01 1.96 -0.34
N ILE B 65 -27.61 1.01 0.38
CA ILE B 65 -27.59 -0.39 -0.02
C ILE B 65 -28.91 -1.08 0.28
N ASP B 66 -29.28 -2.00 -0.60
CA ASP B 66 -30.49 -2.80 -0.42
C ASP B 66 -30.35 -3.74 0.78
N ASP B 67 -31.44 -3.90 1.51
CA ASP B 67 -31.50 -4.82 2.66
C ASP B 67 -30.89 -6.20 2.34
N LYS B 68 -31.32 -6.77 1.23
CA LYS B 68 -30.85 -8.07 0.77
C LYS B 68 -29.34 -8.10 0.60
N ASP B 69 -28.81 -7.10 -0.09
CA ASP B 69 -27.39 -7.05 -0.37
C ASP B 69 -26.61 -6.87 0.93
N LEU B 70 -27.17 -6.07 1.83
CA LEU B 70 -26.55 -5.80 3.13
C LEU B 70 -26.46 -7.08 3.95
N GLN B 71 -27.60 -7.77 4.06
CA GLN B 71 -27.62 -9.04 4.79
C GLN B 71 -26.71 -10.08 4.14
N SER B 72 -26.68 -10.08 2.80
CA SER B 72 -25.78 -10.98 2.08
C SER B 72 -24.35 -10.70 2.48
N LEU B 73 -23.97 -9.42 2.47
CA LEU B 73 -22.61 -9.03 2.84
C LEU B 73 -22.28 -9.39 4.29
N LEU B 74 -23.23 -9.18 5.20
CA LEU B 74 -23.01 -9.55 6.59
C LEU B 74 -22.87 -11.06 6.75
N ALA B 75 -23.74 -11.80 6.09
CA ALA B 75 -23.77 -13.25 6.18
C ALA B 75 -22.48 -13.81 5.59
N ARG B 76 -21.98 -13.14 4.56
CA ARG B 76 -20.74 -13.53 3.90
C ARG B 76 -19.53 -13.55 4.88
N MET B 77 -19.54 -12.66 5.85
CA MET B 77 -18.45 -12.54 6.83
C MET B 77 -18.91 -13.03 8.21
N PHE B 78 -20.02 -13.77 8.23
CA PHE B 78 -20.52 -14.39 9.45
C PHE B 78 -20.75 -13.36 10.55
N VAL B 79 -21.39 -12.27 10.19
CA VAL B 79 -21.73 -11.20 11.10
C VAL B 79 -23.22 -11.25 11.42
N ALA B 80 -23.55 -11.43 12.70
CA ALA B 80 -24.93 -11.43 13.15
C ALA B 80 -25.42 -10.00 13.21
N SER B 81 -26.71 -9.81 12.88
CA SER B 81 -27.32 -8.48 12.80
C SER B 81 -28.66 -8.43 13.56
N GLU B 82 -29.18 -9.60 13.91
CA GLU B 82 -30.51 -9.73 14.52
C GLU B 82 -30.70 -8.79 15.71
N LYS B 83 -29.68 -8.69 16.54
CA LYS B 83 -29.74 -7.83 17.73
C LYS B 83 -28.70 -6.73 17.58
N GLY B 84 -28.47 -6.31 16.34
CA GLY B 84 -27.50 -5.27 16.03
C GLY B 84 -26.17 -5.85 15.59
N VAL B 85 -25.35 -5.03 14.94
CA VAL B 85 -23.98 -5.43 14.61
C VAL B 85 -23.06 -5.05 15.76
N GLN B 86 -22.46 -6.06 16.38
CA GLN B 86 -21.54 -5.84 17.48
C GLN B 86 -20.29 -5.17 16.91
N THR B 87 -20.04 -3.94 17.32
CA THR B 87 -19.01 -3.12 16.71
C THR B 87 -17.90 -2.81 17.70
N ALA B 88 -16.67 -3.14 17.34
CA ALA B 88 -15.53 -2.86 18.20
C ALA B 88 -15.28 -1.37 18.26
N VAL B 89 -14.63 -0.94 19.34
CA VAL B 89 -14.16 0.43 19.50
C VAL B 89 -12.74 0.29 20.01
N ASN B 90 -11.79 0.83 19.26
CA ASN B 90 -10.37 0.65 19.50
C ASN B 90 -9.65 1.97 19.67
N ALA B 91 -8.58 1.98 20.46
CA ALA B 91 -7.64 3.10 20.46
C ALA B 91 -6.24 2.54 20.19
N TYR B 92 -5.29 3.43 19.90
CA TYR B 92 -3.94 2.98 19.55
C TYR B 92 -2.85 3.74 20.31
N LEU B 93 -2.01 3.00 21.01
CA LEU B 93 -0.91 3.60 21.77
C LEU B 93 0.39 3.35 21.01
N ILE B 94 1.13 4.41 20.68
CA ILE B 94 2.34 4.27 19.91
C ILE B 94 3.55 4.88 20.60
N ASN B 95 4.55 4.04 20.83
CA ASN B 95 5.82 4.45 21.42
C ASN B 95 6.81 4.68 20.29
N THR B 96 7.18 5.94 20.09
CA THR B 96 8.08 6.34 19.01
C THR B 96 9.49 6.57 19.50
N GLY B 97 9.74 6.28 20.77
CA GLY B 97 11.03 6.59 21.37
C GLY B 97 11.05 8.03 21.84
N ASP B 98 10.66 8.96 20.96
CA ASP B 98 10.60 10.38 21.30
C ASP B 98 9.31 10.71 22.06
N ASN B 99 8.25 9.96 21.78
CA ASN B 99 6.96 10.17 22.40
C ASN B 99 6.20 8.87 22.71
N LEU B 100 5.35 8.94 23.73
CA LEU B 100 4.33 7.91 23.95
C LEU B 100 3.00 8.55 23.62
N VAL B 101 2.42 8.15 22.50
CA VAL B 101 1.27 8.83 21.93
C VAL B 101 0.04 7.92 21.97
N LEU B 102 -1.07 8.46 22.46
CA LEU B 102 -2.32 7.72 22.47
C LEU B 102 -3.28 8.33 21.45
N ILE B 103 -3.77 7.51 20.52
CA ILE B 103 -4.70 7.98 19.51
C ILE B 103 -6.08 7.44 19.89
N ASP B 104 -6.97 8.37 20.23
CA ASP B 104 -8.32 8.10 20.75
C ASP B 104 -8.28 7.42 22.12
N THR B 105 -9.39 7.47 22.85
CA THR B 105 -9.39 7.09 24.27
C THR B 105 -10.57 6.21 24.67
N GLY B 106 -11.39 5.82 23.71
CA GLY B 106 -12.54 5.00 24.03
C GLY B 106 -13.69 5.87 24.53
N ALA B 107 -14.71 5.22 25.08
CA ALA B 107 -15.98 5.87 25.40
C ALA B 107 -16.16 6.16 26.89
N ALA B 108 -15.21 5.70 27.71
CA ALA B 108 -15.40 5.72 29.15
C ALA B 108 -16.75 5.06 29.47
N GLN B 109 -17.61 5.75 30.22
CA GLN B 109 -18.96 5.26 30.52
C GLN B 109 -20.04 5.94 29.69
N CYS B 110 -19.66 6.74 28.69
CA CYS B 110 -20.64 7.51 27.91
C CYS B 110 -21.70 6.62 27.24
N PHE B 111 -21.33 5.41 26.87
CA PHE B 111 -22.21 4.54 26.09
C PHE B 111 -22.49 3.21 26.77
N GLY B 112 -22.35 3.18 28.09
CA GLY B 112 -22.69 1.98 28.85
C GLY B 112 -21.49 1.14 29.23
N PRO B 113 -21.74 0.07 30.00
CA PRO B 113 -20.73 -0.80 30.61
C PRO B 113 -20.10 -1.82 29.67
N THR B 114 -20.51 -1.90 28.41
CA THR B 114 -19.81 -2.78 27.46
C THR B 114 -18.63 -2.05 26.83
N LEU B 115 -18.48 -0.76 27.14
CA LEU B 115 -17.31 0.01 26.69
C LEU B 115 -16.52 0.57 27.88
N GLY B 116 -15.46 1.31 27.60
CA GLY B 116 -14.71 2.01 28.63
C GLY B 116 -13.50 1.26 29.16
N VAL B 117 -12.97 0.32 28.37
CA VAL B 117 -11.89 -0.53 28.87
C VAL B 117 -10.47 -0.17 28.37
N VAL B 118 -10.34 0.87 27.55
CA VAL B 118 -9.04 1.21 26.97
C VAL B 118 -7.94 1.39 28.02
N GLN B 119 -8.19 2.20 29.05
CA GLN B 119 -7.16 2.47 30.05
C GLN B 119 -6.79 1.19 30.83
N THR B 120 -7.78 0.33 31.08
CA THR B 120 -7.53 -0.95 31.75
C THR B 120 -6.55 -1.79 30.93
N ASN B 121 -6.80 -1.83 29.62
CA ASN B 121 -5.94 -2.59 28.70
C ASN B 121 -4.63 -1.89 28.47
N LEU B 122 -4.63 -0.57 28.60
CA LEU B 122 -3.38 0.17 28.52
C LEU B 122 -2.50 -0.29 29.67
N LYS B 123 -3.07 -0.28 30.87
CA LYS B 123 -2.34 -0.76 32.03
C LYS B 123 -1.91 -2.21 31.86
N ALA B 124 -2.82 -3.05 31.40
CA ALA B 124 -2.49 -4.46 31.22
C ALA B 124 -1.34 -4.65 30.24
N SER B 125 -1.18 -3.73 29.30
CA SER B 125 -0.14 -3.86 28.28
C SER B 125 1.25 -3.44 28.80
N GLY B 126 1.31 -2.99 30.06
CA GLY B 126 2.59 -2.72 30.70
C GLY B 126 2.94 -1.23 30.73
N TYR B 127 2.00 -0.38 30.35
CA TYR B 127 2.19 1.06 30.45
C TYR B 127 1.32 1.62 31.56
N GLN B 128 1.55 2.89 31.89
CA GLN B 128 0.69 3.60 32.83
C GLN B 128 0.23 4.90 32.19
N PRO B 129 -1.00 5.34 32.52
CA PRO B 129 -1.58 6.53 31.89
C PRO B 129 -0.75 7.78 32.09
N GLU B 130 -0.04 7.85 33.21
CA GLU B 130 0.81 8.99 33.52
C GLU B 130 1.97 9.11 32.54
N GLN B 131 2.31 8.01 31.87
CA GLN B 131 3.44 7.99 30.93
C GLN B 131 3.07 8.61 29.58
N VAL B 132 1.78 8.71 29.29
CA VAL B 132 1.32 9.24 28.02
C VAL B 132 1.51 10.76 27.98
N ASP B 133 2.34 11.21 27.03
CA ASP B 133 2.65 12.63 26.91
C ASP B 133 1.82 13.31 25.83
N THR B 134 1.11 12.52 25.01
CA THR B 134 0.34 13.09 23.92
C THR B 134 -0.92 12.28 23.63
N VAL B 135 -2.03 12.98 23.47
CA VAL B 135 -3.26 12.36 23.00
C VAL B 135 -3.69 13.01 21.69
N LEU B 136 -3.87 12.18 20.67
CA LEU B 136 -4.38 12.65 19.38
C LEU B 136 -5.79 12.11 19.21
N LEU B 137 -6.75 12.99 18.98
CA LEU B 137 -8.12 12.56 18.70
C LEU B 137 -8.38 12.62 17.21
N THR B 138 -8.89 11.54 16.64
CA THR B 138 -9.32 11.59 15.25
C THR B 138 -10.54 12.50 15.10
N HIS B 139 -11.42 12.48 16.10
CA HIS B 139 -12.60 13.36 16.13
C HIS B 139 -13.21 13.42 17.53
N LEU B 140 -14.24 14.23 17.73
CA LEU B 140 -14.72 14.51 19.09
C LEU B 140 -15.89 13.63 19.55
N HIS B 141 -16.22 12.60 18.78
CA HIS B 141 -17.30 11.70 19.17
C HIS B 141 -16.99 11.04 20.51
N PRO B 142 -18.04 10.68 21.26
CA PRO B 142 -17.87 10.20 22.64
C PRO B 142 -17.06 8.92 22.71
N ASP B 143 -17.21 8.04 21.72
CA ASP B 143 -16.47 6.77 21.75
C ASP B 143 -14.99 6.95 21.42
N HIS B 144 -14.58 8.20 21.22
CA HIS B 144 -13.16 8.51 20.99
C HIS B 144 -12.64 9.49 22.03
N ALA B 145 -13.54 10.28 22.61
CA ALA B 145 -13.15 11.40 23.45
C ALA B 145 -13.56 11.27 24.91
N CYS B 146 -14.64 10.55 25.20
CA CYS B 146 -15.09 10.48 26.60
C CYS B 146 -14.04 9.81 27.50
N GLY B 147 -13.12 9.07 26.90
CA GLY B 147 -12.14 8.32 27.67
C GLY B 147 -11.07 9.19 28.31
N LEU B 148 -11.14 10.50 28.07
CA LEU B 148 -10.19 11.46 28.64
C LEU B 148 -10.43 11.73 30.11
N VAL B 149 -11.60 11.34 30.60
CA VAL B 149 -12.01 11.68 31.95
C VAL B 149 -12.40 10.41 32.71
N ASN B 150 -11.78 10.22 33.87
CA ASN B 150 -12.07 9.09 34.74
C ASN B 150 -13.41 9.29 35.45
N ALA B 151 -13.91 8.24 36.07
CA ALA B 151 -15.21 8.26 36.74
C ALA B 151 -15.30 9.25 37.90
N ASP B 152 -14.16 9.51 38.54
CA ASP B 152 -14.12 10.42 39.70
C ASP B 152 -13.84 11.85 39.28
N GLY B 153 -13.88 12.09 37.96
CA GLY B 153 -13.65 13.43 37.43
C GLY B 153 -12.20 13.71 37.13
N SER B 154 -11.29 12.86 37.61
CA SER B 154 -9.87 13.09 37.37
C SER B 154 -9.55 12.89 35.88
N PRO B 155 -8.51 13.55 35.40
CA PRO B 155 -8.10 13.36 33.99
C PRO B 155 -7.46 11.99 33.81
N ALA B 156 -7.85 11.25 32.78
CA ALA B 156 -7.36 9.90 32.59
C ALA B 156 -5.87 9.90 32.24
N TYR B 157 -5.44 10.93 31.51
CA TYR B 157 -4.05 11.07 31.06
C TYR B 157 -3.50 12.44 31.42
N PRO B 158 -3.16 12.63 32.72
CA PRO B 158 -2.85 13.93 33.32
C PRO B 158 -1.58 14.65 32.84
N ASN B 159 -0.65 13.94 32.21
CA ASN B 159 0.57 14.57 31.72
C ASN B 159 0.54 14.70 30.21
N ALA B 160 -0.64 14.46 29.63
CA ALA B 160 -0.78 14.41 28.19
C ALA B 160 -1.27 15.75 27.68
N THR B 161 -0.73 16.15 26.54
CA THR B 161 -1.24 17.28 25.78
C THR B 161 -2.24 16.70 24.78
N VAL B 162 -3.46 17.24 24.78
CA VAL B 162 -4.52 16.72 23.92
C VAL B 162 -4.66 17.56 22.67
N GLU B 163 -4.50 16.94 21.51
CA GLU B 163 -4.55 17.65 20.24
C GLU B 163 -5.91 17.43 19.58
N VAL B 164 -6.70 18.49 19.51
CA VAL B 164 -8.04 18.44 18.92
C VAL B 164 -7.99 18.88 17.46
N PRO B 165 -8.70 18.16 16.56
CA PRO B 165 -8.62 18.48 15.13
C PRO B 165 -9.26 19.82 14.76
N GLN B 166 -8.67 20.49 13.76
CA GLN B 166 -9.22 21.71 13.15
C GLN B 166 -9.85 22.67 14.16
N ALA B 167 -9.01 23.18 15.06
CA ALA B 167 -9.46 24.09 16.11
C ALA B 167 -8.32 25.04 16.49
N GLU B 213 5.72 19.24 10.99
CA GLU B 213 4.56 18.44 11.40
C GLU B 213 4.49 18.28 12.92
N LEU B 214 3.51 17.52 13.39
CA LEU B 214 3.14 17.51 14.80
C LEU B 214 4.28 17.04 15.69
N LEU B 215 4.72 15.80 15.47
CA LEU B 215 5.78 15.20 16.25
C LEU B 215 6.72 14.45 15.31
N PRO B 216 7.90 14.03 15.82
CA PRO B 216 8.81 13.24 14.98
C PRO B 216 8.13 11.94 14.53
N GLY B 217 7.98 11.78 13.22
CA GLY B 217 7.43 10.56 12.67
C GLY B 217 5.91 10.57 12.60
N VAL B 218 5.28 11.66 13.02
CA VAL B 218 3.82 11.76 13.07
C VAL B 218 3.32 12.91 12.20
N SER B 219 2.38 12.63 11.31
CA SER B 219 1.78 13.68 10.49
C SER B 219 0.25 13.55 10.39
N LEU B 220 -0.41 14.66 10.10
CA LEU B 220 -1.86 14.72 10.00
C LEU B 220 -2.34 14.36 8.59
N VAL B 221 -3.44 13.61 8.53
CA VAL B 221 -4.04 13.27 7.24
C VAL B 221 -5.53 13.59 7.33
N ALA B 222 -5.92 14.73 6.76
CA ALA B 222 -7.30 15.18 6.84
C ALA B 222 -8.21 14.18 6.17
N SER B 223 -9.35 13.90 6.80
CA SER B 223 -10.32 12.94 6.30
C SER B 223 -11.72 13.38 6.73
N PRO B 224 -12.14 14.59 6.34
CA PRO B 224 -13.42 15.15 6.78
C PRO B 224 -14.62 14.41 6.22
N GLY B 225 -15.76 14.54 6.88
CA GLY B 225 -16.99 13.88 6.46
C GLY B 225 -17.74 13.32 7.65
N HIS B 226 -17.18 12.27 8.26
CA HIS B 226 -17.75 11.66 9.46
C HIS B 226 -18.02 12.79 10.45
N THR B 227 -17.02 13.63 10.65
CA THR B 227 -17.21 14.96 11.25
C THR B 227 -16.43 15.96 10.39
N PRO B 228 -16.75 17.26 10.52
CA PRO B 228 -16.05 18.28 9.73
C PRO B 228 -14.55 18.25 9.96
N GLY B 229 -14.15 18.09 11.21
CA GLY B 229 -12.75 18.14 11.58
C GLY B 229 -12.08 16.78 11.62
N HIS B 230 -12.79 15.75 11.18
CA HIS B 230 -12.29 14.37 11.27
C HIS B 230 -10.88 14.24 10.67
N THR B 231 -9.97 13.64 11.43
CA THR B 231 -8.57 13.59 11.04
C THR B 231 -7.98 12.22 11.29
N SER B 232 -7.18 11.74 10.33
CA SER B 232 -6.41 10.51 10.47
C SER B 232 -4.97 10.87 10.79
N TYR B 233 -4.23 9.94 11.39
CA TYR B 233 -2.84 10.21 11.79
C TYR B 233 -1.88 9.17 11.23
N LEU B 234 -0.82 9.65 10.60
CA LEU B 234 0.14 8.81 9.90
C LEU B 234 1.47 8.74 10.64
N PHE B 235 1.88 7.52 10.96
CA PHE B 235 3.13 7.23 11.66
C PHE B 235 4.09 6.55 10.70
N LYS B 236 5.30 7.07 10.61
CA LYS B 236 6.30 6.56 9.69
C LYS B 236 7.60 6.22 10.41
N SER B 237 8.15 5.04 10.13
CA SER B 237 9.43 4.63 10.69
C SER B 237 10.04 3.46 9.92
N GLY B 238 11.36 3.50 9.73
CA GLY B 238 12.07 2.39 9.12
C GLY B 238 11.50 1.98 7.77
N GLY B 239 10.94 2.95 7.04
CA GLY B 239 10.35 2.69 5.75
C GLY B 239 8.94 2.13 5.84
N GLN B 240 8.46 1.93 7.07
CA GLN B 240 7.12 1.41 7.30
C GLN B 240 6.18 2.55 7.69
N SER B 241 4.92 2.45 7.25
CA SER B 241 3.92 3.49 7.52
C SER B 241 2.65 2.88 8.13
N LEU B 242 2.03 3.64 9.03
CA LEU B 242 0.80 3.22 9.69
C LEU B 242 -0.19 4.37 9.73
N LEU B 243 -1.36 4.17 9.14
CA LEU B 243 -2.42 5.18 9.19
C LEU B 243 -3.44 4.81 10.26
N VAL B 244 -3.47 5.57 11.35
CA VAL B 244 -4.48 5.42 12.38
C VAL B 244 -5.64 6.29 11.94
N TRP B 245 -6.68 5.67 11.38
CA TRP B 245 -7.54 6.44 10.48
C TRP B 245 -8.87 6.93 11.07
N GLY B 246 -9.20 6.49 12.27
CA GLY B 246 -10.42 6.90 12.93
C GLY B 246 -11.64 6.19 12.37
N ASP B 247 -12.60 6.96 11.87
CA ASP B 247 -13.91 6.42 11.52
C ASP B 247 -14.19 6.49 10.02
N ILE B 248 -13.12 6.34 9.25
CA ILE B 248 -13.20 6.18 7.80
C ILE B 248 -14.24 5.13 7.46
N LEU B 249 -14.29 4.13 8.32
CA LEU B 249 -14.91 2.85 8.06
C LEU B 249 -15.59 2.41 9.35
N LEU B 250 -16.86 2.04 9.24
CA LEU B 250 -17.69 1.66 10.39
C LEU B 250 -17.96 0.16 10.41
N ASN B 251 -18.07 -0.43 9.24
CA ASN B 251 -18.42 -1.84 9.10
C ASN B 251 -17.56 -2.52 8.03
N HIS B 252 -16.58 -3.31 8.47
CA HIS B 252 -15.61 -3.92 7.57
C HIS B 252 -16.25 -4.88 6.57
N ALA B 253 -17.36 -5.50 6.96
CA ALA B 253 -18.01 -6.50 6.10
C ALA B 253 -18.76 -5.87 4.95
N VAL B 254 -18.98 -4.56 5.02
CA VAL B 254 -19.79 -3.86 4.03
C VAL B 254 -19.02 -2.78 3.30
N GLN B 255 -18.32 -1.93 4.05
CA GLN B 255 -17.81 -0.68 3.48
C GLN B 255 -16.47 -0.81 2.77
N PHE B 256 -15.84 -1.97 2.87
CA PHE B 256 -14.68 -2.24 2.01
C PHE B 256 -15.15 -2.67 0.65
N ALA B 257 -16.09 -3.61 0.64
CA ALA B 257 -16.60 -4.14 -0.63
C ALA B 257 -17.42 -3.10 -1.35
N LYS B 258 -18.07 -2.23 -0.57
CA LYS B 258 -18.95 -1.20 -1.10
C LYS B 258 -18.79 0.09 -0.31
N PRO B 259 -17.71 0.84 -0.60
CA PRO B 259 -17.41 2.10 0.09
C PRO B 259 -18.50 3.15 -0.07
N GLU B 260 -19.42 2.95 -1.01
CA GLU B 260 -20.46 3.93 -1.24
C GLU B 260 -21.50 3.88 -0.11
N VAL B 261 -21.55 2.77 0.62
CA VAL B 261 -22.45 2.65 1.76
C VAL B 261 -22.03 3.62 2.85
N VAL B 262 -22.98 4.39 3.38
CA VAL B 262 -22.70 5.45 4.35
C VAL B 262 -23.33 5.19 5.71
N PHE B 263 -22.91 5.98 6.71
CA PHE B 263 -23.35 5.83 8.07
C PHE B 263 -24.22 7.02 8.48
N GLU B 264 -25.34 6.75 9.13
CA GLU B 264 -26.34 7.80 9.40
C GLU B 264 -25.80 8.89 10.30
N PHE B 265 -24.80 8.57 11.11
CA PHE B 265 -24.22 9.57 11.99
C PHE B 265 -22.89 10.12 11.46
N ASP B 266 -22.64 9.92 10.17
CA ASP B 266 -21.67 10.75 9.46
C ASP B 266 -22.31 12.13 9.38
N VAL B 267 -21.63 13.16 9.85
CA VAL B 267 -22.15 14.52 9.72
C VAL B 267 -22.41 14.83 8.26
N ASP B 268 -21.41 14.58 7.41
CA ASP B 268 -21.54 14.80 5.97
C ASP B 268 -21.26 13.50 5.23
N SER B 269 -22.33 12.85 4.78
CA SER B 269 -22.25 11.50 4.19
C SER B 269 -21.44 11.45 2.90
N ASP B 270 -21.76 12.36 1.98
CA ASP B 270 -21.07 12.44 0.69
C ASP B 270 -19.58 12.67 0.91
N GLN B 271 -19.26 13.64 1.76
CA GLN B 271 -17.87 13.96 2.05
C GLN B 271 -17.16 12.77 2.70
N ALA B 272 -17.79 12.18 3.70
CA ALA B 272 -17.25 11.01 4.38
C ALA B 272 -16.95 9.91 3.39
N ARG B 273 -17.90 9.68 2.50
CA ARG B 273 -17.74 8.69 1.43
C ARG B 273 -16.55 9.01 0.51
N GLN B 274 -16.46 10.25 0.05
CA GLN B 274 -15.36 10.69 -0.81
C GLN B 274 -14.01 10.43 -0.11
N SER B 275 -13.91 10.92 1.13
CA SER B 275 -12.72 10.72 1.94
C SER B 275 -12.42 9.23 2.08
N ARG B 276 -13.45 8.43 2.31
CA ARG B 276 -13.25 6.99 2.43
C ARG B 276 -12.67 6.37 1.15
N GLN B 277 -13.29 6.65 0.00
CA GLN B 277 -12.82 6.11 -1.28
C GLN B 277 -11.38 6.50 -1.55
N ARG B 278 -11.07 7.76 -1.23
CA ARG B 278 -9.72 8.26 -1.41
CA ARG B 278 -9.71 8.26 -1.41
C ARG B 278 -8.72 7.56 -0.48
N ILE B 279 -9.05 7.52 0.81
CA ILE B 279 -8.15 6.90 1.79
C ILE B 279 -7.96 5.42 1.48
N LEU B 280 -9.02 4.76 1.02
CA LEU B 280 -8.93 3.35 0.67
C LEU B 280 -8.02 3.14 -0.53
N ALA B 281 -8.24 3.91 -1.59
CA ALA B 281 -7.37 3.82 -2.76
C ALA B 281 -5.90 4.07 -2.39
N GLU B 282 -5.65 5.11 -1.61
CA GLU B 282 -4.31 5.44 -1.17
C GLU B 282 -3.69 4.30 -0.34
N ALA B 283 -4.44 3.84 0.66
CA ALA B 283 -3.98 2.78 1.52
C ALA B 283 -3.65 1.50 0.73
N ALA B 284 -4.51 1.17 -0.24
CA ALA B 284 -4.28 0.02 -1.11
C ALA B 284 -3.02 0.21 -1.97
N THR B 285 -2.92 1.36 -2.62
CA THR B 285 -1.79 1.63 -3.50
C THR B 285 -0.46 1.60 -2.76
N ASP B 286 -0.36 2.33 -1.65
CA ASP B 286 0.89 2.45 -0.91
C ASP B 286 1.12 1.27 0.07
N LYS B 287 0.21 0.31 0.11
CA LYS B 287 0.38 -0.91 0.92
C LYS B 287 0.76 -0.61 2.37
N LEU B 288 0.13 0.38 2.96
CA LEU B 288 0.47 0.78 4.32
C LEU B 288 -0.36 0.05 5.35
N TRP B 289 0.12 0.06 6.58
CA TRP B 289 -0.64 -0.48 7.68
C TRP B 289 -1.78 0.46 7.99
N VAL B 290 -2.89 -0.10 8.44
CA VAL B 290 -4.02 0.69 8.89
C VAL B 290 -4.39 0.26 10.29
N ALA B 291 -4.80 1.25 11.10
CA ALA B 291 -5.33 1.02 12.43
C ALA B 291 -6.71 1.69 12.47
N GLY B 292 -7.75 0.87 12.51
CA GLY B 292 -9.13 1.35 12.39
C GLY B 292 -9.93 1.22 13.66
N ALA B 293 -10.46 2.33 14.14
CA ALA B 293 -11.17 2.39 15.42
C ALA B 293 -12.31 1.40 15.54
N HIS B 294 -12.96 1.07 14.42
CA HIS B 294 -14.14 0.19 14.46
C HIS B 294 -13.97 -1.08 13.64
N LEU B 295 -12.73 -1.39 13.30
CA LEU B 295 -12.40 -2.65 12.66
C LEU B 295 -12.22 -3.71 13.75
N PRO B 296 -12.48 -4.98 13.42
CA PRO B 296 -12.37 -6.03 14.44
C PRO B 296 -11.04 -5.94 15.20
N PHE B 297 -11.07 -6.02 16.52
CA PHE B 297 -9.84 -5.83 17.29
C PHE B 297 -8.82 -6.91 16.89
N PRO B 298 -7.53 -6.56 16.77
CA PRO B 298 -6.89 -5.26 17.05
C PRO B 298 -7.08 -4.18 15.98
N GLY B 299 -7.78 -4.47 14.90
CA GLY B 299 -8.04 -3.46 13.88
C GLY B 299 -6.79 -3.05 13.12
N LEU B 300 -5.77 -3.91 13.15
CA LEU B 300 -4.53 -3.67 12.42
C LEU B 300 -4.48 -4.55 11.18
N GLY B 301 -4.06 -3.98 10.06
CA GLY B 301 -3.98 -4.75 8.84
C GLY B 301 -3.69 -3.91 7.63
N HIS B 302 -3.92 -4.50 6.46
CA HIS B 302 -3.72 -3.80 5.19
C HIS B 302 -5.02 -3.82 4.41
N VAL B 303 -5.12 -2.94 3.42
CA VAL B 303 -6.26 -2.92 2.52
C VAL B 303 -5.81 -3.34 1.15
N ARG B 304 -6.65 -4.16 0.51
CA ARG B 304 -6.34 -4.70 -0.79
C ARG B 304 -7.42 -4.29 -1.77
N LYS B 305 -6.99 -3.91 -2.96
CA LYS B 305 -7.91 -3.56 -4.02
C LYS B 305 -8.45 -4.85 -4.66
N GLU B 306 -9.77 -4.96 -4.75
CA GLU B 306 -10.42 -6.03 -5.50
C GLU B 306 -10.97 -5.46 -6.81
N ALA B 307 -11.53 -6.32 -7.65
CA ALA B 307 -12.15 -5.90 -8.92
C ALA B 307 -13.17 -4.80 -8.66
N GLN B 308 -14.13 -5.10 -7.78
CA GLN B 308 -15.03 -4.10 -7.24
C GLN B 308 -14.65 -3.83 -5.79
N GLY B 309 -14.33 -2.58 -5.47
CA GLY B 309 -14.12 -2.18 -4.10
C GLY B 309 -12.81 -2.73 -3.55
N TYR B 310 -12.81 -3.04 -2.26
CA TYR B 310 -11.57 -3.38 -1.55
C TYR B 310 -11.82 -4.55 -0.62
N ALA B 311 -10.76 -4.99 0.05
CA ALA B 311 -10.83 -6.06 1.03
C ALA B 311 -9.89 -5.75 2.17
N TRP B 312 -10.28 -6.16 3.38
CA TRP B 312 -9.48 -5.94 4.57
C TRP B 312 -8.68 -7.19 4.90
N VAL B 313 -7.38 -7.03 5.11
CA VAL B 313 -6.51 -8.15 5.46
C VAL B 313 -5.94 -7.90 6.85
N PRO B 314 -6.45 -8.61 7.86
CA PRO B 314 -6.01 -8.39 9.23
C PRO B 314 -4.62 -8.94 9.48
N VAL B 315 -3.89 -8.33 10.40
CA VAL B 315 -2.58 -8.84 10.80
C VAL B 315 -2.71 -10.25 11.40
N GLU B 316 -1.69 -11.08 11.17
CA GLU B 316 -1.65 -12.40 11.78
C GLU B 316 -0.95 -12.31 13.12
N PHE B 317 -1.50 -12.99 14.12
CA PHE B 317 -0.97 -12.93 15.47
C PHE B 317 0.48 -13.34 15.50
N SER B 318 1.33 -12.49 16.07
CA SER B 318 2.76 -12.76 16.10
C SER B 318 3.43 -12.07 17.28
N PRO B 319 4.42 -12.73 17.90
CA PRO B 319 5.24 -11.96 18.85
C PRO B 319 6.09 -10.94 18.08
N ILE B 320 6.68 -10.00 18.79
CA ILE B 320 7.64 -9.10 18.16
C ILE B 320 8.97 -9.83 18.05
N ARG B 321 9.38 -10.05 16.81
CA ARG B 321 10.57 -10.85 16.52
C ARG B 321 11.84 -10.01 16.48
N SER B 322 12.88 -10.51 17.14
CA SER B 322 14.19 -9.90 17.15
C SER B 322 14.85 -10.05 15.78
N ASP B 323 14.62 -11.21 15.16
CA ASP B 323 15.29 -11.56 13.92
C ASP B 323 14.54 -11.00 12.70
N ARG B 324 13.96 -9.82 12.88
CA ARG B 324 13.15 -9.18 11.85
C ARG B 324 13.18 -7.66 12.03
N ALA C 26 10.79 9.48 26.65
CA ALA C 26 9.70 8.50 26.62
C ALA C 26 10.14 7.13 27.15
N PRO C 27 9.22 6.40 27.81
CA PRO C 27 9.59 5.13 28.45
C PRO C 27 10.10 4.08 27.48
N ALA C 28 10.89 3.13 27.98
CA ALA C 28 11.36 2.02 27.16
C ALA C 28 10.17 1.23 26.64
N GLN C 29 10.32 0.68 25.44
CA GLN C 29 9.29 -0.16 24.86
C GLN C 29 9.15 -1.44 25.66
N GLN C 30 7.92 -1.96 25.73
CA GLN C 30 7.63 -3.17 26.48
C GLN C 30 7.97 -4.41 25.67
N LYS C 31 7.71 -4.34 24.36
CA LYS C 31 7.98 -5.44 23.43
C LYS C 31 7.09 -6.66 23.62
N THR C 32 6.94 -7.11 24.87
CA THR C 32 6.13 -8.29 25.19
C THR C 32 4.79 -8.28 24.45
N GLN C 33 4.36 -9.46 24.02
CA GLN C 33 3.08 -9.62 23.33
C GLN C 33 2.03 -10.07 24.34
N VAL C 34 0.76 -9.80 24.03
CA VAL C 34 -0.35 -10.28 24.85
C VAL C 34 -0.27 -11.81 24.93
N PRO C 35 -0.64 -12.41 26.07
CA PRO C 35 -0.61 -13.88 26.12
C PRO C 35 -1.38 -14.53 24.98
N GLY C 36 -0.90 -15.67 24.50
CA GLY C 36 -1.51 -16.37 23.40
C GLY C 36 -2.61 -17.32 23.88
N TYR C 37 -3.64 -16.77 24.52
CA TYR C 37 -4.88 -17.52 24.69
C TYR C 37 -6.05 -16.70 24.19
N TYR C 38 -7.12 -17.38 23.80
CA TYR C 38 -8.32 -16.66 23.37
C TYR C 38 -9.56 -17.48 23.70
N ARG C 39 -10.55 -16.82 24.32
CA ARG C 39 -11.75 -17.49 24.80
C ARG C 39 -12.92 -17.30 23.83
N MET C 40 -13.65 -18.38 23.57
CA MET C 40 -14.86 -18.31 22.76
C MET C 40 -15.89 -19.29 23.30
N ALA C 41 -17.15 -18.86 23.36
CA ALA C 41 -18.22 -19.75 23.78
C ALA C 41 -18.68 -20.61 22.62
N LEU C 42 -19.07 -21.84 22.93
CA LEU C 42 -19.65 -22.74 21.93
C LEU C 42 -20.79 -23.50 22.62
N GLY C 43 -21.99 -22.92 22.58
CA GLY C 43 -23.08 -23.41 23.38
C GLY C 43 -22.74 -23.29 24.84
N ASP C 44 -22.85 -24.39 25.59
CA ASP C 44 -22.50 -24.39 27.01
C ASP C 44 -21.00 -24.68 27.20
N PHE C 45 -20.31 -25.03 26.11
CA PHE C 45 -18.88 -25.34 26.18
C PHE C 45 -18.06 -24.07 26.14
N GLU C 46 -16.91 -24.09 26.81
CA GLU C 46 -15.96 -22.98 26.74
C GLU C 46 -14.72 -23.40 25.96
N VAL C 47 -14.39 -22.64 24.93
CA VAL C 47 -13.20 -22.90 24.12
C VAL C 47 -12.13 -21.89 24.47
N THR C 48 -10.92 -22.38 24.73
CA THR C 48 -9.74 -21.56 24.95
C THR C 48 -8.70 -21.96 23.93
N ALA C 49 -8.47 -21.13 22.93
CA ALA C 49 -7.41 -21.36 21.96
C ALA C 49 -6.10 -21.03 22.65
N LEU C 50 -5.07 -21.82 22.34
CA LEU C 50 -3.76 -21.71 22.99
C LEU C 50 -2.65 -21.67 21.94
N TYR C 51 -1.81 -20.65 22.02
CA TYR C 51 -0.71 -20.47 21.08
C TYR C 51 0.55 -21.19 21.56
N ASP C 52 1.17 -21.97 20.68
CA ASP C 52 2.43 -22.65 21.01
C ASP C 52 3.63 -21.86 20.53
N GLY C 53 3.41 -20.95 19.58
CA GLY C 53 4.49 -20.22 18.96
C GLY C 53 4.44 -20.35 17.44
N TYR C 54 5.58 -20.12 16.79
CA TYR C 54 5.66 -20.18 15.34
C TYR C 54 6.89 -20.96 14.87
N VAL C 55 6.83 -21.46 13.65
CA VAL C 55 8.00 -21.95 12.95
C VAL C 55 7.98 -21.40 11.52
N ASP C 56 9.14 -21.01 11.01
CA ASP C 56 9.24 -20.51 9.64
C ASP C 56 9.43 -21.69 8.69
N LEU C 57 8.52 -21.82 7.73
CA LEU C 57 8.56 -22.93 6.78
C LEU C 57 8.79 -22.41 5.36
N PRO C 58 9.87 -22.87 4.70
CA PRO C 58 10.08 -22.48 3.30
C PRO C 58 8.82 -22.71 2.45
N ALA C 59 8.60 -21.81 1.50
CA ALA C 59 7.47 -21.87 0.59
C ALA C 59 7.60 -23.05 -0.35
N SER C 60 8.84 -23.48 -0.60
CA SER C 60 9.12 -24.62 -1.47
C SER C 60 8.46 -25.89 -0.94
N LEU C 61 8.19 -25.93 0.36
CA LEU C 61 7.54 -27.09 0.97
C LEU C 61 6.10 -27.25 0.50
N LEU C 62 5.60 -26.24 -0.20
CA LEU C 62 4.28 -26.33 -0.84
C LEU C 62 4.49 -26.70 -2.28
N LYS C 63 3.75 -27.70 -2.73
CA LYS C 63 3.97 -28.27 -4.06
C LYS C 63 2.65 -28.32 -4.82
N GLY C 64 2.73 -28.21 -6.14
CA GLY C 64 1.58 -28.40 -7.01
C GLY C 64 0.93 -27.11 -7.44
N ILE C 65 1.68 -26.01 -7.43
CA ILE C 65 1.11 -24.70 -7.69
C ILE C 65 1.79 -23.94 -8.83
N ASP C 66 3.05 -23.54 -8.62
CA ASP C 66 3.81 -22.58 -9.47
C ASP C 66 4.33 -21.44 -8.60
N ASP C 67 5.66 -21.28 -8.58
CA ASP C 67 6.36 -20.21 -7.86
C ASP C 67 5.66 -18.84 -7.89
N LYS C 68 5.51 -18.29 -9.09
CA LYS C 68 4.87 -17.00 -9.28
C LYS C 68 3.47 -16.97 -8.67
N ASP C 69 2.66 -17.93 -9.08
CA ASP C 69 1.27 -17.99 -8.68
C ASP C 69 1.15 -18.17 -7.15
N LEU C 70 2.18 -18.77 -6.56
CA LEU C 70 2.24 -18.93 -5.11
C LEU C 70 2.58 -17.60 -4.45
N GLN C 71 3.62 -16.96 -4.95
CA GLN C 71 4.02 -15.65 -4.43
C GLN C 71 2.87 -14.65 -4.52
N SER C 72 2.09 -14.75 -5.60
CA SER C 72 0.89 -13.92 -5.76
C SER C 72 -0.07 -14.13 -4.61
N LEU C 73 -0.44 -15.39 -4.38
CA LEU C 73 -1.35 -15.75 -3.29
C LEU C 73 -0.84 -15.29 -1.93
N LEU C 74 0.46 -15.46 -1.70
CA LEU C 74 1.06 -14.96 -0.46
C LEU C 74 0.94 -13.44 -0.34
N ALA C 75 1.34 -12.72 -1.39
CA ALA C 75 1.33 -11.26 -1.36
C ALA C 75 -0.10 -10.73 -1.25
N ARG C 76 -1.05 -11.47 -1.81
CA ARG C 76 -2.47 -11.11 -1.70
C ARG C 76 -2.94 -11.05 -0.24
N MET C 77 -2.37 -11.89 0.61
CA MET C 77 -2.71 -11.89 2.03
C MET C 77 -1.57 -11.28 2.85
N PHE C 78 -0.68 -10.56 2.17
CA PHE C 78 0.42 -9.86 2.83
C PHE C 78 1.28 -10.79 3.68
N VAL C 79 1.64 -11.93 3.10
CA VAL C 79 2.46 -12.92 3.79
C VAL C 79 3.89 -12.85 3.27
N ALA C 80 4.81 -12.44 4.13
CA ALA C 80 6.25 -12.43 3.82
C ALA C 80 6.74 -13.87 3.66
N SER C 81 7.72 -14.08 2.79
CA SER C 81 8.25 -15.41 2.53
C SER C 81 9.76 -15.39 2.27
N GLU C 82 10.37 -14.21 2.44
CA GLU C 82 11.79 -14.04 2.15
C GLU C 82 12.65 -14.98 3.00
N LYS C 83 12.20 -15.20 4.23
CA LYS C 83 12.91 -16.08 5.15
C LYS C 83 11.98 -17.18 5.64
N GLY C 84 11.04 -17.57 4.77
CA GLY C 84 10.08 -18.60 5.09
C GLY C 84 8.79 -18.00 5.59
N VAL C 85 7.70 -18.77 5.46
CA VAL C 85 6.40 -18.36 5.96
C VAL C 85 6.31 -18.63 7.45
N GLN C 86 6.08 -17.59 8.22
CA GLN C 86 5.87 -17.72 9.65
C GLN C 86 4.56 -18.46 9.90
N THR C 87 4.65 -19.65 10.47
CA THR C 87 3.47 -20.50 10.64
C THR C 87 3.16 -20.75 12.10
N ALA C 88 1.92 -20.47 12.48
CA ALA C 88 1.49 -20.59 13.86
C ALA C 88 1.27 -22.05 14.21
N VAL C 89 1.45 -22.38 15.49
CA VAL C 89 1.10 -23.72 16.00
C VAL C 89 0.12 -23.53 17.16
N ASN C 90 -1.10 -24.05 17.01
CA ASN C 90 -2.13 -23.82 18.01
C ASN C 90 -2.60 -25.13 18.64
N ALA C 91 -3.11 -25.02 19.86
CA ALA C 91 -3.78 -26.13 20.52
C ALA C 91 -5.08 -25.58 21.09
N TYR C 92 -5.98 -26.46 21.48
CA TYR C 92 -7.30 -26.00 21.93
C TYR C 92 -7.75 -26.68 23.20
N LEU C 93 -8.19 -25.88 24.16
CA LEU C 93 -8.64 -26.40 25.43
C LEU C 93 -10.14 -26.18 25.50
N ILE C 94 -10.90 -27.25 25.69
CA ILE C 94 -12.35 -27.13 25.71
C ILE C 94 -12.94 -27.67 27.01
N ASN C 95 -13.68 -26.80 27.69
CA ASN C 95 -14.37 -27.15 28.92
C ASN C 95 -15.81 -27.44 28.59
N THR C 96 -16.17 -28.72 28.63
CA THR C 96 -17.51 -29.16 28.26
C THR C 96 -18.43 -29.24 29.45
N GLY C 97 -17.92 -28.89 30.63
CA GLY C 97 -18.64 -29.12 31.88
C GLY C 97 -18.38 -30.52 32.41
N ASP C 98 -18.51 -31.52 31.55
CA ASP C 98 -18.27 -32.91 31.92
C ASP C 98 -16.79 -33.27 31.92
N ASN C 99 -16.03 -32.53 31.11
CA ASN C 99 -14.61 -32.80 30.89
C ASN C 99 -13.87 -31.51 30.57
N LEU C 100 -12.60 -31.45 30.96
CA LEU C 100 -11.68 -30.43 30.47
C LEU C 100 -10.74 -31.12 29.50
N VAL C 101 -10.86 -30.78 28.21
CA VAL C 101 -10.23 -31.55 27.14
C VAL C 101 -9.21 -30.70 26.42
N LEU C 102 -8.00 -31.22 26.27
CA LEU C 102 -6.97 -30.52 25.51
C LEU C 102 -6.74 -31.25 24.19
N ILE C 103 -6.89 -30.52 23.09
CA ILE C 103 -6.60 -31.06 21.77
C ILE C 103 -5.27 -30.51 21.29
N ASP C 104 -4.34 -31.44 21.09
CA ASP C 104 -2.94 -31.18 20.74
C ASP C 104 -2.22 -30.38 21.83
N THR C 105 -0.88 -30.40 21.79
CA THR C 105 -0.09 -29.95 22.93
C THR C 105 1.10 -29.08 22.53
N GLY C 106 1.21 -28.78 21.24
CA GLY C 106 2.35 -28.00 20.76
C GLY C 106 3.60 -28.86 20.71
N ALA C 107 4.75 -28.22 20.52
CA ALA C 107 5.99 -28.91 20.18
C ALA C 107 6.99 -29.03 21.34
N ALA C 108 6.64 -28.48 22.51
CA ALA C 108 7.58 -28.35 23.61
C ALA C 108 8.87 -27.75 23.04
N GLN C 109 10.00 -28.45 23.19
CA GLN C 109 11.28 -27.97 22.66
C GLN C 109 11.73 -28.77 21.44
N CYS C 110 10.81 -29.52 20.83
CA CYS C 110 11.17 -30.39 19.69
C CYS C 110 11.60 -29.65 18.44
N PHE C 111 11.14 -28.41 18.28
CA PHE C 111 11.49 -27.61 17.10
C PHE C 111 12.20 -26.32 17.50
N GLY C 112 12.73 -26.28 18.72
CA GLY C 112 13.49 -25.13 19.16
C GLY C 112 12.65 -24.12 19.92
N PRO C 113 13.28 -22.99 20.30
CA PRO C 113 12.82 -21.97 21.25
C PRO C 113 11.69 -21.06 20.78
N THR C 114 11.27 -21.12 19.51
CA THR C 114 10.17 -20.29 19.04
C THR C 114 8.83 -20.99 19.31
N LEU C 115 8.90 -22.17 19.91
CA LEU C 115 7.70 -22.95 20.22
C LEU C 115 7.73 -23.44 21.66
N GLY C 116 6.69 -24.17 22.06
CA GLY C 116 6.63 -24.82 23.36
C GLY C 116 5.93 -23.98 24.42
N VAL C 117 4.99 -23.13 24.00
CA VAL C 117 4.39 -22.12 24.87
C VAL C 117 2.95 -22.44 25.27
N VAL C 118 2.38 -23.52 24.72
CA VAL C 118 1.00 -23.91 25.03
C VAL C 118 0.72 -23.97 26.52
N GLN C 119 1.60 -24.61 27.30
CA GLN C 119 1.30 -24.84 28.71
C GLN C 119 1.29 -23.52 29.48
N THR C 120 2.25 -22.66 29.14
CA THR C 120 2.35 -21.32 29.70
C THR C 120 1.04 -20.56 29.46
N ASN C 121 0.56 -20.66 28.22
CA ASN C 121 -0.68 -19.99 27.83
C ASN C 121 -1.90 -20.64 28.45
N LEU C 122 -1.87 -21.96 28.62
CA LEU C 122 -2.95 -22.67 29.30
C LEU C 122 -3.05 -22.10 30.71
N LYS C 123 -1.89 -21.98 31.36
CA LYS C 123 -1.82 -21.37 32.69
C LYS C 123 -2.27 -19.91 32.71
N ALA C 124 -1.83 -19.14 31.73
CA ALA C 124 -2.25 -17.76 31.60
C ALA C 124 -3.77 -17.66 31.44
N SER C 125 -4.36 -18.68 30.82
CA SER C 125 -5.81 -18.67 30.53
C SER C 125 -6.65 -18.95 31.79
N GLY C 126 -5.98 -19.22 32.91
CA GLY C 126 -6.68 -19.43 34.17
C GLY C 126 -6.85 -20.89 34.56
N TYR C 127 -6.28 -21.80 33.78
CA TYR C 127 -6.37 -23.23 34.10
C TYR C 127 -5.01 -23.76 34.53
N GLN C 128 -4.99 -24.95 35.13
CA GLN C 128 -3.75 -25.63 35.43
C GLN C 128 -3.73 -27.02 34.78
N PRO C 129 -2.57 -27.44 34.26
CA PRO C 129 -2.47 -28.69 33.48
C PRO C 129 -3.00 -29.92 34.23
N GLU C 130 -2.88 -29.91 35.56
CA GLU C 130 -3.35 -31.03 36.37
C GLU C 130 -4.87 -31.15 36.29
N GLN C 131 -5.54 -30.13 35.77
CA GLN C 131 -6.99 -30.17 35.60
C GLN C 131 -7.39 -30.86 34.32
N VAL C 132 -6.44 -31.02 33.40
CA VAL C 132 -6.73 -31.69 32.14
C VAL C 132 -6.93 -33.19 32.40
N ASP C 133 -8.14 -33.67 32.11
CA ASP C 133 -8.48 -35.07 32.35
C ASP C 133 -8.42 -35.84 31.03
N THR C 134 -8.33 -35.11 29.92
CA THR C 134 -8.29 -35.75 28.61
C THR C 134 -7.42 -34.97 27.62
N VAL C 135 -6.55 -35.69 26.92
CA VAL C 135 -5.81 -35.12 25.80
C VAL C 135 -6.14 -35.89 24.53
N LEU C 136 -6.56 -35.16 23.49
CA LEU C 136 -6.83 -35.75 22.18
C LEU C 136 -5.77 -35.28 21.19
N LEU C 137 -5.11 -36.20 20.51
CA LEU C 137 -4.14 -35.83 19.47
C LEU C 137 -4.73 -36.03 18.10
N THR C 138 -4.65 -35.00 17.27
CA THR C 138 -5.09 -35.11 15.88
C THR C 138 -4.15 -36.04 15.14
N HIS C 139 -2.86 -35.98 15.49
CA HIS C 139 -1.85 -36.88 14.93
C HIS C 139 -0.57 -36.78 15.75
N LEU C 140 0.44 -37.57 15.38
CA LEU C 140 1.61 -37.77 16.23
C LEU C 140 2.81 -36.91 15.83
N HIS C 141 2.62 -35.97 14.92
CA HIS C 141 3.69 -35.04 14.58
C HIS C 141 4.15 -34.28 15.82
N PRO C 142 5.46 -33.96 15.88
CA PRO C 142 6.07 -33.34 17.07
C PRO C 142 5.33 -32.11 17.53
N ASP C 143 4.92 -31.26 16.58
CA ASP C 143 4.28 -29.97 16.90
C ASP C 143 2.89 -30.13 17.54
N HIS C 144 2.50 -31.38 17.83
CA HIS C 144 1.21 -31.68 18.42
C HIS C 144 1.36 -32.59 19.62
N ALA C 145 2.42 -33.39 19.62
CA ALA C 145 2.58 -34.48 20.58
C ALA C 145 3.72 -34.24 21.56
N CYS C 146 4.76 -33.51 21.14
CA CYS C 146 5.93 -33.34 22.01
C CYS C 146 5.57 -32.60 23.31
N GLY C 147 4.48 -31.85 23.29
CA GLY C 147 4.07 -31.07 24.43
C GLY C 147 3.53 -31.91 25.58
N LEU C 148 3.44 -33.22 25.38
CA LEU C 148 2.97 -34.12 26.42
C LEU C 148 3.99 -34.31 27.53
N VAL C 149 5.23 -33.89 27.28
CA VAL C 149 6.33 -34.11 28.20
C VAL C 149 7.05 -32.80 28.53
N ASN C 150 7.27 -32.56 29.83
CA ASN C 150 8.01 -31.39 30.29
C ASN C 150 9.51 -31.66 30.14
N ALA C 151 10.32 -30.62 30.35
CA ALA C 151 11.76 -30.71 30.14
C ALA C 151 12.45 -31.72 31.06
N ASP C 152 11.89 -31.94 32.24
CA ASP C 152 12.49 -32.86 33.21
C ASP C 152 12.02 -34.29 33.02
N GLY C 153 11.20 -34.51 31.98
CA GLY C 153 10.68 -35.84 31.68
C GLY C 153 9.33 -36.09 32.32
N SER C 154 8.90 -35.19 33.20
CA SER C 154 7.61 -35.37 33.85
C SER C 154 6.48 -35.13 32.85
N PRO C 155 5.34 -35.83 33.01
CA PRO C 155 4.21 -35.61 32.10
C PRO C 155 3.63 -34.21 32.28
N ALA C 156 3.31 -33.55 31.17
CA ALA C 156 2.79 -32.20 31.21
C ALA C 156 1.38 -32.20 31.78
N TYR C 157 0.65 -33.28 31.51
CA TYR C 157 -0.75 -33.42 31.88
C TYR C 157 -0.96 -34.77 32.57
N PRO C 158 -0.45 -34.89 33.80
CA PRO C 158 -0.28 -36.16 34.52
C PRO C 158 -1.59 -36.82 34.94
N ASN C 159 -2.69 -36.10 34.84
CA ASN C 159 -3.98 -36.65 35.26
C ASN C 159 -4.86 -36.92 34.05
N ALA C 160 -4.25 -36.86 32.87
CA ALA C 160 -5.00 -36.92 31.64
C ALA C 160 -4.96 -38.31 31.01
N THR C 161 -6.08 -38.67 30.40
CA THR C 161 -6.16 -39.84 29.54
C THR C 161 -5.81 -39.38 28.13
N VAL C 162 -4.79 -39.98 27.53
CA VAL C 162 -4.32 -39.55 26.22
C VAL C 162 -4.85 -40.44 25.11
N GLU C 163 -5.61 -39.85 24.18
CA GLU C 163 -6.12 -40.62 23.04
CA GLU C 163 -6.13 -40.61 23.04
C GLU C 163 -5.15 -40.52 21.87
N VAL C 164 -4.63 -41.67 21.47
CA VAL C 164 -3.70 -41.79 20.36
C VAL C 164 -4.49 -42.26 19.14
N PRO C 165 -4.55 -41.43 18.09
CA PRO C 165 -5.40 -41.74 16.95
C PRO C 165 -4.86 -42.88 16.11
N GLN C 166 -5.73 -43.55 15.38
CA GLN C 166 -5.36 -44.62 14.46
C GLN C 166 -6.15 -44.44 13.17
N ALA C 167 -6.10 -45.46 12.32
CA ALA C 167 -6.86 -45.46 11.07
C ALA C 167 -8.01 -46.46 11.18
N GLU C 213 -20.08 -39.63 21.99
CA GLU C 213 -19.46 -40.81 21.41
C GLU C 213 -18.23 -41.21 22.22
N LEU C 214 -17.12 -40.52 21.97
CA LEU C 214 -15.89 -40.74 22.73
C LEU C 214 -16.05 -40.14 24.12
N LEU C 215 -16.56 -38.91 24.15
CA LEU C 215 -16.95 -38.23 25.37
C LEU C 215 -18.27 -37.52 25.09
N PRO C 216 -18.99 -37.11 26.15
CA PRO C 216 -20.27 -36.43 25.91
C PRO C 216 -20.04 -35.15 25.10
N GLY C 217 -20.63 -35.10 23.91
CA GLY C 217 -20.56 -33.92 23.06
C GLY C 217 -19.33 -33.91 22.18
N VAL C 218 -18.56 -34.99 22.21
CA VAL C 218 -17.31 -35.08 21.46
C VAL C 218 -17.25 -36.33 20.58
N SER C 219 -16.92 -36.14 19.31
CA SER C 219 -16.89 -37.25 18.35
C SER C 219 -15.69 -37.17 17.41
N LEU C 220 -15.40 -38.28 16.74
CA LEU C 220 -14.27 -38.37 15.83
C LEU C 220 -14.66 -38.14 14.37
N VAL C 221 -13.76 -37.49 13.64
CA VAL C 221 -13.93 -37.29 12.20
C VAL C 221 -12.64 -37.69 11.50
N ALA C 222 -12.65 -38.84 10.84
CA ALA C 222 -11.46 -39.35 10.17
C ALA C 222 -11.00 -38.37 9.09
N SER C 223 -9.69 -38.12 9.05
CA SER C 223 -9.13 -37.14 8.12
C SER C 223 -7.71 -37.56 7.74
N PRO C 224 -7.56 -38.80 7.22
CA PRO C 224 -6.24 -39.38 6.97
C PRO C 224 -5.51 -38.75 5.77
N GLY C 225 -4.18 -38.82 5.77
CA GLY C 225 -3.37 -38.31 4.68
C GLY C 225 -2.10 -37.69 5.20
N HIS C 226 -2.26 -36.52 5.82
CA HIS C 226 -1.17 -35.79 6.46
C HIS C 226 -0.40 -36.80 7.31
N THR C 227 -1.14 -37.68 7.97
CA THR C 227 -0.59 -38.93 8.47
C THR C 227 -1.69 -39.98 8.32
N PRO C 228 -1.32 -41.26 8.40
CA PRO C 228 -2.29 -42.36 8.20
C PRO C 228 -3.45 -42.29 9.18
N GLY C 229 -3.17 -42.03 10.44
CA GLY C 229 -4.19 -42.02 11.47
C GLY C 229 -4.69 -40.62 11.80
N HIS C 230 -4.38 -39.66 10.92
CA HIS C 230 -4.75 -38.28 11.19
C HIS C 230 -6.25 -38.16 11.39
N THR C 231 -6.66 -37.52 12.48
CA THR C 231 -8.08 -37.40 12.81
C THR C 231 -8.43 -36.03 13.34
N SER C 232 -9.68 -35.65 13.09
CA SER C 232 -10.23 -34.39 13.54
C SER C 232 -11.23 -34.68 14.63
N TYR C 233 -11.50 -33.69 15.49
CA TYR C 233 -12.44 -33.89 16.59
C TYR C 233 -13.57 -32.87 16.55
N LEU C 234 -14.78 -33.39 16.64
CA LEU C 234 -15.98 -32.58 16.54
C LEU C 234 -16.65 -32.40 17.91
N PHE C 235 -16.92 -31.15 18.27
CA PHE C 235 -17.58 -30.81 19.52
C PHE C 235 -18.92 -30.16 19.22
N LYS C 236 -19.97 -30.60 19.93
CA LYS C 236 -21.32 -30.11 19.67
C LYS C 236 -22.01 -29.72 20.97
N SER C 237 -22.58 -28.52 21.00
CA SER C 237 -23.32 -28.06 22.15
C SER C 237 -24.20 -26.88 21.78
N GLY C 238 -25.42 -26.87 22.31
CA GLY C 238 -26.34 -25.77 22.08
C GLY C 238 -26.66 -25.56 20.62
N GLY C 239 -26.56 -26.63 19.83
CA GLY C 239 -26.84 -26.55 18.41
C GLY C 239 -25.67 -25.99 17.62
N GLN C 240 -24.57 -25.71 18.31
CA GLN C 240 -23.36 -25.20 17.66
C GLN C 240 -22.35 -26.33 17.51
N SER C 241 -21.50 -26.26 16.48
CA SER C 241 -20.52 -27.28 16.24
C SER C 241 -19.14 -26.68 15.97
N LEU C 242 -18.12 -27.30 16.55
CA LEU C 242 -16.74 -26.89 16.32
C LEU C 242 -15.91 -28.10 15.90
N LEU C 243 -15.18 -27.94 14.80
CA LEU C 243 -14.30 -29.00 14.33
C LEU C 243 -12.86 -28.60 14.61
N VAL C 244 -12.21 -29.30 15.52
CA VAL C 244 -10.80 -29.09 15.78
C VAL C 244 -10.11 -30.02 14.81
N TRP C 245 -9.58 -29.46 13.72
CA TRP C 245 -9.34 -30.30 12.54
C TRP C 245 -7.88 -30.74 12.31
N GLY C 246 -6.95 -30.19 13.08
CA GLY C 246 -5.55 -30.56 12.95
C GLY C 246 -4.86 -29.88 11.78
N ASP C 247 -4.17 -30.68 10.97
CA ASP C 247 -3.27 -30.16 9.95
C ASP C 247 -3.83 -30.41 8.55
N ILE C 248 -5.15 -30.30 8.43
CA ILE C 248 -5.82 -30.34 7.14
C ILE C 248 -5.22 -29.29 6.22
N LEU C 249 -4.82 -28.20 6.84
CA LEU C 249 -4.46 -26.97 6.17
C LEU C 249 -3.19 -26.49 6.83
N LEU C 250 -2.18 -26.14 6.04
CA LEU C 250 -0.94 -25.59 6.59
C LEU C 250 -0.72 -24.12 6.23
N ASN C 251 -1.31 -23.70 5.11
CA ASN C 251 -1.20 -22.31 4.65
C ASN C 251 -2.56 -21.78 4.23
N HIS C 252 -3.11 -20.90 5.07
CA HIS C 252 -4.44 -20.35 4.86
C HIS C 252 -4.52 -19.48 3.61
N ALA C 253 -3.39 -18.91 3.21
CA ALA C 253 -3.36 -17.96 2.10
C ALA C 253 -3.37 -18.68 0.76
N VAL C 254 -3.11 -19.98 0.78
CA VAL C 254 -2.97 -20.76 -0.45
C VAL C 254 -3.99 -21.89 -0.56
N GLN C 255 -4.16 -22.65 0.52
CA GLN C 255 -4.84 -23.94 0.43
C GLN C 255 -6.34 -23.83 0.63
N PHE C 256 -6.83 -22.64 0.97
CA PHE C 256 -8.27 -22.40 0.99
C PHE C 256 -8.72 -22.12 -0.43
N ALA C 257 -7.98 -21.24 -1.08
CA ALA C 257 -8.25 -20.85 -2.46
C ALA C 257 -7.86 -21.97 -3.44
N LYS C 258 -6.74 -22.62 -3.16
CA LYS C 258 -6.24 -23.72 -4.01
C LYS C 258 -5.94 -24.96 -3.15
N PRO C 259 -6.99 -25.69 -2.76
CA PRO C 259 -6.86 -26.86 -1.89
C PRO C 259 -6.10 -28.01 -2.55
N GLU C 260 -5.95 -27.96 -3.87
CA GLU C 260 -5.21 -29.00 -4.58
C GLU C 260 -3.74 -28.97 -4.17
N VAL C 261 -3.32 -27.83 -3.64
CA VAL C 261 -1.93 -27.63 -3.24
C VAL C 261 -1.60 -28.47 -2.00
N VAL C 262 -0.48 -29.17 -2.05
CA VAL C 262 -0.13 -30.12 -1.01
C VAL C 262 1.13 -29.71 -0.26
N PHE C 263 1.39 -30.43 0.82
CA PHE C 263 2.53 -30.16 1.68
C PHE C 263 3.50 -31.33 1.59
N GLU C 264 4.79 -31.02 1.51
CA GLU C 264 5.85 -32.02 1.39
C GLU C 264 5.74 -33.13 2.43
N PHE C 265 5.67 -32.73 3.70
CA PHE C 265 5.68 -33.69 4.80
C PHE C 265 4.30 -34.27 5.11
N ASP C 266 3.32 -34.03 4.25
CA ASP C 266 2.14 -34.88 4.23
C ASP C 266 2.69 -36.25 3.86
N VAL C 267 2.36 -37.27 4.65
CA VAL C 267 2.85 -38.62 4.36
C VAL C 267 2.26 -39.13 3.06
N ASP C 268 0.94 -38.99 2.91
CA ASP C 268 0.26 -39.29 1.66
C ASP C 268 -0.41 -38.02 1.16
N SER C 269 0.25 -37.34 0.22
CA SER C 269 -0.22 -36.07 -0.32
C SER C 269 -1.66 -36.13 -0.87
N ASP C 270 -1.92 -37.11 -1.72
CA ASP C 270 -3.20 -37.22 -2.41
C ASP C 270 -4.35 -37.47 -1.43
N GLN C 271 -4.12 -38.39 -0.49
CA GLN C 271 -5.12 -38.69 0.51
C GLN C 271 -5.43 -37.44 1.34
N ALA C 272 -4.36 -36.75 1.78
CA ALA C 272 -4.49 -35.51 2.53
C ALA C 272 -5.30 -34.48 1.76
N ARG C 273 -4.97 -34.32 0.47
CA ARG C 273 -5.70 -33.42 -0.41
C ARG C 273 -7.19 -33.77 -0.45
N GLN C 274 -7.48 -35.05 -0.66
CA GLN C 274 -8.86 -35.52 -0.72
C GLN C 274 -9.62 -35.19 0.56
N SER C 275 -9.04 -35.62 1.68
CA SER C 275 -9.61 -35.33 2.98
C SER C 275 -9.88 -33.83 3.11
N ARG C 276 -8.87 -33.02 2.82
CA ARG C 276 -9.03 -31.56 2.89
C ARG C 276 -10.22 -31.05 2.05
N GLN C 277 -10.28 -31.52 0.80
CA GLN C 277 -11.36 -31.10 -0.09
C GLN C 277 -12.73 -31.50 0.45
N ARG C 278 -12.81 -32.69 1.04
CA ARG C 278 -14.07 -33.11 1.68
C ARG C 278 -14.42 -32.23 2.90
N ILE C 279 -13.44 -32.03 3.77
CA ILE C 279 -13.63 -31.26 5.01
C ILE C 279 -14.05 -29.82 4.73
N LEU C 280 -13.40 -29.18 3.76
CA LEU C 280 -13.75 -27.81 3.42
C LEU C 280 -15.21 -27.70 2.94
N ALA C 281 -15.60 -28.60 2.04
CA ALA C 281 -16.96 -28.59 1.52
C ALA C 281 -17.95 -28.79 2.65
N GLU C 282 -17.72 -29.83 3.46
CA GLU C 282 -18.61 -30.10 4.59
C GLU C 282 -18.69 -28.89 5.53
N ALA C 283 -17.54 -28.33 5.86
CA ALA C 283 -17.47 -27.21 6.79
C ALA C 283 -18.21 -25.98 6.26
N ALA C 284 -18.00 -25.67 4.98
CA ALA C 284 -18.66 -24.53 4.36
C ALA C 284 -20.16 -24.76 4.30
N THR C 285 -20.56 -25.94 3.85
CA THR C 285 -21.97 -26.27 3.71
C THR C 285 -22.69 -26.23 5.06
N ASP C 286 -22.07 -26.80 6.10
CA ASP C 286 -22.70 -26.86 7.42
C ASP C 286 -22.43 -25.63 8.28
N LYS C 287 -21.64 -24.68 7.76
CA LYS C 287 -21.42 -23.39 8.43
C LYS C 287 -20.91 -23.54 9.87
N LEU C 288 -20.11 -24.57 10.13
CA LEU C 288 -19.65 -24.80 11.50
C LEU C 288 -18.32 -24.12 11.81
N TRP C 289 -18.02 -24.00 13.10
CA TRP C 289 -16.78 -23.39 13.54
C TRP C 289 -15.61 -24.33 13.29
N VAL C 290 -14.46 -23.77 12.99
CA VAL C 290 -13.25 -24.55 12.78
C VAL C 290 -12.15 -24.05 13.71
N ALA C 291 -11.40 -24.98 14.28
CA ALA C 291 -10.18 -24.68 15.02
C ALA C 291 -9.01 -25.38 14.31
N GLY C 292 -8.09 -24.56 13.77
CA GLY C 292 -7.02 -25.05 12.94
C GLY C 292 -5.64 -24.85 13.56
N ALA C 293 -4.93 -25.97 13.76
CA ALA C 293 -3.62 -25.98 14.40
C ALA C 293 -2.63 -25.02 13.76
N HIS C 294 -2.76 -24.78 12.45
CA HIS C 294 -1.81 -23.94 11.72
C HIS C 294 -2.46 -22.73 11.04
N LEU C 295 -3.70 -22.44 11.40
CA LEU C 295 -4.32 -21.20 10.96
C LEU C 295 -3.82 -20.06 11.87
N PRO C 296 -3.89 -18.81 11.39
CA PRO C 296 -3.50 -17.65 12.20
C PRO C 296 -4.23 -17.64 13.55
N PHE C 297 -3.47 -17.51 14.63
CA PHE C 297 -4.02 -17.63 15.98
C PHE C 297 -5.07 -16.54 16.19
N PRO C 298 -6.20 -16.86 16.86
CA PRO C 298 -6.55 -18.09 17.58
C PRO C 298 -6.92 -19.27 16.69
N GLY C 299 -6.90 -19.07 15.38
CA GLY C 299 -7.22 -20.14 14.45
C GLY C 299 -8.67 -20.59 14.54
N LEU C 300 -9.54 -19.69 15.01
CA LEU C 300 -10.98 -19.97 15.10
C LEU C 300 -11.70 -19.16 14.03
N GLY C 301 -12.63 -19.80 13.33
CA GLY C 301 -13.37 -19.12 12.29
C GLY C 301 -14.30 -20.03 11.52
N HIS C 302 -14.79 -19.51 10.39
CA HIS C 302 -15.68 -20.26 9.52
C HIS C 302 -15.08 -20.39 8.13
N VAL C 303 -15.62 -21.31 7.34
CA VAL C 303 -15.17 -21.55 5.98
C VAL C 303 -16.27 -21.14 5.02
N ARG C 304 -15.93 -20.26 4.08
CA ARG C 304 -16.86 -19.78 3.08
C ARG C 304 -16.55 -20.42 1.73
N LYS C 305 -17.59 -20.78 0.99
CA LYS C 305 -17.43 -21.28 -0.37
C LYS C 305 -17.29 -20.10 -1.33
N GLU C 306 -16.20 -20.10 -2.09
CA GLU C 306 -16.01 -19.13 -3.17
C GLU C 306 -16.29 -19.83 -4.49
N ALA C 307 -16.13 -19.11 -5.60
CA ALA C 307 -16.26 -19.72 -6.93
C ALA C 307 -15.01 -20.56 -7.19
N GLN C 308 -13.88 -20.07 -6.70
CA GLN C 308 -12.61 -20.77 -6.82
C GLN C 308 -12.09 -21.13 -5.42
N GLY C 309 -12.38 -22.34 -4.99
CA GLY C 309 -11.92 -22.82 -3.70
C GLY C 309 -12.75 -22.29 -2.54
N TYR C 310 -12.07 -21.82 -1.50
CA TYR C 310 -12.75 -21.43 -0.27
C TYR C 310 -12.06 -20.22 0.36
N ALA C 311 -12.73 -19.62 1.34
CA ALA C 311 -12.15 -18.51 2.08
C ALA C 311 -12.28 -18.78 3.58
N TRP C 312 -11.26 -18.35 4.31
CA TRP C 312 -11.24 -18.46 5.77
C TRP C 312 -11.74 -17.15 6.35
N VAL C 313 -12.78 -17.21 7.17
CA VAL C 313 -13.31 -16.03 7.84
C VAL C 313 -13.00 -16.15 9.34
N PRO C 314 -11.99 -15.40 9.80
CA PRO C 314 -11.63 -15.55 11.22
C PRO C 314 -12.66 -14.92 12.15
N VAL C 315 -12.76 -15.44 13.37
CA VAL C 315 -13.68 -14.88 14.36
C VAL C 315 -13.29 -13.44 14.70
N GLU C 316 -14.28 -12.61 15.01
CA GLU C 316 -14.01 -11.24 15.46
C GLU C 316 -13.81 -11.22 16.97
N PHE C 317 -12.73 -10.60 17.43
CA PHE C 317 -12.44 -10.50 18.87
C PHE C 317 -13.65 -9.99 19.64
N SER C 318 -14.05 -10.73 20.67
CA SER C 318 -15.23 -10.42 21.45
C SER C 318 -15.07 -10.95 22.88
N PRO C 319 -15.55 -10.21 23.88
CA PRO C 319 -15.69 -10.82 25.19
C PRO C 319 -16.75 -11.91 25.08
N ILE C 320 -16.81 -12.80 26.06
CA ILE C 320 -17.91 -13.75 26.11
C ILE C 320 -19.15 -13.06 26.69
N ARG C 321 -20.22 -13.04 25.91
CA ARG C 321 -21.41 -12.27 26.23
C ARG C 321 -22.46 -13.11 26.94
N SER C 322 -22.93 -12.62 28.08
CA SER C 322 -23.99 -13.27 28.83
C SER C 322 -25.32 -13.17 28.08
N ASP C 323 -25.48 -12.10 27.29
CA ASP C 323 -26.73 -11.83 26.59
C ASP C 323 -26.73 -12.41 25.17
N ARG C 324 -25.95 -13.47 24.96
CA ARG C 324 -25.91 -14.17 23.68
C ARG C 324 -25.73 -15.67 23.90
N ALA D 26 8.34 -16.58 -44.69
CA ALA D 26 8.89 -15.95 -43.49
C ALA D 26 7.93 -16.08 -42.30
N PRO D 27 8.44 -15.91 -41.07
CA PRO D 27 7.61 -16.03 -39.86
C PRO D 27 7.21 -14.66 -39.29
N ALA D 28 7.11 -13.66 -40.17
CA ALA D 28 6.59 -12.33 -39.83
C ALA D 28 7.54 -11.51 -38.96
N GLN D 29 7.73 -10.25 -39.35
CA GLN D 29 8.60 -9.33 -38.63
C GLN D 29 8.19 -9.20 -37.16
N GLN D 30 9.19 -9.10 -36.29
CA GLN D 30 8.97 -9.00 -34.86
C GLN D 30 8.70 -7.56 -34.46
N LYS D 31 9.42 -6.64 -35.09
CA LYS D 31 9.18 -5.20 -34.96
C LYS D 31 9.63 -4.61 -33.63
N THR D 32 9.66 -5.44 -32.59
CA THR D 32 10.10 -4.98 -31.27
C THR D 32 11.58 -4.60 -31.32
N GLN D 33 12.05 -3.97 -30.25
CA GLN D 33 13.42 -3.47 -30.21
C GLN D 33 14.13 -3.94 -28.95
N VAL D 34 15.46 -3.95 -29.00
CA VAL D 34 16.27 -4.30 -27.83
C VAL D 34 16.01 -3.26 -26.72
N PRO D 35 15.95 -3.72 -25.46
CA PRO D 35 15.75 -2.80 -24.34
C PRO D 35 16.73 -1.62 -24.34
N GLY D 36 16.20 -0.42 -24.08
CA GLY D 36 17.01 0.77 -24.03
C GLY D 36 17.80 0.87 -22.74
N TYR D 37 18.71 -0.08 -22.51
CA TYR D 37 19.71 0.10 -21.44
C TYR D 37 21.09 -0.27 -21.95
N TYR D 38 22.11 0.41 -21.41
CA TYR D 38 23.49 0.11 -21.77
C TYR D 38 24.39 0.17 -20.56
N ARG D 39 25.19 -0.88 -20.36
CA ARG D 39 26.06 -0.98 -19.20
C ARG D 39 27.48 -0.55 -19.55
N MET D 40 28.12 0.15 -18.62
CA MET D 40 29.51 0.53 -18.81
C MET D 40 30.20 0.64 -17.46
N ALA D 41 31.52 0.49 -17.48
CA ALA D 41 32.31 0.55 -16.26
C ALA D 41 32.90 1.94 -16.10
N LEU D 42 32.97 2.38 -14.86
CA LEU D 42 33.62 3.65 -14.52
C LEU D 42 34.43 3.40 -13.26
N GLY D 43 35.54 2.71 -13.41
CA GLY D 43 36.33 2.26 -12.28
C GLY D 43 35.61 1.11 -11.60
N ASP D 44 35.28 1.30 -10.33
CA ASP D 44 34.54 0.30 -9.56
C ASP D 44 33.05 0.65 -9.53
N PHE D 45 32.68 1.69 -10.27
CA PHE D 45 31.28 2.09 -10.37
C PHE D 45 30.64 1.41 -11.58
N GLU D 46 29.36 1.06 -11.45
CA GLU D 46 28.63 0.46 -12.57
C GLU D 46 27.66 1.48 -13.16
N VAL D 47 27.91 1.86 -14.41
CA VAL D 47 27.04 2.81 -15.08
C VAL D 47 26.05 2.07 -15.96
N THR D 48 24.82 2.57 -15.96
CA THR D 48 23.74 1.99 -16.75
C THR D 48 22.95 3.12 -17.37
N ALA D 49 23.15 3.33 -18.67
CA ALA D 49 22.41 4.35 -19.40
C ALA D 49 21.03 3.79 -19.74
N LEU D 50 20.02 4.64 -19.61
CA LEU D 50 18.62 4.25 -19.80
C LEU D 50 17.89 5.20 -20.74
N TYR D 51 17.07 4.62 -21.61
CA TYR D 51 16.38 5.34 -22.69
C TYR D 51 14.91 5.60 -22.34
N ASP D 52 14.49 6.85 -22.43
CA ASP D 52 13.11 7.22 -22.11
C ASP D 52 12.21 7.15 -23.33
N GLY D 53 12.82 7.22 -24.51
CA GLY D 53 12.08 7.28 -25.75
C GLY D 53 12.52 8.47 -26.57
N TYR D 54 11.64 8.94 -27.45
CA TYR D 54 12.00 10.02 -28.36
C TYR D 54 10.90 11.06 -28.45
N VAL D 55 11.28 12.28 -28.81
CA VAL D 55 10.34 13.29 -29.21
C VAL D 55 10.87 14.01 -30.47
N ASP D 56 9.97 14.29 -31.40
CA ASP D 56 10.33 15.04 -32.59
C ASP D 56 10.33 16.53 -32.27
N LEU D 57 11.45 17.18 -32.55
CA LEU D 57 11.59 18.62 -32.32
C LEU D 57 11.88 19.32 -33.64
N PRO D 58 11.10 20.34 -33.99
CA PRO D 58 11.41 21.14 -35.18
C PRO D 58 12.81 21.74 -35.16
N ALA D 59 13.47 21.73 -36.31
CA ALA D 59 14.80 22.33 -36.47
C ALA D 59 14.73 23.84 -36.23
N SER D 60 13.56 24.42 -36.49
CA SER D 60 13.31 25.84 -36.26
C SER D 60 13.64 26.27 -34.83
N LEU D 61 13.68 25.31 -33.91
CA LEU D 61 13.92 25.60 -32.50
C LEU D 61 15.38 25.90 -32.20
N LEU D 62 16.25 25.73 -33.19
CA LEU D 62 17.66 26.06 -33.02
C LEU D 62 17.96 27.45 -33.55
N LYS D 63 18.66 28.24 -32.73
CA LYS D 63 18.89 29.66 -32.99
C LYS D 63 20.37 29.97 -33.07
N GLY D 64 20.72 31.01 -33.83
CA GLY D 64 22.09 31.48 -33.90
C GLY D 64 22.80 31.00 -35.15
N ILE D 65 22.06 30.36 -36.04
CA ILE D 65 22.63 29.83 -37.28
C ILE D 65 21.66 30.00 -38.43
N ASP D 66 22.22 30.21 -39.62
CA ASP D 66 21.42 30.35 -40.84
C ASP D 66 20.75 29.02 -41.20
N ASP D 67 19.67 29.11 -41.96
CA ASP D 67 18.86 27.97 -42.34
C ASP D 67 19.65 26.94 -43.16
N LYS D 68 20.48 27.41 -44.08
CA LYS D 68 21.22 26.53 -44.97
C LYS D 68 22.39 25.83 -44.29
N ASP D 69 23.09 26.55 -43.42
CA ASP D 69 24.21 25.99 -42.68
C ASP D 69 23.71 24.96 -41.66
N LEU D 70 22.44 25.06 -41.29
CA LEU D 70 21.84 24.15 -40.33
C LEU D 70 21.55 22.80 -40.98
N GLN D 71 21.02 22.82 -42.20
CA GLN D 71 20.67 21.60 -42.92
C GLN D 71 21.91 20.87 -43.40
N SER D 72 23.00 21.62 -43.57
CA SER D 72 24.26 21.02 -43.99
C SER D 72 24.82 20.15 -42.87
N LEU D 73 24.94 20.73 -41.68
CA LEU D 73 25.44 20.02 -40.51
C LEU D 73 24.54 18.82 -40.18
N LEU D 74 23.27 18.92 -40.55
CA LEU D 74 22.32 17.84 -40.32
C LEU D 74 22.52 16.74 -41.35
N ALA D 75 22.63 17.15 -42.61
CA ALA D 75 22.89 16.22 -43.71
C ALA D 75 24.23 15.51 -43.49
N ARG D 76 25.17 16.23 -42.89
CA ARG D 76 26.51 15.72 -42.62
C ARG D 76 26.48 14.45 -41.74
N MET D 77 25.36 14.23 -41.06
CA MET D 77 25.19 13.08 -40.18
C MET D 77 23.90 12.33 -40.48
N PHE D 78 23.32 12.58 -41.66
CA PHE D 78 22.17 11.82 -42.13
C PHE D 78 20.98 11.90 -41.18
N VAL D 79 20.81 13.07 -40.58
CA VAL D 79 19.68 13.32 -39.70
C VAL D 79 18.51 13.77 -40.54
N ALA D 80 17.45 12.96 -40.59
CA ALA D 80 16.22 13.34 -41.27
C ALA D 80 15.54 14.42 -40.44
N SER D 81 14.71 15.23 -41.09
CA SER D 81 14.08 16.38 -40.44
C SER D 81 12.81 16.83 -41.14
N GLU D 82 12.35 16.08 -42.14
CA GLU D 82 11.15 16.42 -42.88
C GLU D 82 9.94 16.47 -41.94
N LYS D 83 10.05 15.79 -40.81
CA LYS D 83 8.99 15.74 -39.82
C LYS D 83 9.54 15.98 -38.42
N GLY D 84 10.71 16.61 -38.35
CA GLY D 84 11.33 16.97 -37.09
C GLY D 84 12.54 16.12 -36.75
N VAL D 85 13.38 16.68 -35.88
CA VAL D 85 14.55 15.96 -35.38
C VAL D 85 14.10 14.96 -34.32
N GLN D 86 14.06 13.69 -34.68
CA GLN D 86 13.80 12.65 -33.70
C GLN D 86 14.88 12.74 -32.64
N THR D 87 14.51 13.28 -31.48
CA THR D 87 15.47 13.54 -30.41
C THR D 87 15.27 12.58 -29.25
N ALA D 88 16.37 12.00 -28.79
CA ALA D 88 16.33 11.04 -27.70
C ALA D 88 16.25 11.74 -26.36
N VAL D 89 15.79 10.99 -25.36
CA VAL D 89 15.79 11.44 -23.97
C VAL D 89 16.40 10.31 -23.14
N ASN D 90 17.44 10.63 -22.38
CA ASN D 90 18.20 9.62 -21.65
C ASN D 90 18.29 9.93 -20.16
N ALA D 91 18.26 8.88 -19.34
CA ALA D 91 18.57 8.97 -17.93
C ALA D 91 19.76 8.07 -17.65
N TYR D 92 20.37 8.21 -16.47
CA TYR D 92 21.58 7.44 -16.15
C TYR D 92 21.61 6.93 -14.72
N LEU D 93 21.72 5.62 -14.58
CA LEU D 93 21.76 4.97 -13.27
C LEU D 93 23.18 4.52 -12.98
N ILE D 94 23.67 4.84 -11.79
CA ILE D 94 25.04 4.51 -11.42
C ILE D 94 25.11 3.85 -10.05
N ASN D 95 25.87 2.76 -9.98
CA ASN D 95 26.12 2.06 -8.73
C ASN D 95 27.51 2.38 -8.25
N THR D 96 27.58 2.93 -7.03
CA THR D 96 28.84 3.25 -6.38
C THR D 96 29.22 2.18 -5.36
N GLY D 97 28.20 1.55 -4.77
CA GLY D 97 28.39 0.59 -3.70
C GLY D 97 27.90 1.19 -2.40
N ASP D 98 28.15 2.49 -2.24
CA ASP D 98 27.62 3.25 -1.12
C ASP D 98 26.21 3.71 -1.47
N ASN D 99 25.99 3.97 -2.76
CA ASN D 99 24.69 4.43 -3.24
C ASN D 99 24.34 3.86 -4.61
N LEU D 100 23.04 3.72 -4.86
CA LEU D 100 22.52 3.46 -6.19
C LEU D 100 21.80 4.72 -6.64
N VAL D 101 22.48 5.47 -7.51
CA VAL D 101 22.07 6.84 -7.84
C VAL D 101 21.47 6.93 -9.24
N LEU D 102 20.26 7.47 -9.30
CA LEU D 102 19.61 7.72 -10.58
C LEU D 102 19.71 9.20 -10.92
N ILE D 103 20.16 9.49 -12.14
CA ILE D 103 20.20 10.86 -12.64
C ILE D 103 19.18 11.00 -13.77
N ASP D 104 18.20 11.87 -13.51
CA ASP D 104 17.07 12.11 -14.39
C ASP D 104 16.16 10.89 -14.49
N THR D 105 14.87 11.13 -14.77
CA THR D 105 13.85 10.10 -14.65
C THR D 105 12.99 9.99 -15.91
N GLY D 106 13.28 10.81 -16.91
CA GLY D 106 12.50 10.81 -18.13
C GLY D 106 11.27 11.70 -18.03
N ALA D 107 10.33 11.49 -18.95
CA ALA D 107 9.19 12.39 -19.16
C ALA D 107 7.89 11.82 -18.60
N ALA D 108 7.92 10.55 -18.20
CA ALA D 108 6.69 9.83 -17.91
C ALA D 108 5.73 10.00 -19.10
N GLN D 109 4.50 10.44 -18.85
CA GLN D 109 3.53 10.68 -19.90
C GLN D 109 3.36 12.17 -20.21
N CYS D 110 4.25 13.00 -19.68
CA CYS D 110 4.11 14.45 -19.85
C CYS D 110 4.08 14.84 -21.32
N PHE D 111 4.97 14.24 -22.10
CA PHE D 111 5.15 14.62 -23.49
C PHE D 111 4.61 13.58 -24.47
N GLY D 112 3.67 12.75 -24.02
CA GLY D 112 3.05 11.80 -24.93
C GLY D 112 3.59 10.39 -24.82
N PRO D 113 3.11 9.49 -25.70
CA PRO D 113 3.33 8.05 -25.59
C PRO D 113 4.67 7.54 -26.13
N THR D 114 5.44 8.38 -26.82
CA THR D 114 6.74 7.97 -27.35
C THR D 114 7.82 8.11 -26.28
N LEU D 115 7.42 8.48 -25.07
CA LEU D 115 8.34 8.64 -23.95
C LEU D 115 7.85 7.94 -22.68
N GLY D 116 8.65 7.97 -21.63
CA GLY D 116 8.27 7.41 -20.34
C GLY D 116 8.69 5.96 -20.14
N VAL D 117 9.81 5.57 -20.73
CA VAL D 117 10.23 4.15 -20.76
C VAL D 117 11.41 3.88 -19.82
N VAL D 118 11.91 4.92 -19.16
CA VAL D 118 13.07 4.77 -18.27
C VAL D 118 12.92 3.69 -17.20
N GLN D 119 11.86 3.74 -16.41
CA GLN D 119 11.68 2.79 -15.31
C GLN D 119 11.61 1.38 -15.84
N THR D 120 10.95 1.22 -16.99
CA THR D 120 10.85 -0.07 -17.65
C THR D 120 12.23 -0.62 -17.96
N ASN D 121 13.06 0.21 -18.59
CA ASN D 121 14.40 -0.18 -18.96
C ASN D 121 15.29 -0.39 -17.74
N LEU D 122 15.03 0.37 -16.69
CA LEU D 122 15.73 0.18 -15.44
C LEU D 122 15.42 -1.21 -14.88
N LYS D 123 14.13 -1.54 -14.81
CA LYS D 123 13.70 -2.87 -14.40
C LYS D 123 14.34 -3.93 -15.28
N ALA D 124 14.36 -3.66 -16.58
CA ALA D 124 14.96 -4.56 -17.55
C ALA D 124 16.47 -4.71 -17.33
N SER D 125 17.11 -3.66 -16.83
CA SER D 125 18.55 -3.67 -16.64
C SER D 125 18.98 -4.51 -15.42
N GLY D 126 18.01 -5.06 -14.70
CA GLY D 126 18.29 -5.96 -13.59
C GLY D 126 17.94 -5.38 -12.23
N TYR D 127 17.79 -4.05 -12.17
CA TYR D 127 17.49 -3.38 -10.91
C TYR D 127 15.99 -3.21 -10.72
N GLN D 128 15.62 -2.68 -9.56
CA GLN D 128 14.23 -2.34 -9.28
C GLN D 128 14.18 -0.92 -8.70
N PRO D 129 13.07 -0.20 -8.92
CA PRO D 129 12.95 1.19 -8.46
C PRO D 129 13.14 1.35 -6.95
N GLU D 130 12.66 0.37 -6.18
CA GLU D 130 12.66 0.46 -4.72
C GLU D 130 14.09 0.51 -4.19
N GLN D 131 15.01 -0.08 -4.95
CA GLN D 131 16.41 -0.14 -4.56
C GLN D 131 17.10 1.23 -4.67
N VAL D 132 16.55 2.09 -5.52
CA VAL D 132 17.15 3.40 -5.76
C VAL D 132 17.05 4.25 -4.50
N ASP D 133 18.21 4.66 -3.99
CA ASP D 133 18.26 5.41 -2.73
C ASP D 133 18.43 6.90 -2.96
N THR D 134 18.81 7.28 -4.18
CA THR D 134 19.07 8.69 -4.50
C THR D 134 18.71 9.04 -5.94
N VAL D 135 18.03 10.16 -6.09
CA VAL D 135 17.70 10.72 -7.40
C VAL D 135 18.23 12.13 -7.50
N LEU D 136 19.04 12.38 -8.53
CA LEU D 136 19.52 13.73 -8.81
C LEU D 136 18.89 14.21 -10.10
N LEU D 137 18.52 15.48 -10.14
CA LEU D 137 17.97 16.09 -11.35
C LEU D 137 18.90 17.18 -11.86
N THR D 138 19.20 17.12 -13.15
CA THR D 138 20.02 18.16 -13.77
C THR D 138 19.22 19.44 -13.86
N HIS D 139 17.92 19.31 -14.14
CA HIS D 139 17.00 20.44 -14.08
C HIS D 139 15.54 19.95 -14.02
N LEU D 140 14.62 20.90 -13.84
CA LEU D 140 13.22 20.57 -13.54
C LEU D 140 12.32 20.50 -14.78
N HIS D 141 12.92 20.49 -15.96
CA HIS D 141 12.14 20.28 -17.18
C HIS D 141 11.47 18.91 -17.13
N PRO D 142 10.32 18.79 -17.80
CA PRO D 142 9.46 17.60 -17.69
C PRO D 142 10.15 16.33 -18.13
N ASP D 143 10.91 16.40 -19.22
CA ASP D 143 11.61 15.23 -19.78
C ASP D 143 12.69 14.68 -18.83
N HIS D 144 12.87 15.32 -17.69
CA HIS D 144 13.86 14.91 -16.70
C HIS D 144 13.19 14.60 -15.36
N ALA D 145 12.12 15.35 -15.06
CA ALA D 145 11.52 15.38 -13.73
C ALA D 145 10.18 14.64 -13.64
N CYS D 146 9.41 14.63 -14.72
CA CYS D 146 8.08 14.01 -14.67
C CYS D 146 8.15 12.52 -14.34
N GLY D 147 9.32 11.92 -14.53
CA GLY D 147 9.46 10.50 -14.30
C GLY D 147 9.41 10.11 -12.83
N LEU D 148 9.39 11.10 -11.95
CA LEU D 148 9.36 10.87 -10.51
C LEU D 148 8.04 10.29 -10.02
N VAL D 149 7.03 10.29 -10.90
CA VAL D 149 5.68 9.95 -10.47
C VAL D 149 5.01 8.96 -11.43
N ASN D 150 4.58 7.83 -10.88
CA ASN D 150 3.82 6.84 -11.65
C ASN D 150 2.43 7.36 -11.99
N ALA D 151 1.78 6.70 -12.94
CA ALA D 151 0.48 7.12 -13.45
C ALA D 151 -0.62 7.10 -12.37
N ASP D 152 -0.47 6.21 -11.39
CA ASP D 152 -1.44 6.12 -10.29
C ASP D 152 -1.15 7.17 -9.22
N GLY D 153 -0.13 7.99 -9.46
CA GLY D 153 0.25 9.04 -8.54
C GLY D 153 1.33 8.59 -7.57
N SER D 154 1.61 7.28 -7.56
CA SER D 154 2.57 6.73 -6.60
C SER D 154 3.99 7.15 -7.01
N PRO D 155 4.90 7.29 -6.02
CA PRO D 155 6.28 7.65 -6.35
C PRO D 155 6.98 6.55 -7.13
N ALA D 156 7.65 6.93 -8.21
CA ALA D 156 8.37 5.98 -9.04
C ALA D 156 9.54 5.38 -8.27
N TYR D 157 10.05 6.14 -7.31
CA TYR D 157 11.22 5.73 -6.52
C TYR D 157 11.00 6.06 -5.04
N PRO D 158 10.17 5.26 -4.34
CA PRO D 158 9.66 5.57 -2.99
C PRO D 158 10.75 5.80 -1.94
N ASN D 159 11.83 5.03 -2.03
CA ASN D 159 12.89 5.08 -1.02
C ASN D 159 14.01 6.01 -1.45
N ALA D 160 13.69 6.92 -2.36
CA ALA D 160 14.70 7.80 -2.94
C ALA D 160 14.66 9.17 -2.30
N THR D 161 15.84 9.71 -2.04
CA THR D 161 15.96 11.12 -1.70
C THR D 161 16.17 11.87 -3.00
N VAL D 162 15.33 12.86 -3.25
CA VAL D 162 15.39 13.62 -4.49
C VAL D 162 16.12 14.92 -4.25
N GLU D 163 17.20 15.14 -5.00
CA GLU D 163 17.94 16.38 -4.90
C GLU D 163 17.48 17.34 -5.99
N VAL D 164 16.91 18.46 -5.57
CA VAL D 164 16.47 19.50 -6.50
C VAL D 164 17.52 20.61 -6.54
N PRO D 165 17.85 21.10 -7.75
CA PRO D 165 18.74 22.27 -7.88
C PRO D 165 18.19 23.54 -7.22
N GLN D 166 18.77 24.69 -7.57
CA GLN D 166 18.31 25.99 -7.06
C GLN D 166 16.79 26.15 -7.14
N LEU D 214 28.62 15.59 -0.53
CA LEU D 214 27.26 15.07 -0.76
C LEU D 214 27.25 13.55 -0.65
N LEU D 215 27.86 12.89 -1.64
CA LEU D 215 28.06 11.44 -1.61
C LEU D 215 29.50 11.17 -2.04
N PRO D 216 30.06 10.03 -1.64
CA PRO D 216 31.41 9.66 -2.08
C PRO D 216 31.53 9.55 -3.59
N GLY D 217 32.48 10.27 -4.18
CA GLY D 217 32.71 10.21 -5.61
C GLY D 217 31.57 10.87 -6.36
N VAL D 218 30.91 11.82 -5.71
CA VAL D 218 29.78 12.53 -6.28
C VAL D 218 29.93 14.02 -6.00
N SER D 219 30.11 14.82 -7.06
CA SER D 219 30.24 16.26 -6.86
C SER D 219 29.43 17.07 -7.87
N LEU D 220 29.03 18.27 -7.42
CA LEU D 220 28.19 19.16 -8.22
C LEU D 220 29.02 19.96 -9.20
N VAL D 221 28.47 20.17 -10.39
CA VAL D 221 29.13 21.03 -11.38
C VAL D 221 28.10 21.94 -12.04
N ALA D 222 28.11 23.20 -11.64
CA ALA D 222 27.11 24.16 -12.10
C ALA D 222 27.21 24.41 -13.60
N SER D 223 26.06 24.41 -14.26
CA SER D 223 25.98 24.61 -15.71
C SER D 223 24.66 25.34 -16.03
N PRO D 224 24.45 26.50 -15.41
CA PRO D 224 23.19 27.25 -15.54
C PRO D 224 23.01 27.90 -16.91
N GLY D 225 21.76 28.03 -17.35
CA GLY D 225 21.44 28.64 -18.64
C GLY D 225 20.19 28.04 -19.24
N HIS D 226 20.25 26.73 -19.52
CA HIS D 226 19.10 26.00 -20.02
C HIS D 226 17.95 26.25 -19.04
N THR D 227 18.30 26.22 -17.76
CA THR D 227 17.43 26.71 -16.68
C THR D 227 18.33 27.41 -15.67
N PRO D 228 17.75 28.31 -14.87
CA PRO D 228 18.53 29.15 -13.94
C PRO D 228 19.35 28.32 -12.95
N GLY D 229 18.81 27.16 -12.57
CA GLY D 229 19.46 26.31 -11.59
C GLY D 229 20.04 25.04 -12.21
N HIS D 230 20.13 25.00 -13.53
CA HIS D 230 20.64 23.82 -14.23
C HIS D 230 21.97 23.35 -13.65
N THR D 231 22.11 22.04 -13.50
CA THR D 231 23.26 21.47 -12.81
C THR D 231 23.75 20.19 -13.50
N SER D 232 25.06 20.01 -13.52
CA SER D 232 25.69 18.80 -14.04
C SER D 232 26.27 18.02 -12.87
N TYR D 233 26.38 16.71 -13.04
CA TYR D 233 26.81 15.84 -11.94
C TYR D 233 28.06 15.03 -12.29
N LEU D 234 29.05 15.11 -11.39
CA LEU D 234 30.37 14.54 -11.61
C LEU D 234 30.60 13.30 -10.75
N PHE D 235 30.97 12.21 -11.42
CA PHE D 235 31.26 10.93 -10.78
C PHE D 235 32.73 10.53 -10.98
N LYS D 236 33.37 10.15 -9.87
CA LYS D 236 34.80 9.86 -9.86
C LYS D 236 35.09 8.50 -9.24
N SER D 237 35.95 7.74 -9.89
CA SER D 237 36.43 6.46 -9.36
C SER D 237 37.56 5.93 -10.22
N GLY D 238 38.54 5.29 -9.58
CA GLY D 238 39.64 4.65 -10.28
C GLY D 238 40.35 5.56 -11.28
N GLY D 239 40.49 6.83 -10.92
CA GLY D 239 41.10 7.81 -11.79
C GLY D 239 40.25 8.13 -13.01
N GLN D 240 39.06 7.53 -13.07
CA GLN D 240 38.13 7.77 -14.16
C GLN D 240 37.16 8.85 -13.73
N SER D 241 36.62 9.57 -14.70
CA SER D 241 35.73 10.69 -14.42
C SER D 241 34.60 10.71 -15.42
N LEU D 242 33.36 10.75 -14.92
CA LEU D 242 32.19 10.88 -15.77
C LEU D 242 31.44 12.14 -15.39
N LEU D 243 30.93 12.83 -16.41
CA LEU D 243 30.07 13.98 -16.19
C LEU D 243 28.71 13.77 -16.84
N VAL D 244 27.69 13.60 -15.99
CA VAL D 244 26.32 13.54 -16.48
C VAL D 244 25.84 14.97 -16.57
N TRP D 245 25.84 15.51 -17.78
CA TRP D 245 25.87 16.96 -17.95
C TRP D 245 24.51 17.62 -18.21
N GLY D 246 23.49 16.82 -18.49
CA GLY D 246 22.14 17.31 -18.66
C GLY D 246 21.79 17.68 -20.09
N ASP D 247 21.32 18.92 -20.25
CA ASP D 247 20.78 19.42 -21.52
C ASP D 247 21.62 20.56 -22.05
N ILE D 248 22.91 20.50 -21.73
CA ILE D 248 23.86 21.46 -22.27
C ILE D 248 23.87 21.35 -23.79
N LEU D 249 23.52 20.16 -24.29
CA LEU D 249 23.40 19.93 -25.73
C LEU D 249 22.07 19.26 -26.05
N LEU D 250 21.43 19.75 -27.12
CA LEU D 250 20.15 19.23 -27.58
C LEU D 250 20.31 18.60 -28.95
N ASN D 251 21.34 19.02 -29.69
CA ASN D 251 21.64 18.48 -31.00
C ASN D 251 23.15 18.30 -31.21
N HIS D 252 23.57 17.06 -31.40
CA HIS D 252 24.98 16.70 -31.51
C HIS D 252 25.57 17.06 -32.87
N ALA D 253 24.74 16.99 -33.91
CA ALA D 253 25.19 17.23 -35.28
C ALA D 253 25.53 18.71 -35.46
N VAL D 254 24.94 19.56 -34.63
CA VAL D 254 25.01 21.01 -34.79
C VAL D 254 25.84 21.66 -33.69
N GLN D 255 25.44 21.43 -32.45
CA GLN D 255 25.96 22.18 -31.30
C GLN D 255 27.38 21.79 -30.89
N PHE D 256 27.95 20.78 -31.53
CA PHE D 256 29.32 20.39 -31.23
C PHE D 256 30.28 21.18 -32.08
N ALA D 257 30.01 21.23 -33.38
CA ALA D 257 30.83 22.00 -34.30
C ALA D 257 30.62 23.49 -34.07
N LYS D 258 29.47 23.84 -33.49
N LYS D 258 29.48 23.82 -33.48
CA LYS D 258 29.11 25.23 -33.26
CA LYS D 258 29.10 25.22 -33.25
C LYS D 258 28.35 25.39 -31.94
C LYS D 258 28.35 25.38 -31.93
N PRO D 259 29.10 25.45 -30.82
CA PRO D 259 28.50 25.63 -29.49
C PRO D 259 27.75 26.95 -29.33
N GLU D 260 28.06 27.94 -30.17
CA GLU D 260 27.44 29.26 -30.06
C GLU D 260 25.94 29.18 -30.31
N VAL D 261 25.52 28.12 -31.01
CA VAL D 261 24.11 27.89 -31.33
C VAL D 261 23.31 27.59 -30.07
N VAL D 262 22.10 28.14 -30.01
CA VAL D 262 21.27 28.04 -28.82
C VAL D 262 19.90 27.45 -29.13
N PHE D 263 19.16 27.17 -28.06
CA PHE D 263 17.89 26.47 -28.13
C PHE D 263 16.78 27.38 -27.64
N GLU D 264 15.66 27.39 -28.37
CA GLU D 264 14.53 28.27 -28.09
C GLU D 264 14.11 28.22 -26.64
N PHE D 265 14.03 27.01 -26.09
CA PHE D 265 13.55 26.80 -24.74
C PHE D 265 14.70 26.70 -23.72
N ASP D 266 15.82 27.36 -24.04
CA ASP D 266 16.77 27.75 -23.01
C ASP D 266 16.17 28.98 -22.34
N VAL D 267 16.17 29.01 -21.01
CA VAL D 267 15.67 30.18 -20.29
C VAL D 267 16.64 31.34 -20.49
N ASP D 268 17.93 31.04 -20.43
CA ASP D 268 18.98 32.04 -20.66
C ASP D 268 19.98 31.46 -21.66
N SER D 269 19.70 31.71 -22.94
CA SER D 269 20.49 31.13 -24.03
C SER D 269 21.96 31.52 -23.96
N ASP D 270 22.23 32.80 -23.74
CA ASP D 270 23.61 33.30 -23.69
C ASP D 270 24.39 32.61 -22.58
N GLN D 271 23.75 32.50 -21.41
CA GLN D 271 24.37 31.86 -20.26
C GLN D 271 24.55 30.37 -20.50
N ALA D 272 23.59 29.78 -21.23
CA ALA D 272 23.63 28.36 -21.56
C ALA D 272 24.80 28.06 -22.48
N ARG D 273 24.94 28.88 -23.52
CA ARG D 273 26.08 28.82 -24.43
C ARG D 273 27.37 29.00 -23.63
N GLN D 274 27.39 30.05 -22.82
CA GLN D 274 28.52 30.36 -21.96
C GLN D 274 28.95 29.15 -21.13
N SER D 275 28.00 28.52 -20.46
CA SER D 275 28.28 27.32 -19.67
C SER D 275 28.76 26.18 -20.58
N ARG D 276 28.06 25.99 -21.69
CA ARG D 276 28.38 24.91 -22.63
C ARG D 276 29.82 24.96 -23.09
N GLN D 277 30.26 26.11 -23.59
CA GLN D 277 31.63 26.23 -24.10
C GLN D 277 32.66 25.85 -23.03
N ARG D 278 32.44 26.36 -21.82
CA ARG D 278 33.27 26.02 -20.67
C ARG D 278 33.30 24.51 -20.47
N ILE D 279 32.12 23.91 -20.33
CA ILE D 279 32.02 22.47 -20.07
C ILE D 279 32.67 21.65 -21.19
N LEU D 280 32.49 22.08 -22.44
CA LEU D 280 33.08 21.39 -23.59
C LEU D 280 34.60 21.44 -23.51
N ALA D 281 35.14 22.66 -23.39
CA ALA D 281 36.58 22.85 -23.31
C ALA D 281 37.17 22.01 -22.17
N GLU D 282 36.64 22.21 -20.97
CA GLU D 282 37.15 21.54 -19.77
C GLU D 282 37.01 20.03 -19.87
N ALA D 283 36.17 19.56 -20.79
CA ALA D 283 35.92 18.14 -20.97
C ALA D 283 36.82 17.55 -22.05
N ALA D 284 37.07 18.31 -23.11
CA ALA D 284 38.00 17.89 -24.15
C ALA D 284 39.41 17.86 -23.57
N THR D 285 39.72 18.86 -22.75
CA THR D 285 41.02 18.92 -22.10
C THR D 285 41.19 17.79 -21.09
N ASP D 286 40.34 17.76 -20.07
CA ASP D 286 40.40 16.72 -19.04
C ASP D 286 40.04 15.34 -19.61
N LYS D 287 39.54 15.32 -20.84
CA LYS D 287 39.38 14.09 -21.62
C LYS D 287 38.44 13.07 -20.96
N LEU D 288 37.58 13.54 -20.06
CA LEU D 288 36.78 12.64 -19.23
C LEU D 288 35.50 12.15 -19.91
N TRP D 289 34.84 11.18 -19.27
CA TRP D 289 33.61 10.59 -19.79
C TRP D 289 32.45 11.56 -19.68
N VAL D 290 31.54 11.49 -20.64
CA VAL D 290 30.37 12.36 -20.68
C VAL D 290 29.10 11.57 -20.94
N ALA D 291 28.08 11.84 -20.12
CA ALA D 291 26.74 11.29 -20.33
C ALA D 291 25.76 12.45 -20.56
N GLY D 292 25.03 12.37 -21.68
CA GLY D 292 24.17 13.45 -22.14
C GLY D 292 22.73 12.99 -22.36
N ALA D 293 21.80 13.78 -21.86
CA ALA D 293 20.39 13.42 -21.85
C ALA D 293 19.76 13.30 -23.22
N HIS D 294 20.21 14.11 -24.17
CA HIS D 294 19.61 14.14 -25.51
C HIS D 294 20.59 13.78 -26.62
N LEU D 295 21.73 13.21 -26.23
CA LEU D 295 22.64 12.63 -27.19
C LEU D 295 22.06 11.30 -27.64
N PRO D 296 22.40 10.85 -28.86
CA PRO D 296 21.91 9.55 -29.31
C PRO D 296 22.25 8.46 -28.30
N PHE D 297 21.26 7.64 -27.99
CA PHE D 297 21.38 6.63 -26.95
C PHE D 297 22.48 5.65 -27.35
N PRO D 298 23.34 5.24 -26.40
CA PRO D 298 23.35 5.49 -24.94
C PRO D 298 23.72 6.91 -24.52
N GLY D 299 24.07 7.77 -25.47
CA GLY D 299 24.50 9.12 -25.14
C GLY D 299 25.79 9.14 -24.34
N LEU D 300 26.54 8.04 -24.42
CA LEU D 300 27.83 7.95 -23.75
C LEU D 300 28.95 8.09 -24.77
N GLY D 301 30.08 8.61 -24.32
CA GLY D 301 31.18 8.88 -25.22
C GLY D 301 32.14 9.92 -24.70
N HIS D 302 32.92 10.50 -25.61
CA HIS D 302 33.90 11.53 -25.26
C HIS D 302 33.74 12.75 -26.14
N VAL D 303 34.28 13.87 -25.67
CA VAL D 303 34.34 15.09 -26.47
C VAL D 303 35.74 15.30 -27.01
N ARG D 304 35.81 15.70 -28.28
CA ARG D 304 37.08 16.04 -28.92
C ARG D 304 37.03 17.51 -29.32
N LYS D 305 38.17 18.18 -29.22
CA LYS D 305 38.30 19.54 -29.72
C LYS D 305 38.85 19.49 -31.15
N GLU D 306 38.01 19.87 -32.11
CA GLU D 306 38.45 19.96 -33.49
C GLU D 306 38.98 21.37 -33.78
N ALA D 307 39.19 21.69 -35.05
CA ALA D 307 39.74 22.97 -35.46
C ALA D 307 38.85 24.12 -35.00
N GLN D 308 37.65 24.18 -35.56
CA GLN D 308 36.64 25.12 -35.13
C GLN D 308 35.45 24.35 -34.57
N GLY D 309 35.38 24.28 -33.25
CA GLY D 309 34.30 23.58 -32.58
C GLY D 309 34.82 22.34 -31.87
N TYR D 310 33.93 21.38 -31.68
CA TYR D 310 34.24 20.14 -30.99
C TYR D 310 33.62 18.98 -31.77
N ALA D 311 33.79 17.77 -31.27
CA ALA D 311 33.25 16.59 -31.93
C ALA D 311 32.86 15.54 -30.90
N TRP D 312 31.84 14.76 -31.22
CA TRP D 312 31.31 13.75 -30.30
C TRP D 312 31.77 12.36 -30.70
N VAL D 313 32.39 11.65 -29.77
CA VAL D 313 32.82 10.27 -30.01
C VAL D 313 31.97 9.31 -29.19
N PRO D 314 31.02 8.61 -29.84
CA PRO D 314 30.19 7.67 -29.08
C PRO D 314 31.00 6.47 -28.61
N VAL D 315 30.64 5.91 -27.47
CA VAL D 315 31.26 4.70 -26.97
C VAL D 315 31.05 3.57 -27.96
N GLU D 316 32.00 2.63 -28.01
CA GLU D 316 31.88 1.45 -28.86
C GLU D 316 31.24 0.33 -28.07
N PHE D 317 30.33 -0.38 -28.71
CA PHE D 317 29.56 -1.44 -28.05
C PHE D 317 30.49 -2.50 -27.48
N SER D 318 30.56 -2.58 -26.15
CA SER D 318 31.43 -3.54 -25.47
C SER D 318 30.80 -3.98 -24.15
N PRO D 319 31.10 -5.22 -23.71
CA PRO D 319 30.65 -5.64 -22.38
C PRO D 319 31.67 -5.30 -21.30
N ILE D 320 31.25 -5.41 -20.04
CA ILE D 320 32.12 -5.15 -18.90
C ILE D 320 33.20 -6.22 -18.82
N ARG D 321 34.38 -5.91 -19.35
CA ARG D 321 35.50 -6.83 -19.33
C ARG D 321 36.22 -6.82 -17.99
N SER D 322 36.34 -8.00 -17.38
CA SER D 322 36.96 -8.15 -16.07
C SER D 322 38.48 -8.08 -16.18
N ASP D 323 38.98 -7.14 -16.97
CA ASP D 323 40.42 -7.02 -17.20
C ASP D 323 40.72 -5.78 -18.04
N ALA E 26 24.79 -0.54 -0.57
CA ALA E 26 24.00 -0.57 -1.79
C ALA E 26 23.87 -2.00 -2.32
N PRO E 27 22.95 -2.21 -3.28
CA PRO E 27 22.86 -3.52 -3.94
C PRO E 27 24.10 -3.84 -4.75
N ALA E 28 24.28 -5.12 -5.07
CA ALA E 28 25.44 -5.55 -5.84
C ALA E 28 25.26 -5.20 -7.31
N GLN E 29 26.38 -4.93 -7.97
CA GLN E 29 26.39 -4.63 -9.39
C GLN E 29 25.95 -5.84 -10.21
N GLN E 30 25.11 -5.59 -11.21
CA GLN E 30 24.68 -6.62 -12.12
C GLN E 30 25.86 -7.06 -12.97
N LYS E 31 26.62 -6.07 -13.44
CA LYS E 31 27.83 -6.29 -14.23
C LYS E 31 27.59 -7.09 -15.52
N THR E 32 26.32 -7.24 -15.89
CA THR E 32 25.97 -7.87 -17.17
C THR E 32 25.80 -6.76 -18.19
N GLN E 33 25.38 -7.13 -19.40
CA GLN E 33 25.19 -6.15 -20.46
C GLN E 33 23.90 -6.42 -21.23
N VAL E 34 23.39 -5.38 -21.89
CA VAL E 34 22.22 -5.50 -22.73
C VAL E 34 22.52 -6.53 -23.80
N PRO E 35 21.53 -7.35 -24.19
CA PRO E 35 21.77 -8.31 -25.27
C PRO E 35 22.31 -7.61 -26.51
N GLY E 36 23.17 -8.28 -27.26
CA GLY E 36 23.77 -7.71 -28.45
C GLY E 36 22.94 -7.96 -29.68
N TYR E 37 21.72 -7.42 -29.70
CA TYR E 37 20.93 -7.40 -30.93
C TYR E 37 20.30 -6.02 -31.12
N TYR E 38 20.07 -5.64 -32.38
CA TYR E 38 19.43 -4.36 -32.68
C TYR E 38 18.56 -4.44 -33.92
N ARG E 39 17.39 -3.79 -33.86
CA ARG E 39 16.40 -3.86 -34.94
C ARG E 39 16.40 -2.58 -35.75
N MET E 40 16.15 -2.72 -37.05
CA MET E 40 16.27 -1.60 -37.97
C MET E 40 15.07 -1.53 -38.90
N ALA E 41 15.11 -0.60 -39.84
CA ALA E 41 13.96 -0.30 -40.68
C ALA E 41 14.43 -0.02 -42.09
N LEU E 42 14.06 -0.91 -43.01
CA LEU E 42 14.43 -0.77 -44.41
C LEU E 42 13.26 -1.20 -45.28
N GLY E 43 12.37 -0.26 -45.59
CA GLY E 43 11.15 -0.57 -46.31
C GLY E 43 10.37 -1.63 -45.57
N ASP E 44 10.01 -2.70 -46.28
CA ASP E 44 9.36 -3.86 -45.67
C ASP E 44 10.42 -4.77 -45.03
N PHE E 45 11.69 -4.53 -45.33
CA PHE E 45 12.75 -5.43 -44.89
C PHE E 45 13.16 -5.15 -43.45
N GLU E 46 13.07 -6.19 -42.61
CA GLU E 46 13.43 -6.09 -41.20
C GLU E 46 14.83 -6.61 -40.96
N VAL E 47 15.78 -5.69 -40.80
CA VAL E 47 17.14 -6.04 -40.43
C VAL E 47 17.19 -6.35 -38.94
N THR E 48 18.13 -7.19 -38.55
CA THR E 48 18.37 -7.46 -37.14
C THR E 48 19.85 -7.72 -36.94
N ALA E 49 20.55 -6.73 -36.40
CA ALA E 49 21.99 -6.83 -36.21
C ALA E 49 22.24 -7.65 -34.96
N LEU E 50 23.26 -8.50 -35.03
CA LEU E 50 23.58 -9.46 -33.97
C LEU E 50 25.06 -9.45 -33.64
N TYR E 51 25.36 -9.44 -32.34
CA TYR E 51 26.72 -9.41 -31.84
C TYR E 51 27.23 -10.83 -31.59
N ASP E 52 28.47 -11.10 -31.96
CA ASP E 52 29.08 -12.39 -31.66
C ASP E 52 30.12 -12.24 -30.57
N GLY E 53 30.67 -11.03 -30.46
CA GLY E 53 31.65 -10.74 -29.43
C GLY E 53 32.75 -9.86 -29.95
N TYR E 54 33.86 -9.84 -29.20
CA TYR E 54 35.01 -9.01 -29.53
C TYR E 54 36.28 -9.84 -29.51
N VAL E 55 37.21 -9.51 -30.40
CA VAL E 55 38.56 -10.04 -30.31
C VAL E 55 39.56 -8.89 -30.21
N ASP E 56 40.45 -8.98 -29.23
CA ASP E 56 41.42 -7.93 -28.99
C ASP E 56 42.60 -8.10 -29.94
N LEU E 57 42.66 -7.25 -30.97
CA LEU E 57 43.70 -7.33 -31.99
C LEU E 57 44.81 -6.30 -31.77
N PRO E 58 46.04 -6.76 -31.49
CA PRO E 58 47.22 -5.90 -31.37
C PRO E 58 47.34 -4.86 -32.49
N ALA E 59 48.05 -3.77 -32.21
CA ALA E 59 48.12 -2.63 -33.11
C ALA E 59 48.99 -2.94 -34.33
N SER E 60 50.06 -3.69 -34.09
CA SER E 60 51.05 -3.99 -35.12
C SER E 60 50.58 -5.07 -36.10
N LEU E 61 49.38 -4.89 -36.65
CA LEU E 61 48.79 -5.88 -37.53
C LEU E 61 48.34 -5.26 -38.85
N LEU E 62 48.68 -3.98 -39.05
CA LEU E 62 48.26 -3.25 -40.24
C LEU E 62 49.34 -2.28 -40.65
N LYS E 63 49.33 -1.89 -41.91
CA LYS E 63 50.42 -1.11 -42.49
C LYS E 63 49.95 -0.18 -43.59
N GLY E 64 50.71 0.89 -43.79
CA GLY E 64 50.39 1.92 -44.77
C GLY E 64 50.90 3.25 -44.28
N ILE E 65 51.14 3.33 -42.96
CA ILE E 65 51.51 4.57 -42.29
C ILE E 65 52.36 4.25 -41.07
N ASP E 66 52.88 5.30 -40.43
CA ASP E 66 53.76 5.13 -39.27
C ASP E 66 52.97 4.63 -38.06
N ASP E 67 53.64 4.57 -36.92
CA ASP E 67 53.03 4.07 -35.69
C ASP E 67 52.46 5.22 -34.85
N LYS E 68 53.35 6.13 -34.44
CA LYS E 68 52.95 7.28 -33.64
C LYS E 68 51.94 8.14 -34.39
N ASP E 69 52.05 8.14 -35.72
CA ASP E 69 51.10 8.84 -36.58
C ASP E 69 49.71 8.23 -36.44
N LEU E 70 49.68 6.91 -36.31
CA LEU E 70 48.43 6.17 -36.25
C LEU E 70 47.88 6.12 -34.83
N GLN E 71 48.76 5.93 -33.85
CA GLN E 71 48.36 5.92 -32.44
C GLN E 71 47.86 7.29 -31.99
N SER E 72 47.84 8.25 -32.92
CA SER E 72 47.14 9.51 -32.74
C SER E 72 45.73 9.35 -33.31
N LEU E 73 45.64 8.73 -34.48
CA LEU E 73 44.35 8.32 -35.04
C LEU E 73 43.86 7.14 -34.23
N LEU E 74 43.59 7.38 -32.95
CA LEU E 74 43.51 6.31 -31.99
C LEU E 74 42.95 6.86 -30.69
N ALA E 75 43.78 7.60 -29.97
CA ALA E 75 43.32 8.40 -28.84
C ALA E 75 42.36 9.46 -29.37
N ARG E 76 42.49 9.75 -30.65
CA ARG E 76 41.55 10.64 -31.34
C ARG E 76 40.13 10.08 -31.21
N MET E 77 39.99 8.79 -31.50
CA MET E 77 38.71 8.09 -31.40
C MET E 77 38.65 7.28 -30.12
N PHE E 78 39.63 7.50 -29.24
CA PHE E 78 39.66 6.86 -27.92
C PHE E 78 39.65 5.34 -28.02
N VAL E 79 40.35 4.82 -29.04
CA VAL E 79 40.45 3.38 -29.26
C VAL E 79 41.73 2.85 -28.64
N ALA E 80 41.70 2.52 -27.35
CA ALA E 80 42.88 1.99 -26.68
C ALA E 80 43.38 0.73 -27.40
N SER E 81 44.56 0.84 -28.01
CA SER E 81 45.15 -0.27 -28.77
C SER E 81 46.47 -0.73 -28.15
N GLU E 82 46.67 -0.39 -26.87
CA GLU E 82 47.83 -0.88 -26.15
C GLU E 82 47.79 -2.39 -26.10
N LYS E 83 46.79 -2.91 -25.39
CA LYS E 83 46.56 -4.35 -25.32
C LYS E 83 45.74 -4.83 -26.53
N GLY E 84 45.72 -4.02 -27.58
CA GLY E 84 45.12 -4.40 -28.84
C GLY E 84 43.82 -3.67 -29.15
N VAL E 85 43.55 -3.54 -30.44
CA VAL E 85 42.28 -3.01 -30.93
C VAL E 85 41.17 -4.03 -30.72
N GLN E 86 40.41 -3.85 -29.64
CA GLN E 86 39.20 -4.62 -29.41
C GLN E 86 38.28 -4.45 -30.61
N THR E 87 38.08 -5.52 -31.38
CA THR E 87 37.30 -5.47 -32.61
C THR E 87 36.06 -6.34 -32.53
N ALA E 88 34.97 -5.82 -33.09
CA ALA E 88 33.67 -6.48 -33.05
C ALA E 88 33.54 -7.51 -34.17
N VAL E 89 32.60 -8.43 -34.00
CA VAL E 89 32.23 -9.38 -35.03
C VAL E 89 30.71 -9.43 -35.11
N ASN E 90 30.15 -8.86 -36.17
CA ASN E 90 28.71 -8.67 -36.28
C ASN E 90 28.10 -9.60 -37.32
N ALA E 91 27.07 -10.32 -36.90
CA ALA E 91 26.26 -11.13 -37.80
C ALA E 91 25.01 -10.33 -38.07
N TYR E 92 24.35 -10.61 -39.20
CA TYR E 92 23.14 -9.85 -39.55
C TYR E 92 22.03 -10.74 -40.06
N LEU E 93 20.87 -10.65 -39.41
CA LEU E 93 19.69 -11.40 -39.79
C LEU E 93 18.70 -10.47 -40.47
N ILE E 94 17.94 -10.99 -41.42
CA ILE E 94 17.04 -10.16 -42.22
C ILE E 94 15.76 -10.88 -42.60
N ASN E 95 14.64 -10.18 -42.44
CA ASN E 95 13.32 -10.70 -42.84
C ASN E 95 12.69 -9.80 -43.90
N THR E 96 12.65 -10.30 -45.13
CA THR E 96 12.02 -9.57 -46.25
C THR E 96 10.62 -10.13 -46.53
N GLY E 97 10.19 -11.09 -45.72
CA GLY E 97 8.94 -11.78 -45.94
C GLY E 97 9.13 -12.96 -46.87
N ASP E 98 9.94 -12.77 -47.90
CA ASP E 98 10.22 -13.81 -48.89
C ASP E 98 11.56 -14.51 -48.61
N ASN E 99 12.20 -14.12 -47.51
CA ASN E 99 13.45 -14.75 -47.08
C ASN E 99 13.85 -14.30 -45.68
N LEU E 100 14.37 -15.25 -44.91
CA LEU E 100 14.89 -14.95 -43.57
C LEU E 100 16.40 -15.13 -43.59
N VAL E 101 17.10 -14.10 -44.09
CA VAL E 101 18.51 -14.21 -44.44
C VAL E 101 19.42 -13.93 -43.26
N LEU E 102 20.43 -14.78 -43.09
CA LEU E 102 21.41 -14.61 -42.04
C LEU E 102 22.79 -14.47 -42.66
N ILE E 103 23.28 -13.23 -42.76
CA ILE E 103 24.67 -13.03 -43.15
C ILE E 103 25.57 -13.33 -41.96
N ASP E 104 26.46 -14.30 -42.17
CA ASP E 104 27.45 -14.70 -41.18
C ASP E 104 26.82 -15.36 -39.96
N THR E 105 27.65 -16.00 -39.15
CA THR E 105 27.17 -16.84 -38.06
C THR E 105 27.99 -16.67 -36.80
N GLY E 106 29.04 -15.85 -36.88
CA GLY E 106 29.93 -15.64 -35.76
C GLY E 106 31.13 -16.56 -35.84
N ALA E 107 31.72 -16.85 -34.68
CA ALA E 107 32.96 -17.59 -34.61
C ALA E 107 32.85 -18.81 -33.70
N ALA E 108 31.69 -18.98 -33.08
CA ALA E 108 31.49 -20.05 -32.10
C ALA E 108 32.62 -20.01 -31.07
N GLN E 109 33.37 -21.10 -30.95
CA GLN E 109 34.52 -21.15 -30.06
C GLN E 109 35.82 -21.24 -30.85
N CYS E 110 35.74 -21.03 -32.17
CA CYS E 110 36.92 -21.07 -33.05
C CYS E 110 37.90 -19.93 -32.77
N PHE E 111 37.63 -19.12 -31.76
CA PHE E 111 38.52 -17.99 -31.43
C PHE E 111 38.61 -17.70 -29.93
N GLY E 112 37.85 -18.44 -29.12
CA GLY E 112 37.84 -18.19 -27.68
C GLY E 112 36.45 -18.00 -27.11
N PRO E 113 36.38 -17.67 -25.79
CA PRO E 113 35.15 -17.52 -25.01
C PRO E 113 34.55 -16.11 -25.06
N THR E 114 35.23 -15.18 -25.73
CA THR E 114 34.73 -13.83 -25.87
C THR E 114 33.85 -13.75 -27.12
N LEU E 115 33.90 -14.81 -27.93
CA LEU E 115 33.15 -14.90 -29.18
C LEU E 115 32.14 -16.04 -29.12
N GLY E 116 31.33 -16.18 -30.16
CA GLY E 116 30.34 -17.25 -30.23
C GLY E 116 29.07 -16.93 -29.45
N VAL E 117 28.50 -15.75 -29.70
CA VAL E 117 27.31 -15.31 -28.96
C VAL E 117 26.19 -14.85 -29.91
N VAL E 118 26.36 -15.09 -31.21
CA VAL E 118 25.32 -14.76 -32.19
C VAL E 118 24.01 -15.44 -31.85
N GLN E 119 24.02 -16.77 -31.94
CA GLN E 119 22.82 -17.59 -31.74
C GLN E 119 22.13 -17.25 -30.41
N THR E 120 22.94 -16.97 -29.39
CA THR E 120 22.43 -16.52 -28.10
C THR E 120 21.68 -15.22 -28.31
N ASN E 121 22.36 -14.23 -28.89
CA ASN E 121 21.76 -12.94 -29.18
C ASN E 121 20.71 -13.02 -30.30
N LEU E 122 20.68 -14.14 -31.00
CA LEU E 122 19.69 -14.35 -32.05
C LEU E 122 18.37 -14.73 -31.42
N LYS E 123 18.39 -15.80 -30.63
CA LYS E 123 17.15 -16.25 -29.98
C LYS E 123 16.55 -15.12 -29.16
N ALA E 124 17.41 -14.26 -28.63
CA ALA E 124 17.00 -13.15 -27.78
C ALA E 124 16.21 -12.10 -28.55
N SER E 125 16.47 -11.99 -29.86
CA SER E 125 15.83 -10.97 -30.68
C SER E 125 14.44 -11.39 -31.14
N GLY E 126 13.96 -12.53 -30.65
CA GLY E 126 12.65 -13.03 -31.01
C GLY E 126 12.65 -13.86 -32.28
N TYR E 127 13.66 -14.72 -32.41
CA TYR E 127 13.76 -15.62 -33.55
C TYR E 127 14.31 -16.97 -33.11
N GLN E 128 14.43 -17.88 -34.06
CA GLN E 128 14.99 -19.19 -33.80
C GLN E 128 15.84 -19.64 -35.00
N PRO E 129 16.91 -20.41 -34.75
CA PRO E 129 17.77 -20.85 -35.85
C PRO E 129 17.01 -21.61 -36.93
N GLU E 130 16.19 -22.56 -36.48
CA GLU E 130 15.42 -23.41 -37.39
C GLU E 130 14.55 -22.61 -38.36
N GLN E 131 14.23 -21.38 -38.01
CA GLN E 131 13.43 -20.52 -38.87
C GLN E 131 14.25 -20.03 -40.06
N VAL E 132 15.57 -20.04 -39.91
CA VAL E 132 16.45 -19.47 -40.92
C VAL E 132 16.61 -20.41 -42.12
N ASP E 133 16.55 -19.82 -43.30
CA ASP E 133 16.75 -20.56 -44.55
C ASP E 133 18.05 -20.10 -45.22
N THR E 134 17.98 -19.09 -46.08
CA THR E 134 19.16 -18.59 -46.77
C THR E 134 20.23 -18.14 -45.79
N VAL E 135 21.48 -18.46 -46.10
CA VAL E 135 22.62 -18.07 -45.27
C VAL E 135 23.78 -17.64 -46.16
N LEU E 136 23.76 -16.36 -46.54
CA LEU E 136 24.88 -15.77 -47.25
C LEU E 136 26.07 -15.76 -46.31
N LEU E 137 27.26 -15.89 -46.89
CA LEU E 137 28.48 -15.95 -46.11
C LEU E 137 29.55 -15.12 -46.79
N THR E 138 29.67 -13.87 -46.35
CA THR E 138 30.62 -12.88 -46.89
C THR E 138 31.91 -13.52 -47.42
N HIS E 139 32.48 -14.41 -46.62
CA HIS E 139 33.64 -15.18 -47.01
C HIS E 139 33.84 -16.26 -45.97
N LEU E 140 34.62 -17.28 -46.31
CA LEU E 140 34.66 -18.51 -45.52
C LEU E 140 35.54 -18.41 -44.27
N HIS E 141 35.96 -17.20 -43.91
CA HIS E 141 36.78 -17.03 -42.71
C HIS E 141 36.05 -17.52 -41.45
N PRO E 142 36.82 -17.86 -40.41
CA PRO E 142 36.26 -18.53 -39.23
C PRO E 142 35.22 -17.70 -38.51
N ASP E 143 35.44 -16.39 -38.44
CA ASP E 143 34.53 -15.49 -37.74
C ASP E 143 33.26 -15.20 -38.55
N HIS E 144 32.99 -16.04 -39.55
CA HIS E 144 31.81 -15.89 -40.39
C HIS E 144 31.16 -17.23 -40.72
N ALA E 145 31.73 -18.33 -40.21
CA ALA E 145 31.27 -19.66 -40.57
C ALA E 145 31.39 -20.69 -39.45
N CYS E 146 32.32 -20.50 -38.52
CA CYS E 146 32.50 -21.45 -37.42
C CYS E 146 31.23 -21.57 -36.58
N GLY E 147 30.46 -20.49 -36.53
CA GLY E 147 29.22 -20.46 -35.77
C GLY E 147 28.13 -21.32 -36.38
N LEU E 148 28.41 -21.89 -37.55
CA LEU E 148 27.44 -22.74 -38.24
C LEU E 148 27.36 -24.13 -37.63
N VAL E 149 28.16 -24.37 -36.59
CA VAL E 149 28.18 -25.66 -35.92
C VAL E 149 28.30 -25.50 -34.40
N ASN E 150 27.45 -26.25 -33.67
CA ASN E 150 27.47 -26.21 -32.22
C ASN E 150 28.58 -27.08 -31.64
N ALA E 151 28.70 -27.08 -30.32
CA ALA E 151 29.81 -27.73 -29.64
C ALA E 151 29.66 -29.26 -29.59
N ASP E 152 28.61 -29.78 -30.21
CA ASP E 152 28.42 -31.23 -30.32
C ASP E 152 28.10 -31.62 -31.76
N GLY E 153 28.60 -30.84 -32.71
CA GLY E 153 28.45 -31.14 -34.13
C GLY E 153 27.07 -30.83 -34.66
N SER E 154 26.16 -30.47 -33.76
CA SER E 154 24.79 -30.14 -34.15
C SER E 154 24.80 -28.94 -35.09
N PRO E 155 24.19 -29.09 -36.28
CA PRO E 155 24.17 -27.92 -37.16
C PRO E 155 23.32 -26.82 -36.53
N ALA E 156 23.95 -25.71 -36.17
CA ALA E 156 23.27 -24.66 -35.41
C ALA E 156 22.08 -24.07 -36.17
N TYR E 157 22.17 -24.05 -37.50
CA TYR E 157 21.13 -23.48 -38.35
C TYR E 157 20.67 -24.48 -39.41
N PRO E 158 19.83 -25.46 -39.01
CA PRO E 158 19.32 -26.54 -39.87
C PRO E 158 18.75 -26.15 -41.24
N ASN E 159 17.45 -25.95 -41.36
CA ASN E 159 16.78 -25.82 -42.66
C ASN E 159 17.33 -24.68 -43.51
N ALA E 160 18.62 -24.71 -43.79
CA ALA E 160 19.32 -23.55 -44.33
C ALA E 160 19.92 -23.80 -45.72
N THR E 161 19.51 -22.98 -46.68
CA THR E 161 20.08 -23.01 -48.02
C THR E 161 21.38 -22.22 -48.03
N VAL E 162 22.40 -22.78 -47.37
CA VAL E 162 23.69 -22.11 -47.22
C VAL E 162 24.31 -21.83 -48.58
N GLU E 163 25.01 -20.70 -48.68
CA GLU E 163 25.64 -20.28 -49.92
C GLU E 163 27.16 -20.26 -49.77
N VAL E 164 27.85 -20.27 -50.91
CA VAL E 164 29.30 -20.23 -50.93
C VAL E 164 29.79 -19.34 -52.08
N PRO E 165 30.74 -18.44 -51.80
CA PRO E 165 31.27 -17.58 -52.88
C PRO E 165 32.22 -18.35 -53.81
N GLN E 166 32.83 -17.64 -54.76
CA GLN E 166 33.70 -18.27 -55.76
C GLN E 166 32.95 -19.36 -56.52
N LEU E 214 19.98 -12.97 -57.21
CA LEU E 214 19.82 -14.02 -56.21
C LEU E 214 18.36 -14.15 -55.79
N LEU E 215 18.07 -13.86 -54.53
CA LEU E 215 16.73 -14.00 -53.97
C LEU E 215 16.10 -12.63 -53.76
N PRO E 216 14.75 -12.55 -53.73
CA PRO E 216 13.95 -11.32 -53.68
C PRO E 216 14.64 -10.09 -53.09
N GLY E 217 14.93 -9.11 -53.94
CA GLY E 217 15.60 -7.89 -53.52
C GLY E 217 17.11 -8.10 -53.41
N VAL E 218 17.50 -9.22 -52.81
CA VAL E 218 18.91 -9.53 -52.62
C VAL E 218 19.53 -9.84 -53.98
N SER E 219 20.81 -9.55 -54.12
CA SER E 219 21.48 -9.75 -55.39
C SER E 219 23.00 -9.79 -55.21
N LEU E 220 23.62 -10.72 -55.92
CA LEU E 220 25.07 -10.89 -55.91
C LEU E 220 25.84 -9.57 -56.08
N VAL E 221 26.78 -9.33 -55.17
CA VAL E 221 27.64 -8.14 -55.20
C VAL E 221 29.02 -8.55 -54.70
N ALA E 222 30.07 -8.10 -55.36
CA ALA E 222 31.41 -8.63 -55.12
C ALA E 222 32.50 -7.57 -55.10
N SER E 223 33.54 -7.85 -54.32
CA SER E 223 34.65 -6.93 -54.16
C SER E 223 35.82 -7.68 -53.51
N PRO E 224 36.52 -8.51 -54.31
CA PRO E 224 37.60 -9.37 -53.79
C PRO E 224 38.81 -8.58 -53.28
N GLY E 225 39.49 -9.11 -52.26
CA GLY E 225 40.62 -8.44 -51.66
C GLY E 225 40.95 -9.01 -50.29
N HIS E 226 39.95 -9.04 -49.42
CA HIS E 226 40.10 -9.63 -48.10
C HIS E 226 40.41 -11.11 -48.26
N THR E 227 39.63 -11.77 -49.12
CA THR E 227 39.89 -13.13 -49.56
C THR E 227 39.69 -13.16 -51.07
N PRO E 228 40.17 -14.22 -51.73
CA PRO E 228 39.98 -14.35 -53.18
C PRO E 228 38.49 -14.42 -53.50
N GLY E 229 37.73 -15.05 -52.62
CA GLY E 229 36.30 -15.20 -52.79
C GLY E 229 35.53 -14.28 -51.87
N HIS E 230 36.07 -13.09 -51.63
CA HIS E 230 35.39 -12.12 -50.76
C HIS E 230 34.35 -11.33 -51.53
N THR E 231 33.11 -11.47 -51.11
CA THR E 231 31.99 -10.80 -51.74
C THR E 231 31.23 -10.01 -50.69
N SER E 232 30.27 -9.21 -51.15
CA SER E 232 29.39 -8.47 -50.26
C SER E 232 27.96 -8.79 -50.67
N TYR E 233 26.99 -8.17 -50.00
CA TYR E 233 25.59 -8.40 -50.36
C TYR E 233 24.77 -7.13 -50.17
N LEU E 234 23.84 -6.90 -51.10
CA LEU E 234 23.05 -5.68 -51.15
C LEU E 234 21.59 -5.99 -50.85
N PHE E 235 20.88 -5.00 -50.31
CA PHE E 235 19.47 -5.12 -50.00
C PHE E 235 18.74 -3.85 -50.41
N LYS E 236 17.59 -4.00 -51.04
CA LYS E 236 16.83 -2.86 -51.56
C LYS E 236 15.33 -3.02 -51.30
N SER E 237 14.73 -2.02 -50.66
CA SER E 237 13.29 -2.01 -50.42
C SER E 237 12.78 -0.59 -50.20
N GLY E 238 11.69 -0.25 -50.87
CA GLY E 238 11.07 1.05 -50.72
C GLY E 238 11.93 2.20 -51.21
N GLY E 239 13.06 1.88 -51.85
CA GLY E 239 13.95 2.88 -52.40
C GLY E 239 15.23 3.06 -51.59
N GLN E 240 15.37 2.28 -50.53
CA GLN E 240 16.54 2.35 -49.67
C GLN E 240 17.59 1.34 -50.10
N SER E 241 18.76 1.40 -49.48
CA SER E 241 19.86 0.53 -49.89
C SER E 241 20.78 0.23 -48.71
N LEU E 242 20.87 -1.06 -48.37
CA LEU E 242 21.79 -1.53 -47.33
C LEU E 242 22.83 -2.46 -47.94
N LEU E 243 24.07 -2.35 -47.46
CA LEU E 243 25.14 -3.21 -47.92
C LEU E 243 25.78 -3.97 -46.78
N VAL E 244 25.66 -5.29 -46.80
CA VAL E 244 26.37 -6.14 -45.86
C VAL E 244 27.69 -6.47 -46.54
N TRP E 245 28.76 -5.88 -46.04
CA TRP E 245 29.97 -5.76 -46.84
C TRP E 245 31.14 -6.66 -46.38
N GLY E 246 31.03 -7.22 -45.18
CA GLY E 246 32.05 -8.12 -44.66
C GLY E 246 33.23 -7.40 -44.02
N ASP E 247 34.43 -7.95 -44.20
CA ASP E 247 35.64 -7.41 -43.60
C ASP E 247 36.39 -6.51 -44.57
N ILE E 248 35.65 -5.69 -45.30
CA ILE E 248 36.22 -4.62 -46.11
C ILE E 248 37.18 -3.83 -45.24
N LEU E 249 36.68 -3.42 -44.08
CA LEU E 249 37.49 -2.73 -43.09
C LEU E 249 37.58 -3.54 -41.81
N LEU E 250 38.44 -3.08 -40.92
CA LEU E 250 38.64 -3.70 -39.63
C LEU E 250 38.96 -2.66 -38.55
N ASN E 251 39.16 -1.42 -38.97
CA ASN E 251 39.41 -0.31 -38.06
C ASN E 251 38.71 0.93 -38.59
N HIS E 252 37.64 1.33 -37.92
CA HIS E 252 36.87 2.48 -38.34
C HIS E 252 37.67 3.75 -38.11
N ALA E 253 38.48 3.74 -37.05
CA ALA E 253 39.24 4.90 -36.64
C ALA E 253 40.40 5.23 -37.59
N VAL E 254 40.45 4.51 -38.72
CA VAL E 254 41.63 4.51 -39.57
C VAL E 254 41.31 4.41 -41.06
N GLN E 255 40.82 3.25 -41.47
CA GLN E 255 40.64 2.94 -42.89
C GLN E 255 39.54 3.76 -43.56
N PHE E 256 38.83 4.56 -42.77
CA PHE E 256 37.91 5.55 -43.33
C PHE E 256 38.67 6.84 -43.60
N ALA E 257 39.61 7.13 -42.71
CA ALA E 257 40.44 8.31 -42.82
C ALA E 257 41.54 8.06 -43.84
N LYS E 258 42.15 6.88 -43.73
CA LYS E 258 43.27 6.49 -44.57
C LYS E 258 43.04 5.06 -45.08
N PRO E 259 42.23 4.92 -46.13
CA PRO E 259 41.97 3.61 -46.73
C PRO E 259 43.25 2.98 -47.29
N GLU E 260 44.29 3.80 -47.47
CA GLU E 260 45.59 3.33 -47.95
C GLU E 260 46.14 2.22 -47.05
N VAL E 261 45.70 2.22 -45.80
CA VAL E 261 46.11 1.19 -44.85
C VAL E 261 45.50 -0.15 -45.24
N VAL E 262 46.20 -1.24 -44.90
CA VAL E 262 45.73 -2.58 -45.18
C VAL E 262 45.86 -3.44 -43.93
N PHE E 263 45.33 -4.66 -44.02
CA PHE E 263 45.44 -5.62 -42.94
C PHE E 263 46.39 -6.73 -43.35
N GLU E 264 47.27 -7.12 -42.44
CA GLU E 264 48.28 -8.14 -42.70
C GLU E 264 47.73 -9.56 -42.55
N PHE E 265 46.42 -9.70 -42.80
CA PHE E 265 45.77 -11.01 -42.84
C PHE E 265 44.87 -11.10 -44.09
N ASP E 266 44.80 -10.02 -44.85
CA ASP E 266 44.09 -10.02 -46.12
C ASP E 266 44.85 -10.95 -47.06
N VAL E 267 44.12 -11.68 -47.90
CA VAL E 267 44.75 -12.60 -48.83
C VAL E 267 45.62 -11.84 -49.82
N ASP E 268 45.30 -10.57 -50.01
CA ASP E 268 45.97 -9.73 -50.99
C ASP E 268 45.72 -8.27 -50.67
N SER E 269 46.72 -7.62 -50.09
CA SER E 269 46.59 -6.22 -49.69
C SER E 269 46.54 -5.28 -50.88
N ASP E 270 46.70 -5.83 -52.09
CA ASP E 270 46.58 -5.04 -53.31
C ASP E 270 45.11 -4.81 -53.63
N GLN E 271 44.36 -5.91 -53.68
CA GLN E 271 42.96 -5.86 -54.05
C GLN E 271 42.06 -5.59 -52.84
N ALA E 272 42.65 -5.55 -51.65
CA ALA E 272 41.91 -5.25 -50.43
C ALA E 272 41.94 -3.75 -50.15
N ARG E 273 42.94 -3.08 -50.72
CA ARG E 273 43.06 -1.63 -50.66
C ARG E 273 42.42 -1.03 -51.91
N GLN E 274 42.33 -1.83 -52.96
CA GLN E 274 41.76 -1.40 -54.23
C GLN E 274 40.24 -1.50 -54.21
N SER E 275 39.75 -2.61 -53.65
CA SER E 275 38.32 -2.89 -53.61
C SER E 275 37.63 -2.10 -52.51
N ARG E 276 38.43 -1.63 -51.55
CA ARG E 276 37.92 -0.81 -50.47
C ARG E 276 37.44 0.54 -51.00
N GLN E 277 38.38 1.31 -51.54
CA GLN E 277 38.13 2.68 -51.97
C GLN E 277 37.18 2.74 -53.17
N ARG E 278 36.85 1.59 -53.73
CA ARG E 278 35.91 1.52 -54.84
C ARG E 278 34.49 1.76 -54.35
N ILE E 279 34.07 0.98 -53.36
CA ILE E 279 32.70 1.02 -52.87
C ILE E 279 32.58 1.96 -51.67
N LEU E 280 33.67 2.14 -50.93
CA LEU E 280 33.69 3.10 -49.83
C LEU E 280 33.22 4.47 -50.32
N ALA E 281 33.61 4.81 -51.54
CA ALA E 281 33.20 6.07 -52.17
C ALA E 281 31.82 5.92 -52.81
N GLU E 282 31.57 4.77 -53.40
CA GLU E 282 30.31 4.49 -54.06
C GLU E 282 29.14 4.70 -53.10
N ALA E 283 29.27 4.16 -51.90
CA ALA E 283 28.23 4.24 -50.88
C ALA E 283 28.11 5.67 -50.34
N ALA E 284 29.27 6.32 -50.17
CA ALA E 284 29.31 7.70 -49.68
C ALA E 284 28.73 8.64 -50.72
N THR E 285 28.83 8.24 -51.98
CA THR E 285 28.27 9.01 -53.09
C THR E 285 26.80 8.65 -53.31
N ASP E 286 26.44 7.40 -53.00
CA ASP E 286 25.05 6.94 -53.17
C ASP E 286 24.22 7.03 -51.88
N LYS E 287 24.86 7.38 -50.76
CA LYS E 287 24.16 7.56 -49.49
C LYS E 287 23.39 6.31 -49.07
N LEU E 288 24.10 5.20 -48.95
CA LEU E 288 23.46 3.92 -48.63
C LEU E 288 23.88 3.42 -47.26
N TRP E 289 23.11 2.46 -46.74
CA TRP E 289 23.36 1.89 -45.42
C TRP E 289 24.45 0.82 -45.49
N VAL E 290 25.15 0.65 -44.39
CA VAL E 290 26.26 -0.29 -44.31
C VAL E 290 26.16 -1.13 -43.05
N ALA E 291 26.14 -2.44 -43.24
CA ALA E 291 26.15 -3.41 -42.16
C ALA E 291 27.53 -4.07 -42.07
N GLY E 292 28.52 -3.31 -41.63
CA GLY E 292 29.89 -3.82 -41.56
C GLY E 292 30.08 -4.83 -40.44
N ALA E 293 30.39 -6.07 -40.82
CA ALA E 293 30.52 -7.17 -39.86
C ALA E 293 31.56 -6.92 -38.77
N HIS E 294 32.50 -6.00 -39.01
CA HIS E 294 33.55 -5.70 -38.05
C HIS E 294 33.52 -4.26 -37.54
N LEU E 295 32.49 -3.51 -37.93
CA LEU E 295 32.31 -2.17 -37.41
C LEU E 295 31.70 -2.23 -36.01
N PRO E 296 31.86 -1.17 -35.22
CA PRO E 296 31.31 -1.15 -33.85
C PRO E 296 29.83 -1.50 -33.86
N PHE E 297 29.45 -2.47 -33.05
CA PHE E 297 28.07 -2.98 -33.07
C PHE E 297 27.08 -1.83 -32.79
N PRO E 298 25.94 -1.78 -33.52
CA PRO E 298 25.43 -2.73 -34.51
C PRO E 298 26.14 -2.68 -35.86
N GLY E 299 27.23 -1.92 -35.95
CA GLY E 299 27.92 -1.71 -37.20
C GLY E 299 26.96 -1.30 -38.30
N LEU E 300 26.06 -0.36 -37.96
CA LEU E 300 25.08 0.15 -38.90
C LEU E 300 25.14 1.67 -39.03
N GLY E 301 25.02 2.17 -40.25
CA GLY E 301 25.10 3.59 -40.51
C GLY E 301 25.37 3.95 -41.96
N HIS E 302 26.16 5.01 -42.14
CA HIS E 302 26.44 5.57 -43.45
C HIS E 302 27.90 5.97 -43.53
N VAL E 303 28.43 6.03 -44.75
CA VAL E 303 29.78 6.55 -44.97
C VAL E 303 29.66 7.91 -45.64
N ARG E 304 30.51 8.85 -45.24
CA ARG E 304 30.43 10.22 -45.75
C ARG E 304 31.78 10.68 -46.29
N LYS E 305 31.71 11.40 -47.41
CA LYS E 305 32.89 11.93 -48.08
C LYS E 305 33.47 13.09 -47.29
N GLU E 306 34.61 12.86 -46.66
CA GLU E 306 35.39 13.91 -46.03
C GLU E 306 36.25 14.56 -47.10
N ALA E 307 36.93 15.65 -46.74
CA ALA E 307 37.84 16.30 -47.66
C ALA E 307 38.98 15.35 -47.97
N GLN E 308 39.77 15.03 -46.94
CA GLN E 308 40.86 14.08 -47.04
C GLN E 308 40.44 12.75 -46.46
N GLY E 309 39.83 11.91 -47.29
CA GLY E 309 39.36 10.61 -46.87
C GLY E 309 37.85 10.57 -46.72
N TYR E 310 37.38 9.82 -45.73
CA TYR E 310 35.96 9.59 -45.52
C TYR E 310 35.69 9.46 -44.04
N ALA E 311 34.41 9.33 -43.67
CA ALA E 311 34.08 9.11 -42.26
C ALA E 311 32.85 8.22 -42.08
N TRP E 312 32.78 7.59 -40.92
CA TRP E 312 31.71 6.66 -40.58
C TRP E 312 30.67 7.33 -39.68
N VAL E 313 29.41 7.26 -40.12
CA VAL E 313 28.28 7.89 -39.44
C VAL E 313 27.32 6.80 -38.95
N PRO E 314 27.44 6.41 -37.67
CA PRO E 314 26.57 5.35 -37.17
C PRO E 314 25.10 5.76 -37.15
N VAL E 315 24.22 4.77 -37.20
CA VAL E 315 22.79 4.99 -37.06
C VAL E 315 22.49 5.48 -35.64
N GLU E 316 21.41 6.23 -35.48
CA GLU E 316 20.99 6.66 -34.16
C GLU E 316 19.97 5.71 -33.58
N PHE E 317 20.19 5.29 -32.33
CA PHE E 317 19.30 4.35 -31.67
C PHE E 317 17.85 4.82 -31.74
N SER E 318 16.97 3.94 -32.21
CA SER E 318 15.57 4.27 -32.40
C SER E 318 14.72 3.00 -32.38
N PRO E 319 13.48 3.10 -31.87
CA PRO E 319 12.57 1.98 -32.05
C PRO E 319 12.07 1.94 -33.50
N ILE E 320 11.28 0.92 -33.83
CA ILE E 320 10.65 0.84 -35.13
C ILE E 320 9.30 1.56 -35.09
N ARG E 321 9.17 2.62 -35.88
CA ARG E 321 7.99 3.49 -35.85
C ARG E 321 6.92 3.05 -36.85
N SER E 322 5.66 3.24 -36.47
CA SER E 322 4.53 2.89 -37.32
C SER E 322 4.35 3.90 -38.45
N ASP E 323 5.05 5.02 -38.35
CA ASP E 323 4.98 6.06 -39.38
C ASP E 323 5.80 5.65 -40.61
C1 GOL F . -21.28 23.91 26.60
O1 GOL F . -22.63 23.87 27.02
C2 GOL F . -20.39 23.03 27.49
O2 GOL F . -20.62 23.37 28.84
C3 GOL F . -18.91 23.18 27.13
O3 GOL F . -18.54 24.55 27.09
H11 GOL F . -20.92 24.94 26.64
H12 GOL F . -21.21 23.57 25.56
HO1 GOL F . -23.16 24.49 26.48
H2 GOL F . -20.67 22.00 27.33
HO2 GOL F . -20.09 22.79 29.42
H31 GOL F . -18.73 22.73 26.16
H32 GOL F . -18.30 22.66 27.87
HO3 GOL F . -18.06 24.78 27.92
C1 GOL G . -28.06 9.19 22.18
O1 GOL G . -29.05 9.73 21.32
C2 GOL G . -26.93 8.46 21.46
O2 GOL G . -26.73 7.22 22.16
C3 GOL G . -27.23 8.26 19.98
O3 GOL G . -26.18 7.58 19.29
H11 GOL G . -27.63 9.98 22.78
H12 GOL G . -28.55 8.49 22.86
HO1 GOL G . -29.51 10.45 21.78
H2 GOL G . -26.03 9.07 21.56
HO2 GOL G . -26.74 7.37 23.12
H31 GOL G . -27.40 9.23 19.52
H32 GOL G . -28.14 7.69 19.87
HO3 GOL G . -25.87 6.83 19.83
C1 EDO H . -31.03 5.20 40.44
O1 EDO H . -31.68 6.15 41.29
C2 EDO H . -31.99 4.56 39.46
O2 EDO H . -31.27 4.07 38.34
H11 EDO H . -30.57 4.42 41.06
H12 EDO H . -30.23 5.69 39.89
HO1 EDO H . -31.03 6.53 41.90
H21 EDO H . -32.73 5.30 39.13
H22 EDO H . -32.53 3.75 39.94
HO2 EDO H . -31.88 3.67 37.70
C1 PGE I . -25.33 -4.31 25.06
C1 PGE I . -26.00 -4.17 24.85
O1 PGE I . -26.44 -5.20 25.04
O1 PGE I . -26.74 -3.02 25.23
C2 PGE I . -25.25 -3.59 23.73
C2 PGE I . -24.75 -3.74 24.12
O2 PGE I . -24.64 -2.34 23.92
O2 PGE I . -24.61 -2.33 24.22
C3 PGE I . -24.96 -1.41 22.90
C3 PGE I . -24.81 -1.61 23.02
C4 PGE I . -26.13 -0.54 23.30
C4 PGE I . -25.68 -0.39 23.30
O4 PGE I . -26.78 3.37 25.87
O4 PGE I . -26.99 3.21 25.22
C6 PGE I . -26.47 2.80 24.61
C6 PGE I . -26.79 1.92 24.68
C5 PGE I . -26.46 1.29 24.74
C5 PGE I . -25.43 1.86 23.99
O3 PGE I . -25.67 0.73 23.71
O3 PGE I . -24.94 0.54 24.07
H1 PGE I . -24.39 -4.84 25.23
H1 PGE I . -26.57 -4.84 24.19
H12 PGE I . -25.44 -3.55 25.85
H12 PGE I . -25.70 -4.77 25.74
HO1 PGE I . -27.23 -4.69 25.27
HO1 PGE I . -27.65 -3.30 25.40
H2 PGE I . -24.67 -4.20 23.03
H2 PGE I . -23.88 -4.25 24.56
H22 PGE I . -26.27 -3.49 23.31
H22 PGE I . -24.82 -4.06 23.07
H3 PGE I . -24.10 -0.76 22.68
H3 PGE I . -23.85 -1.28 22.60
H32 PGE I . -25.21 -1.94 21.97
H32 PGE I . -25.32 -2.23 22.27
H4 PGE I . -26.83 -0.45 22.45
H4 PGE I . -25.99 0.05 22.35
H42 PGE I . -26.68 -1.05 24.12
H42 PGE I . -26.58 -0.71 23.85
HO4 PGE I . -25.99 3.35 26.41
HO4 PGE I . -26.35 3.35 25.93
H6 PGE I . -25.46 3.12 24.27
H6 PGE I . -27.56 1.66 23.93
H62 PGE I . -27.19 3.09 23.83
H62 PGE I . -26.80 1.15 25.47
H5 PGE I . -27.50 0.93 24.67
H5 PGE I . -24.75 2.57 24.47
H52 PGE I . -26.08 1.01 25.73
H52 PGE I . -25.56 2.17 22.94
ZN ZN J . -29.86 8.99 27.15
ZN ZN K . -30.53 11.90 26.12
C1 EDO L . -24.49 13.35 13.71
O1 EDO L . -25.01 14.37 14.58
C2 EDO L . -23.13 12.92 14.23
O2 EDO L . -22.69 13.88 15.19
H11 EDO L . -25.17 12.50 13.70
H12 EDO L . -24.41 13.74 12.70
HO1 EDO L . -25.88 14.66 14.27
H21 EDO L . -23.19 11.94 14.68
H22 EDO L . -22.41 12.89 13.40
HO2 EDO L . -21.83 13.62 15.53
C1 GOL M . -23.76 6.99 17.75
C1 GOL M . -21.65 8.34 17.08
O1 GOL M . -23.56 5.94 18.67
O1 GOL M . -22.79 9.18 17.05
C2 GOL M . -22.52 7.89 17.71
C2 GOL M . -22.01 7.08 17.85
O2 GOL M . -22.63 8.79 16.64
O2 GOL M . -23.37 7.15 18.21
C3 GOL M . -21.27 7.04 17.55
C3 GOL M . -21.72 5.81 17.07
O3 GOL M . -21.52 6.00 16.64
O3 GOL M . -20.47 5.26 17.43
H11 GOL M . -23.94 6.59 16.76
H11 GOL M . -21.35 8.08 16.07
H12 GOL M . -24.62 7.58 18.04
H12 GOL M . -20.81 8.85 17.57
HO1 GOL M . -24.39 5.41 18.73
HO1 GOL M . -22.55 10.03 16.61
H2 GOL M . -22.45 8.43 18.65
H2 GOL M . -21.40 7.06 18.76
HO2 GOL M . -21.84 9.37 16.62
HO2 GOL M . -23.91 7.14 17.39
H31 GOL M . -20.44 7.65 17.19
H31 GOL M . -22.52 5.08 17.26
H32 GOL M . -20.99 6.61 18.51
H32 GOL M . -21.72 6.03 16.00
HO3 GOL M . -21.01 5.20 16.88
HO3 GOL M . -20.11 4.74 16.68
C1 GOL N . -18.72 10.67 35.33
C1 GOL N . -18.33 10.71 35.64
O1 GOL N . -18.04 9.43 35.39
O1 GOL N . -18.10 9.78 36.68
C2 GOL N . -18.07 11.60 34.31
C2 GOL N . -17.12 11.62 35.42
O2 GOL N . -18.90 11.72 33.17
O2 GOL N . -16.57 11.40 34.14
C3 GOL N . -17.84 12.96 34.94
C3 GOL N . -17.54 13.08 35.59
O3 GOL N . -16.93 12.87 36.02
O3 GOL N . -17.65 13.43 36.95
H11 GOL N . -18.72 11.14 36.30
H11 GOL N . -19.20 11.32 35.89
H12 GOL N . -19.76 10.49 35.04
H12 GOL N . -18.55 10.17 34.71
HO1 GOL N . -18.44 8.88 36.09
HO1 GOL N . -18.91 9.26 36.84
H2 GOL N . -17.11 11.17 34.03
H2 GOL N . -16.38 11.39 36.19
HO2 GOL N . -19.76 12.11 33.43
HO2 GOL N . -17.23 11.62 33.46
H31 GOL N . -18.79 13.36 35.30
H31 GOL N . -18.48 13.25 35.09
H32 GOL N . -17.45 13.66 34.20
H32 GOL N . -16.79 13.73 35.12
HO3 GOL N . -17.27 13.40 36.77
HO3 GOL N . -17.42 14.36 37.07
C1 GOL O . -11.84 6.32 32.02
O1 GOL O . -11.10 5.67 33.03
C2 GOL O . -11.40 5.83 30.64
O2 GOL O . -10.16 6.42 30.32
C3 GOL O . -11.26 4.30 30.57
O3 GOL O . -10.69 3.95 29.33
H11 GOL O . -11.69 7.40 32.09
H12 GOL O . -12.90 6.11 32.15
HO1 GOL O . -11.35 6.05 33.90
H2 GOL O . -12.15 6.13 29.91
HO2 GOL O . -9.48 6.12 30.95
H31 GOL O . -12.24 3.84 30.68
H32 GOL O . -10.62 3.95 31.39
HO3 GOL O . -11.40 3.87 28.66
C1 EDO P . -8.61 -6.83 12.48
O1 EDO P . -9.35 -7.28 11.35
C2 EDO P . -7.15 -7.19 12.33
O2 EDO P . -6.38 -6.59 13.36
H11 EDO P . -9.01 -7.29 13.39
H12 EDO P . -8.70 -5.74 12.57
HO1 EDO P . -10.27 -7.04 11.46
H21 EDO P . -6.78 -6.85 11.35
H22 EDO P . -7.03 -8.27 12.38
HO2 EDO P . -5.44 -6.84 13.25
ZN ZN Q . -16.28 6.06 16.35
ZN ZN R . -17.29 8.80 15.09
C1 GOL S . 4.73 -26.94 26.93
O1 GOL S . 3.60 -26.73 26.13
C2 GOL S . 4.86 -28.45 27.18
O2 GOL S . 3.65 -28.91 27.72
C3 GOL S . 6.07 -28.80 28.03
O3 GOL S . 6.06 -28.12 29.27
H11 GOL S . 4.62 -26.42 27.88
H12 GOL S . 5.63 -26.57 26.44
HO1 GOL S . 3.47 -25.77 26.01
H2 GOL S . 5.00 -28.92 26.20
HO2 GOL S . 3.68 -29.88 27.83
H31 GOL S . 6.98 -28.54 27.49
H32 GOL S . 6.08 -29.88 28.21
HO3 GOL S . 6.78 -28.47 29.84
C1 GOL T . 3.44 -39.80 21.77
O1 GOL T . 3.15 -39.99 20.40
C2 GOL T . 2.40 -40.51 22.62
O2 GOL T . 2.01 -41.72 22.00
C3 GOL T . 3.01 -40.80 23.98
O3 GOL T . 3.67 -39.65 24.45
H11 GOL T . 3.44 -38.73 22.00
H12 GOL T . 4.43 -40.19 21.99
HO1 GOL T . 3.77 -39.47 19.86
H2 GOL T . 1.54 -39.85 22.75
HO2 GOL T . 2.78 -42.30 21.90
H31 GOL T . 3.71 -41.62 23.92
H32 GOL T . 2.23 -41.08 24.68
HO3 GOL T . 4.05 -39.82 25.34
C1 EDO U . -8.09 -16.82 1.06
O1 EDO U . -8.65 -15.71 0.35
C2 EDO U . -8.11 -16.57 2.57
O2 EDO U . -9.42 -16.81 3.09
H11 EDO U . -7.06 -16.97 0.74
H12 EDO U . -8.66 -17.72 0.83
HO1 EDO U . -8.62 -15.89 -0.60
H21 EDO U . -7.82 -15.53 2.78
H22 EDO U . -7.39 -17.23 3.06
HO2 EDO U . -9.41 -16.65 4.05
ZN ZN V . 1.41 -32.34 11.11
ZN ZN W . 1.29 -29.55 12.59
C1 GOL X . 6.91 6.79 -14.46
O1 GOL X . 6.54 5.42 -14.51
C2 GOL X . 8.36 6.95 -14.92
O2 GOL X . 9.20 6.88 -13.78
C3 GOL X . 8.77 5.89 -15.94
O3 GOL X . 10.11 6.10 -16.35
H11 GOL X . 6.80 7.15 -13.43
H12 GOL X . 6.26 7.37 -15.10
HO1 GOL X . 5.62 5.32 -14.16
H2 GOL X . 8.46 7.93 -15.38
HO2 GOL X . 9.13 5.99 -13.38
H31 GOL X . 8.10 5.94 -16.80
H32 GOL X . 8.67 4.90 -15.50
HO3 GOL X . 10.17 6.99 -16.77
ZN ZN Y . 15.79 20.78 -20.54
ZN ZN Z . 15.80 17.83 -21.64
ZN ZN AA . 37.36 -12.19 -42.77
ZN ZN BA . 35.61 -11.49 -40.27
#